data_3RJP
# 
_entry.id   3RJP 
# 
_audit_conform.dict_name       mmcif_pdbx.dic 
_audit_conform.dict_version    5.387 
_audit_conform.dict_location   http://mmcif.pdb.org/dictionaries/ascii/mmcif_pdbx.dic 
# 
loop_
_database_2.database_id 
_database_2.database_code 
_database_2.pdbx_database_accession 
_database_2.pdbx_DOI 
PDB   3RJP         pdb_00003rjp 10.2210/pdb3rjp/pdb 
RCSB  RCSB065015   ?            ?                   
WWPDB D_1000065015 ?            ?                   
# 
loop_
_pdbx_audit_revision_history.ordinal 
_pdbx_audit_revision_history.data_content_type 
_pdbx_audit_revision_history.major_revision 
_pdbx_audit_revision_history.minor_revision 
_pdbx_audit_revision_history.revision_date 
1 'Structure model' 1 0 2012-04-25 
2 'Structure model' 1 1 2024-02-28 
# 
_pdbx_audit_revision_details.ordinal             1 
_pdbx_audit_revision_details.revision_ordinal    1 
_pdbx_audit_revision_details.data_content_type   'Structure model' 
_pdbx_audit_revision_details.provider            repository 
_pdbx_audit_revision_details.type                'Initial release' 
_pdbx_audit_revision_details.description         ? 
_pdbx_audit_revision_details.details             ? 
# 
loop_
_pdbx_audit_revision_group.ordinal 
_pdbx_audit_revision_group.revision_ordinal 
_pdbx_audit_revision_group.data_content_type 
_pdbx_audit_revision_group.group 
1 2 'Structure model' 'Data collection'     
2 2 'Structure model' 'Database references' 
# 
loop_
_pdbx_audit_revision_category.ordinal 
_pdbx_audit_revision_category.revision_ordinal 
_pdbx_audit_revision_category.data_content_type 
_pdbx_audit_revision_category.category 
1 2 'Structure model' chem_comp_atom     
2 2 'Structure model' chem_comp_bond     
3 2 'Structure model' database_2         
4 2 'Structure model' struct_ref_seq_dif 
# 
loop_
_pdbx_audit_revision_item.ordinal 
_pdbx_audit_revision_item.revision_ordinal 
_pdbx_audit_revision_item.data_content_type 
_pdbx_audit_revision_item.item 
1 2 'Structure model' '_database_2.pdbx_DOI'                
2 2 'Structure model' '_database_2.pdbx_database_accession' 
3 2 'Structure model' '_struct_ref_seq_dif.details'         
# 
_pdbx_database_status.status_code                     REL 
_pdbx_database_status.entry_id                        3RJP 
_pdbx_database_status.recvd_initial_deposition_date   2011-04-15 
_pdbx_database_status.deposit_site                    RCSB 
_pdbx_database_status.process_site                    RCSB 
_pdbx_database_status.status_code_sf                  REL 
_pdbx_database_status.status_code_mr                  ? 
_pdbx_database_status.SG_entry                        ? 
_pdbx_database_status.status_code_cs                  ? 
_pdbx_database_status.methods_development_category    ? 
_pdbx_database_status.pdb_format_compatible           Y 
_pdbx_database_status.status_code_nmr_data            ? 
# 
loop_
_pdbx_database_related.db_name 
_pdbx_database_related.db_id 
_pdbx_database_related.details 
_pdbx_database_related.content_type 
PDB 1GXP 'PhoB effector domain in complex with pho Box DNA'                                               unspecified 
PDB 1GXQ 'Crystal Structure of the PHoB Effector Domain'                                                  unspecified 
PDB 1ODD 'OmpR C-terminal Domain (OMPR-C) from Escherichia coli'                                          unspecified 
PDB 1OPC 'OMPR DNA Binding Domain, Escherichia coli'                                                      unspecified 
PDB 1P2F 'Crystal structure analysis of Response Regulator DrrB, a Thermotoga maritima OmpR/PhoB Homolog' unspecified 
PDB 2JPB 'Solution structure of OmpR-C DNA binding protein'                                               unspecified 
# 
loop_
_audit_author.name 
_audit_author.pdbx_ordinal 
'Horstmann, N.M.' 1 
'Brennan, R.G.'   2 
'Shelburne, S.A.' 3 
# 
_citation.id                        primary 
_citation.title                     'Crystal structure of the DNA binding domain of CovR from Streptococcus pyogenes' 
_citation.journal_abbrev            'To be Published' 
_citation.journal_volume            ? 
_citation.page_first                ? 
_citation.page_last                 ? 
_citation.year                      ? 
_citation.journal_id_ASTM           ? 
_citation.country                   ? 
_citation.journal_id_ISSN           ? 
_citation.journal_id_CSD            0353 
_citation.book_publisher            ? 
_citation.pdbx_database_id_PubMed   ? 
_citation.pdbx_database_id_DOI      ? 
# 
loop_
_citation_author.citation_id 
_citation_author.name 
_citation_author.ordinal 
_citation_author.identifier_ORCID 
primary 'Horstmann, N.'   1 ? 
primary 'Kumaraswami, M.' 2 ? 
primary 'Musser, J.M.'    3 ? 
primary 'Brennan, R.G.'   4 ? 
primary 'Shelburne, S.A.' 5 ? 
# 
loop_
_entity.id 
_entity.type 
_entity.src_method 
_entity.pdbx_description 
_entity.formula_weight 
_entity.pdbx_number_of_molecules 
_entity.pdbx_ec 
_entity.pdbx_mutation 
_entity.pdbx_fragment 
_entity.details 
1 polymer man CovR  11434.095 1   ? ? ? ? 
2 water   nat water 18.015    107 ? ? ? ? 
# 
_entity_name_com.entity_id   1 
_entity_name_com.name        'CsrR, Response regulator, Two-component response regulator mutated protein M3-2' 
# 
_entity_poly.entity_id                      1 
_entity_poly.type                           'polypeptide(L)' 
_entity_poly.nstd_linkage                   no 
_entity_poly.nstd_monomer                   no 
_entity_poly.pdbx_seq_one_letter_code       
;MYRDLVLNPQNRSVNRGDDEISLTKREYDLLNILMTNMNRVMTREELLSNVWKYDEAVETNVVDVYIRYLRGKIDIPGKE
SYIQTVRGMGYVIREK
;
_entity_poly.pdbx_seq_one_letter_code_can   
;MYRDLVLNPQNRSVNRGDDEISLTKREYDLLNILMTNMNRVMTREELLSNVWKYDEAVETNVVDVYIRYLRGKIDIPGKE
SYIQTVRGMGYVIREK
;
_entity_poly.pdbx_strand_id                 A 
_entity_poly.pdbx_target_identifier         ? 
# 
_pdbx_entity_nonpoly.entity_id   2 
_pdbx_entity_nonpoly.name        water 
_pdbx_entity_nonpoly.comp_id     HOH 
# 
loop_
_entity_poly_seq.entity_id 
_entity_poly_seq.num 
_entity_poly_seq.mon_id 
_entity_poly_seq.hetero 
1 1  MET n 
1 2  TYR n 
1 3  ARG n 
1 4  ASP n 
1 5  LEU n 
1 6  VAL n 
1 7  LEU n 
1 8  ASN n 
1 9  PRO n 
1 10 GLN n 
1 11 ASN n 
1 12 ARG n 
1 13 SER n 
1 14 VAL n 
1 15 ASN n 
1 16 ARG n 
1 17 GLY n 
1 18 ASP n 
1 19 ASP n 
1 20 GLU n 
1 21 ILE n 
1 22 SER n 
1 23 LEU n 
1 24 THR n 
1 25 LYS n 
1 26 ARG n 
1 27 GLU n 
1 28 TYR n 
1 29 ASP n 
1 30 LEU n 
1 31 LEU n 
1 32 ASN n 
1 33 ILE n 
1 34 LEU n 
1 35 MET n 
1 36 THR n 
1 37 ASN n 
1 38 MET n 
1 39 ASN n 
1 40 ARG n 
1 41 VAL n 
1 42 MET n 
1 43 THR n 
1 44 ARG n 
1 45 GLU n 
1 46 GLU n 
1 47 LEU n 
1 48 LEU n 
1 49 SER n 
1 50 ASN n 
1 51 VAL n 
1 52 TRP n 
1 53 LYS n 
1 54 TYR n 
1 55 ASP n 
1 56 GLU n 
1 57 ALA n 
1 58 VAL n 
1 59 GLU n 
1 60 THR n 
1 61 ASN n 
1 62 VAL n 
1 63 VAL n 
1 64 ASP n 
1 65 VAL n 
1 66 TYR n 
1 67 ILE n 
1 68 ARG n 
1 69 TYR n 
1 70 LEU n 
1 71 ARG n 
1 72 GLY n 
1 73 LYS n 
1 74 ILE n 
1 75 ASP n 
1 76 ILE n 
1 77 PRO n 
1 78 GLY n 
1 79 LYS n 
1 80 GLU n 
1 81 SER n 
1 82 TYR n 
1 83 ILE n 
1 84 GLN n 
1 85 THR n 
1 86 VAL n 
1 87 ARG n 
1 88 GLY n 
1 89 MET n 
1 90 GLY n 
1 91 TYR n 
1 92 VAL n 
1 93 ILE n 
1 94 ARG n 
1 95 GLU n 
1 96 LYS n 
# 
_entity_src_gen.entity_id                          1 
_entity_src_gen.pdbx_src_id                        1 
_entity_src_gen.pdbx_alt_source_flag               sample 
_entity_src_gen.pdbx_seq_type                      ? 
_entity_src_gen.pdbx_beg_seq_num                   ? 
_entity_src_gen.pdbx_end_seq_num                   ? 
_entity_src_gen.gene_src_common_name               ? 
_entity_src_gen.gene_src_genus                     ? 
_entity_src_gen.pdbx_gene_src_gene                 'covR, csrR' 
_entity_src_gen.gene_src_species                   ? 
_entity_src_gen.gene_src_strain                    ? 
_entity_src_gen.gene_src_tissue                    ? 
_entity_src_gen.gene_src_tissue_fraction           ? 
_entity_src_gen.gene_src_details                   ? 
_entity_src_gen.pdbx_gene_src_fragment             ? 
_entity_src_gen.pdbx_gene_src_scientific_name      'Streptococcus pyogenes' 
_entity_src_gen.pdbx_gene_src_ncbi_taxonomy_id     1314 
_entity_src_gen.pdbx_gene_src_variant              ? 
_entity_src_gen.pdbx_gene_src_cell_line            ? 
_entity_src_gen.pdbx_gene_src_atcc                 ? 
_entity_src_gen.pdbx_gene_src_organ                ? 
_entity_src_gen.pdbx_gene_src_organelle            ? 
_entity_src_gen.pdbx_gene_src_cell                 ? 
_entity_src_gen.pdbx_gene_src_cellular_location    ? 
_entity_src_gen.host_org_common_name               ? 
_entity_src_gen.pdbx_host_org_scientific_name      'Escherichia coli' 
_entity_src_gen.pdbx_host_org_ncbi_taxonomy_id     511693 
_entity_src_gen.host_org_genus                     ? 
_entity_src_gen.pdbx_host_org_gene                 ? 
_entity_src_gen.pdbx_host_org_organ                ? 
_entity_src_gen.host_org_species                   ? 
_entity_src_gen.pdbx_host_org_tissue               ? 
_entity_src_gen.pdbx_host_org_tissue_fraction      ? 
_entity_src_gen.pdbx_host_org_strain               BL21 
_entity_src_gen.pdbx_host_org_variant              ? 
_entity_src_gen.pdbx_host_org_cell_line            ? 
_entity_src_gen.pdbx_host_org_atcc                 ? 
_entity_src_gen.pdbx_host_org_culture_collection   ? 
_entity_src_gen.pdbx_host_org_cell                 ? 
_entity_src_gen.pdbx_host_org_organelle            ? 
_entity_src_gen.pdbx_host_org_cellular_location    ? 
_entity_src_gen.pdbx_host_org_vector_type          plasmid 
_entity_src_gen.pdbx_host_org_vector               ? 
_entity_src_gen.host_org_details                   ? 
_entity_src_gen.expression_system_id               ? 
_entity_src_gen.plasmid_name                       pTYB1 
_entity_src_gen.plasmid_details                    ? 
_entity_src_gen.pdbx_description                   ? 
# 
loop_
_chem_comp.id 
_chem_comp.type 
_chem_comp.mon_nstd_flag 
_chem_comp.name 
_chem_comp.pdbx_synonyms 
_chem_comp.formula 
_chem_comp.formula_weight 
ALA 'L-peptide linking' y ALANINE         ? 'C3 H7 N O2'     89.093  
ARG 'L-peptide linking' y ARGININE        ? 'C6 H15 N4 O2 1' 175.209 
ASN 'L-peptide linking' y ASPARAGINE      ? 'C4 H8 N2 O3'    132.118 
ASP 'L-peptide linking' y 'ASPARTIC ACID' ? 'C4 H7 N O4'     133.103 
GLN 'L-peptide linking' y GLUTAMINE       ? 'C5 H10 N2 O3'   146.144 
GLU 'L-peptide linking' y 'GLUTAMIC ACID' ? 'C5 H9 N O4'     147.129 
GLY 'peptide linking'   y GLYCINE         ? 'C2 H5 N O2'     75.067  
HOH non-polymer         . WATER           ? 'H2 O'           18.015  
ILE 'L-peptide linking' y ISOLEUCINE      ? 'C6 H13 N O2'    131.173 
LEU 'L-peptide linking' y LEUCINE         ? 'C6 H13 N O2'    131.173 
LYS 'L-peptide linking' y LYSINE          ? 'C6 H15 N2 O2 1' 147.195 
MET 'L-peptide linking' y METHIONINE      ? 'C5 H11 N O2 S'  149.211 
PRO 'L-peptide linking' y PROLINE         ? 'C5 H9 N O2'     115.130 
SER 'L-peptide linking' y SERINE          ? 'C3 H7 N O3'     105.093 
THR 'L-peptide linking' y THREONINE       ? 'C4 H9 N O3'     119.119 
TRP 'L-peptide linking' y TRYPTOPHAN      ? 'C11 H12 N2 O2'  204.225 
TYR 'L-peptide linking' y TYROSINE        ? 'C9 H11 N O3'    181.189 
VAL 'L-peptide linking' y VALINE          ? 'C5 H11 N O2'    117.146 
# 
loop_
_pdbx_poly_seq_scheme.asym_id 
_pdbx_poly_seq_scheme.entity_id 
_pdbx_poly_seq_scheme.seq_id 
_pdbx_poly_seq_scheme.mon_id 
_pdbx_poly_seq_scheme.ndb_seq_num 
_pdbx_poly_seq_scheme.pdb_seq_num 
_pdbx_poly_seq_scheme.auth_seq_num 
_pdbx_poly_seq_scheme.pdb_mon_id 
_pdbx_poly_seq_scheme.auth_mon_id 
_pdbx_poly_seq_scheme.pdb_strand_id 
_pdbx_poly_seq_scheme.pdb_ins_code 
_pdbx_poly_seq_scheme.hetero 
A 1 1  MET 1  133 133 MET MET A . n 
A 1 2  TYR 2  134 134 TYR TYR A . n 
A 1 3  ARG 3  135 135 ARG ARG A . n 
A 1 4  ASP 4  136 136 ASP ASP A . n 
A 1 5  LEU 5  137 137 LEU LEU A . n 
A 1 6  VAL 6  138 138 VAL VAL A . n 
A 1 7  LEU 7  139 139 LEU LEU A . n 
A 1 8  ASN 8  140 140 ASN ASN A . n 
A 1 9  PRO 9  141 141 PRO PRO A . n 
A 1 10 GLN 10 142 142 GLN GLN A . n 
A 1 11 ASN 11 143 143 ASN ASN A . n 
A 1 12 ARG 12 144 144 ARG ARG A . n 
A 1 13 SER 13 145 145 SER SER A . n 
A 1 14 VAL 14 146 146 VAL VAL A . n 
A 1 15 ASN 15 147 147 ASN ASN A . n 
A 1 16 ARG 16 148 148 ARG ARG A . n 
A 1 17 GLY 17 149 149 GLY GLY A . n 
A 1 18 ASP 18 150 150 ASP ASP A . n 
A 1 19 ASP 19 151 151 ASP ASP A . n 
A 1 20 GLU 20 152 152 GLU GLU A . n 
A 1 21 ILE 21 153 153 ILE ILE A . n 
A 1 22 SER 22 154 154 SER SER A . n 
A 1 23 LEU 23 155 155 LEU LEU A . n 
A 1 24 THR 24 156 156 THR THR A . n 
A 1 25 LYS 25 157 157 LYS LYS A . n 
A 1 26 ARG 26 158 158 ARG ARG A . n 
A 1 27 GLU 27 159 159 GLU GLU A . n 
A 1 28 TYR 28 160 160 TYR TYR A . n 
A 1 29 ASP 29 161 161 ASP ASP A . n 
A 1 30 LEU 30 162 162 LEU LEU A . n 
A 1 31 LEU 31 163 163 LEU LEU A . n 
A 1 32 ASN 32 164 164 ASN ASN A . n 
A 1 33 ILE 33 165 165 ILE ILE A . n 
A 1 34 LEU 34 166 166 LEU LEU A . n 
A 1 35 MET 35 167 167 MET MET A . n 
A 1 36 THR 36 168 168 THR THR A . n 
A 1 37 ASN 37 169 169 ASN ASN A . n 
A 1 38 MET 38 170 170 MET MET A . n 
A 1 39 ASN 39 171 171 ASN ASN A . n 
A 1 40 ARG 40 172 172 ARG ARG A . n 
A 1 41 VAL 41 173 173 VAL VAL A . n 
A 1 42 MET 42 174 174 MET MET A . n 
A 1 43 THR 43 175 175 THR THR A . n 
A 1 44 ARG 44 176 176 ARG ARG A . n 
A 1 45 GLU 45 177 177 GLU GLU A . n 
A 1 46 GLU 46 178 178 GLU GLU A . n 
A 1 47 LEU 47 179 179 LEU LEU A . n 
A 1 48 LEU 48 180 180 LEU LEU A . n 
A 1 49 SER 49 181 181 SER SER A . n 
A 1 50 ASN 50 182 182 ASN ASN A . n 
A 1 51 VAL 51 183 183 VAL VAL A . n 
A 1 52 TRP 52 184 184 TRP TRP A . n 
A 1 53 LYS 53 185 185 LYS LYS A . n 
A 1 54 TYR 54 186 186 TYR TYR A . n 
A 1 55 ASP 55 187 187 ASP ASP A . n 
A 1 56 GLU 56 188 188 GLU GLU A . n 
A 1 57 ALA 57 189 189 ALA ALA A . n 
A 1 58 VAL 58 190 190 VAL VAL A . n 
A 1 59 GLU 59 191 191 GLU GLU A . n 
A 1 60 THR 60 192 192 THR THR A . n 
A 1 61 ASN 61 193 193 ASN ASN A . n 
A 1 62 VAL 62 194 194 VAL VAL A . n 
A 1 63 VAL 63 195 195 VAL VAL A . n 
A 1 64 ASP 64 196 196 ASP ASP A . n 
A 1 65 VAL 65 197 197 VAL VAL A . n 
A 1 66 TYR 66 198 198 TYR TYR A . n 
A 1 67 ILE 67 199 199 ILE ILE A . n 
A 1 68 ARG 68 200 200 ARG ARG A . n 
A 1 69 TYR 69 201 201 TYR TYR A . n 
A 1 70 LEU 70 202 202 LEU LEU A . n 
A 1 71 ARG 71 203 203 ARG ARG A . n 
A 1 72 GLY 72 204 204 GLY GLY A . n 
A 1 73 LYS 73 205 205 LYS LYS A . n 
A 1 74 ILE 74 206 206 ILE ILE A . n 
A 1 75 ASP 75 207 207 ASP ASP A . n 
A 1 76 ILE 76 208 208 ILE ILE A . n 
A 1 77 PRO 77 209 209 PRO PRO A . n 
A 1 78 GLY 78 210 210 GLY GLY A . n 
A 1 79 LYS 79 211 211 LYS LYS A . n 
A 1 80 GLU 80 212 212 GLU GLU A . n 
A 1 81 SER 81 213 213 SER SER A . n 
A 1 82 TYR 82 214 214 TYR TYR A . n 
A 1 83 ILE 83 215 215 ILE ILE A . n 
A 1 84 GLN 84 216 216 GLN GLN A . n 
A 1 85 THR 85 217 217 THR THR A . n 
A 1 86 VAL 86 218 218 VAL VAL A . n 
A 1 87 ARG 87 219 219 ARG ARG A . n 
A 1 88 GLY 88 220 220 GLY GLY A . n 
A 1 89 MET 89 221 221 MET MET A . n 
A 1 90 GLY 90 222 222 GLY GLY A . n 
A 1 91 TYR 91 223 223 TYR TYR A . n 
A 1 92 VAL 92 224 224 VAL VAL A . n 
A 1 93 ILE 93 225 225 ILE ILE A . n 
A 1 94 ARG 94 226 226 ARG ARG A . n 
A 1 95 GLU 95 227 227 GLU GLU A . n 
A 1 96 LYS 96 228 228 LYS LYS A . n 
# 
loop_
_pdbx_nonpoly_scheme.asym_id 
_pdbx_nonpoly_scheme.entity_id 
_pdbx_nonpoly_scheme.mon_id 
_pdbx_nonpoly_scheme.ndb_seq_num 
_pdbx_nonpoly_scheme.pdb_seq_num 
_pdbx_nonpoly_scheme.auth_seq_num 
_pdbx_nonpoly_scheme.pdb_mon_id 
_pdbx_nonpoly_scheme.auth_mon_id 
_pdbx_nonpoly_scheme.pdb_strand_id 
_pdbx_nonpoly_scheme.pdb_ins_code 
B 2 HOH 1   1   1   HOH HOH A . 
B 2 HOH 2   2   2   HOH HOH A . 
B 2 HOH 3   3   3   HOH HOH A . 
B 2 HOH 4   4   4   HOH HOH A . 
B 2 HOH 5   5   5   HOH HOH A . 
B 2 HOH 6   6   6   HOH HOH A . 
B 2 HOH 7   7   7   HOH HOH A . 
B 2 HOH 8   8   8   HOH HOH A . 
B 2 HOH 9   9   9   HOH HOH A . 
B 2 HOH 10  10  10  HOH HOH A . 
B 2 HOH 11  11  11  HOH HOH A . 
B 2 HOH 12  12  12  HOH HOH A . 
B 2 HOH 13  13  13  HOH HOH A . 
B 2 HOH 14  14  14  HOH HOH A . 
B 2 HOH 15  15  15  HOH HOH A . 
B 2 HOH 16  16  16  HOH HOH A . 
B 2 HOH 17  17  17  HOH HOH A . 
B 2 HOH 18  18  18  HOH HOH A . 
B 2 HOH 19  19  19  HOH HOH A . 
B 2 HOH 20  20  20  HOH HOH A . 
B 2 HOH 21  21  21  HOH HOH A . 
B 2 HOH 22  22  22  HOH HOH A . 
B 2 HOH 23  23  23  HOH HOH A . 
B 2 HOH 24  24  24  HOH HOH A . 
B 2 HOH 25  25  25  HOH HOH A . 
B 2 HOH 26  26  26  HOH HOH A . 
B 2 HOH 27  27  27  HOH HOH A . 
B 2 HOH 28  28  28  HOH HOH A . 
B 2 HOH 29  29  29  HOH HOH A . 
B 2 HOH 30  30  30  HOH HOH A . 
B 2 HOH 31  31  31  HOH HOH A . 
B 2 HOH 32  32  32  HOH HOH A . 
B 2 HOH 33  33  33  HOH HOH A . 
B 2 HOH 34  34  34  HOH HOH A . 
B 2 HOH 35  35  35  HOH HOH A . 
B 2 HOH 36  36  36  HOH HOH A . 
B 2 HOH 37  37  37  HOH HOH A . 
B 2 HOH 38  38  38  HOH HOH A . 
B 2 HOH 39  39  39  HOH HOH A . 
B 2 HOH 40  40  40  HOH HOH A . 
B 2 HOH 41  41  41  HOH HOH A . 
B 2 HOH 42  42  42  HOH HOH A . 
B 2 HOH 43  43  43  HOH HOH A . 
B 2 HOH 44  44  44  HOH HOH A . 
B 2 HOH 45  45  45  HOH HOH A . 
B 2 HOH 46  46  46  HOH HOH A . 
B 2 HOH 47  47  47  HOH HOH A . 
B 2 HOH 48  48  48  HOH HOH A . 
B 2 HOH 49  49  49  HOH HOH A . 
B 2 HOH 50  50  50  HOH HOH A . 
B 2 HOH 51  51  51  HOH HOH A . 
B 2 HOH 52  52  52  HOH HOH A . 
B 2 HOH 53  53  53  HOH HOH A . 
B 2 HOH 54  54  54  HOH HOH A . 
B 2 HOH 55  55  55  HOH HOH A . 
B 2 HOH 56  56  56  HOH HOH A . 
B 2 HOH 57  57  57  HOH HOH A . 
B 2 HOH 58  58  58  HOH HOH A . 
B 2 HOH 59  59  59  HOH HOH A . 
B 2 HOH 60  60  60  HOH HOH A . 
B 2 HOH 61  61  61  HOH HOH A . 
B 2 HOH 62  62  62  HOH HOH A . 
B 2 HOH 63  63  63  HOH HOH A . 
B 2 HOH 64  64  64  HOH HOH A . 
B 2 HOH 65  65  65  HOH HOH A . 
B 2 HOH 66  66  66  HOH HOH A . 
B 2 HOH 67  67  67  HOH HOH A . 
B 2 HOH 68  68  68  HOH HOH A . 
B 2 HOH 69  69  69  HOH HOH A . 
B 2 HOH 70  70  70  HOH HOH A . 
B 2 HOH 71  71  71  HOH HOH A . 
B 2 HOH 72  72  72  HOH HOH A . 
B 2 HOH 73  73  73  HOH HOH A . 
B 2 HOH 74  74  74  HOH HOH A . 
B 2 HOH 75  75  75  HOH HOH A . 
B 2 HOH 76  76  76  HOH HOH A . 
B 2 HOH 77  77  77  HOH HOH A . 
B 2 HOH 78  78  78  HOH HOH A . 
B 2 HOH 79  79  79  HOH HOH A . 
B 2 HOH 80  80  80  HOH HOH A . 
B 2 HOH 81  81  81  HOH HOH A . 
B 2 HOH 82  82  82  HOH HOH A . 
B 2 HOH 83  83  83  HOH HOH A . 
B 2 HOH 84  84  84  HOH HOH A . 
B 2 HOH 85  85  85  HOH HOH A . 
B 2 HOH 86  86  86  HOH HOH A . 
B 2 HOH 87  87  87  HOH HOH A . 
B 2 HOH 88  88  88  HOH HOH A . 
B 2 HOH 89  89  89  HOH HOH A . 
B 2 HOH 90  90  90  HOH HOH A . 
B 2 HOH 91  91  91  HOH HOH A . 
B 2 HOH 92  92  92  HOH HOH A . 
B 2 HOH 93  93  93  HOH HOH A . 
B 2 HOH 94  94  94  HOH HOH A . 
B 2 HOH 95  95  95  HOH HOH A . 
B 2 HOH 96  96  96  HOH HOH A . 
B 2 HOH 97  97  97  HOH HOH A . 
B 2 HOH 98  98  98  HOH HOH A . 
B 2 HOH 99  99  99  HOH HOH A . 
B 2 HOH 100 100 100 HOH HOH A . 
B 2 HOH 101 101 101 HOH HOH A . 
B 2 HOH 102 102 102 HOH HOH A . 
B 2 HOH 103 103 103 HOH HOH A . 
B 2 HOH 104 104 104 HOH HOH A . 
B 2 HOH 105 105 105 HOH HOH A . 
B 2 HOH 106 106 106 HOH HOH A . 
B 2 HOH 107 107 107 HOH HOH A . 
# 
loop_
_software.name 
_software.classification 
_software.version 
_software.citation_id 
_software.pdbx_ordinal 
ADSC   'data collection' Quantum ? 1 
SOLVE  phasing           .       ? 2 
CNS    refinement        1.2     ? 3 
MOSFLM 'data reduction'  .       ? 4 
SCALA  'data scaling'    .       ? 5 
# 
_cell.entry_id           3RJP 
_cell.length_a           30.467 
_cell.length_b           36.686 
_cell.length_c           38.937 
_cell.angle_alpha        90.00 
_cell.angle_beta         94.60 
_cell.angle_gamma        90.00 
_cell.Z_PDB              2 
_cell.pdbx_unique_axis   ? 
_cell.length_a_esd       ? 
_cell.length_b_esd       ? 
_cell.length_c_esd       ? 
_cell.angle_alpha_esd    ? 
_cell.angle_beta_esd     ? 
_cell.angle_gamma_esd    ? 
# 
_symmetry.entry_id                         3RJP 
_symmetry.space_group_name_H-M             'P 1 21 1' 
_symmetry.pdbx_full_space_group_name_H-M   ? 
_symmetry.cell_setting                     ? 
_symmetry.Int_Tables_number                4 
_symmetry.space_group_name_Hall            ? 
# 
_exptl.entry_id          3RJP 
_exptl.method            'X-RAY DIFFRACTION' 
_exptl.crystals_number   1 
# 
_exptl_crystal.id                    1 
_exptl_crystal.density_meas          ? 
_exptl_crystal.density_Matthews      1.90 
_exptl_crystal.density_percent_sol   35.21 
_exptl_crystal.description           ? 
_exptl_crystal.F_000                 ? 
_exptl_crystal.preparation           ? 
# 
_exptl_crystal_grow.crystal_id      1 
_exptl_crystal_grow.method          'VAPOR DIFFUSION, HANGING DROP' 
_exptl_crystal_grow.temp            295 
_exptl_crystal_grow.temp_details    ? 
_exptl_crystal_grow.pH              8.0 
_exptl_crystal_grow.pdbx_details    '14% PEG3350, 50mM Zn(OAc)2, pH 8.0, VAPOR DIFFUSION, HANGING DROP, temperature 295K' 
_exptl_crystal_grow.pdbx_pH_range   ? 
# 
_diffrn.id                     1 
_diffrn.ambient_temp           100 
_diffrn.ambient_temp_details   ? 
_diffrn.crystal_id             1 
# 
_diffrn_detector.diffrn_id              1 
_diffrn_detector.detector               CCD 
_diffrn_detector.type                   'ADSC QUANTUM 315r' 
_diffrn_detector.pdbx_collection_date   2010-04-22 
_diffrn_detector.details                ? 
# 
_diffrn_radiation.diffrn_id                        1 
_diffrn_radiation.wavelength_id                    1 
_diffrn_radiation.pdbx_monochromatic_or_laue_m_l   M 
_diffrn_radiation.monochromator                    'Double flat crystal, Si(111)' 
_diffrn_radiation.pdbx_diffrn_protocol             MAD 
_diffrn_radiation.pdbx_scattering_type             x-ray 
# 
loop_
_diffrn_radiation_wavelength.id 
_diffrn_radiation_wavelength.wavelength 
_diffrn_radiation_wavelength.wt 
1 0.979547 1.0 
2 1.019859 1.0 
3 0.979663 1.0 
# 
_diffrn_source.diffrn_id                   1 
_diffrn_source.source                      SYNCHROTRON 
_diffrn_source.type                        'ALS BEAMLINE 8.3.1' 
_diffrn_source.pdbx_synchrotron_site       ALS 
_diffrn_source.pdbx_synchrotron_beamline   8.3.1 
_diffrn_source.pdbx_wavelength             ? 
_diffrn_source.pdbx_wavelength_list        '0.979547, 1.019859, 0.979663' 
# 
_reflns.entry_id                     3RJP 
_reflns.observed_criterion_sigma_I   2.0 
_reflns.observed_criterion_sigma_F   0.0 
_reflns.d_resolution_low             26.66 
_reflns.d_resolution_high            1.5 
_reflns.number_obs                   13184 
_reflns.number_all                   13795 
_reflns.percent_possible_obs         94.8 
_reflns.pdbx_Rmerge_I_obs            ? 
_reflns.pdbx_Rsym_value              ? 
_reflns.pdbx_netI_over_sigmaI        ? 
_reflns.B_iso_Wilson_estimate        12.8 
_reflns.pdbx_redundancy              ? 
_reflns.R_free_details               ? 
_reflns.limit_h_max                  ? 
_reflns.limit_h_min                  ? 
_reflns.limit_k_max                  ? 
_reflns.limit_k_min                  ? 
_reflns.limit_l_max                  ? 
_reflns.limit_l_min                  ? 
_reflns.observed_criterion_F_max     ? 
_reflns.observed_criterion_F_min     ? 
_reflns.pdbx_chi_squared             ? 
_reflns.pdbx_scaling_rejects         ? 
_reflns.pdbx_ordinal                 1 
_reflns.pdbx_diffrn_id               1 
# 
_reflns_shell.d_res_high             1.50 
_reflns_shell.d_res_low              1.59 
_reflns_shell.percent_possible_all   94.2 
_reflns_shell.Rmerge_I_obs           ? 
_reflns_shell.pdbx_Rsym_value        ? 
_reflns_shell.meanI_over_sigI_obs    ? 
_reflns_shell.pdbx_redundancy        ? 
_reflns_shell.percent_possible_obs   ? 
_reflns_shell.number_unique_all      ? 
_reflns_shell.number_measured_all    ? 
_reflns_shell.number_measured_obs    ? 
_reflns_shell.number_unique_obs      ? 
_reflns_shell.pdbx_chi_squared       ? 
_reflns_shell.pdbx_ordinal           1 
_reflns_shell.pdbx_diffrn_id         1 
# 
_refine.entry_id                                 3RJP 
_refine.ls_number_reflns_obs                     13078 
_refine.ls_number_reflns_all                     13878 
_refine.pdbx_ls_sigma_I                          ? 
_refine.pdbx_ls_sigma_F                          0.0 
_refine.pdbx_data_cutoff_high_absF               568442.24 
_refine.pdbx_data_cutoff_low_absF                0.000000 
_refine.pdbx_data_cutoff_high_rms_absF           ? 
_refine.ls_d_res_low                             19.59 
_refine.ls_d_res_high                            1.50 
_refine.ls_percent_reflns_obs                    95.0 
_refine.ls_R_factor_obs                          0.201 
_refine.ls_R_factor_all                          ? 
_refine.ls_R_factor_R_work                       0.201 
_refine.ls_R_factor_R_free                       0.219 
_refine.ls_R_factor_R_free_error                 0.006 
_refine.ls_R_factor_R_free_error_details         ? 
_refine.ls_percent_reflns_R_free                 10.3 
_refine.ls_number_reflns_R_free                  1353 
_refine.ls_number_parameters                     ? 
_refine.ls_number_restraints                     ? 
_refine.occupancy_min                            ? 
_refine.occupancy_max                            ? 
_refine.correlation_coeff_Fo_to_Fc               ? 
_refine.correlation_coeff_Fo_to_Fc_free          ? 
_refine.B_iso_mean                               14.9 
_refine.aniso_B[1][1]                            -0.74 
_refine.aniso_B[2][2]                            0.59 
_refine.aniso_B[3][3]                            0.15 
_refine.aniso_B[1][2]                            0.00 
_refine.aniso_B[1][3]                            -0.15 
_refine.aniso_B[2][3]                            0.00 
_refine.solvent_model_details                    'FLAT MODEL' 
_refine.solvent_model_param_ksol                 0.4 
_refine.solvent_model_param_bsol                 50.5025 
_refine.pdbx_solvent_vdw_probe_radii             ? 
_refine.pdbx_solvent_ion_probe_radii             ? 
_refine.pdbx_solvent_shrinkage_radii             ? 
_refine.pdbx_ls_cross_valid_method               THROUGHOUT 
_refine.details                                  'BULK SOLVENT MODEL USED' 
_refine.pdbx_starting_model                      ? 
_refine.pdbx_method_to_determine_struct          MAD 
_refine.pdbx_isotropic_thermal_model             RESTRAINED 
_refine.pdbx_stereochemistry_target_values       'Engh & Huber' 
_refine.pdbx_stereochem_target_val_spec_case     ? 
_refine.pdbx_R_Free_selection_details            RANDOM 
_refine.pdbx_overall_ESU_R_Free                  ? 
_refine.overall_SU_ML                            ? 
_refine.overall_SU_B                             ? 
_refine.overall_SU_R_Cruickshank_DPI             ? 
_refine.ls_redundancy_reflns_obs                 ? 
_refine.B_iso_min                                ? 
_refine.B_iso_max                                ? 
_refine.overall_SU_R_free                        ? 
_refine.ls_wR_factor_R_free                      ? 
_refine.ls_wR_factor_R_work                      ? 
_refine.overall_FOM_free_R_set                   ? 
_refine.overall_FOM_work_R_set                   ? 
_refine.pdbx_overall_phase_error                 ? 
_refine.pdbx_refine_id                           'X-RAY DIFFRACTION' 
_refine.pdbx_overall_ESU_R                       ? 
_refine.pdbx_diffrn_id                           1 
_refine.pdbx_TLS_residual_ADP_flag               ? 
_refine.pdbx_overall_SU_R_free_Cruickshank_DPI   ? 
_refine.pdbx_overall_SU_R_Blow_DPI               ? 
_refine.pdbx_overall_SU_R_free_Blow_DPI          ? 
# 
_refine_analyze.entry_id                        3RJP 
_refine_analyze.Luzzati_coordinate_error_obs    0.17 
_refine_analyze.Luzzati_sigma_a_obs             0.08 
_refine_analyze.Luzzati_d_res_low_obs           5.00 
_refine_analyze.Luzzati_coordinate_error_free   0.19 
_refine_analyze.Luzzati_sigma_a_free            0.12 
_refine_analyze.Luzzati_d_res_low_free          ? 
_refine_analyze.number_disordered_residues      ? 
_refine_analyze.occupancy_sum_hydrogen          ? 
_refine_analyze.occupancy_sum_non_hydrogen      ? 
_refine_analyze.pdbx_Luzzati_d_res_high_obs     ? 
_refine_analyze.pdbx_refine_id                  'X-RAY DIFFRACTION' 
# 
_refine_hist.pdbx_refine_id                   'X-RAY DIFFRACTION' 
_refine_hist.cycle_id                         LAST 
_refine_hist.pdbx_number_atoms_protein        800 
_refine_hist.pdbx_number_atoms_nucleic_acid   0 
_refine_hist.pdbx_number_atoms_ligand         0 
_refine_hist.number_atoms_solvent             107 
_refine_hist.number_atoms_total               907 
_refine_hist.d_res_high                       1.50 
_refine_hist.d_res_low                        19.59 
# 
loop_
_refine_ls_restr.type 
_refine_ls_restr.dev_ideal 
_refine_ls_restr.dev_ideal_target 
_refine_ls_restr.weight 
_refine_ls_restr.number 
_refine_ls_restr.pdbx_restraint_function 
_refine_ls_restr.pdbx_refine_id 
c_bond_d           0.014 ? ? ? ? 'X-RAY DIFFRACTION' 
c_angle_deg        1.6   ? ? ? ? 'X-RAY DIFFRACTION' 
c_dihedral_angle_d 23.6  ? ? ? ? 'X-RAY DIFFRACTION' 
c_improper_angle_d 0.91  ? ? ? ? 'X-RAY DIFFRACTION' 
# 
_refine_ls_shell.pdbx_total_number_of_bins_used   6 
_refine_ls_shell.d_res_high                       1.50 
_refine_ls_shell.d_res_low                        1.59 
_refine_ls_shell.number_reflns_R_work             1862 
_refine_ls_shell.R_factor_R_work                  0.216 
_refine_ls_shell.percent_reflns_obs               91.1 
_refine_ls_shell.R_factor_R_free                  0.241 
_refine_ls_shell.R_factor_R_free_error            0.016 
_refine_ls_shell.percent_reflns_R_free            11.1 
_refine_ls_shell.number_reflns_R_free             233 
_refine_ls_shell.number_reflns_all                ? 
_refine_ls_shell.R_factor_all                     ? 
_refine_ls_shell.number_reflns_obs                ? 
_refine_ls_shell.redundancy_reflns_obs            ? 
_refine_ls_shell.pdbx_refine_id                   'X-RAY DIFFRACTION' 
# 
loop_
_pdbx_xplor_file.serial_no 
_pdbx_xplor_file.param_file 
_pdbx_xplor_file.topol_file 
_pdbx_xplor_file.pdbx_refine_id 
1 protein_rep.param protein.top 'X-RAY DIFFRACTION' 
2 water_rep.param   water.top   'X-RAY DIFFRACTION' 
# 
_struct.entry_id                  3RJP 
_struct.title                     'Crystal structure of the DNA binding domain of CovR from Streptococcus pyogenes' 
_struct.pdbx_model_details        ? 
_struct.pdbx_CASP_flag            ? 
_struct.pdbx_model_type_details   ? 
# 
_struct_keywords.entry_id        3RJP 
_struct_keywords.pdbx_keywords   'DNA BINDING PROTEIN' 
_struct_keywords.text            'winged helix-turn-helix, DNA binding, DNA BINDING PROTEIN' 
# 
loop_
_struct_asym.id 
_struct_asym.pdbx_blank_PDB_chainid_flag 
_struct_asym.pdbx_modified 
_struct_asym.entity_id 
_struct_asym.details 
A N N 1 ? 
B N N 2 ? 
# 
_struct_ref.id                         1 
_struct_ref.db_name                    UNP 
_struct_ref.db_code                    O87527_STRPY 
_struct_ref.pdbx_db_accession          O87527 
_struct_ref.entity_id                  1 
_struct_ref.pdbx_seq_one_letter_code   
;YRDLVLNPQNRSVNRGDDEISLTKREYDLLNILMTNMNRVMTREELLSNVWKYDEAVETNVVDVYIRYLRGKIDIPGKES
YIQTVRGMGYVIREK
;
_struct_ref.pdbx_align_begin           134 
_struct_ref.pdbx_db_isoform            ? 
# 
_struct_ref_seq.align_id                      1 
_struct_ref_seq.ref_id                        1 
_struct_ref_seq.pdbx_PDB_id_code              3RJP 
_struct_ref_seq.pdbx_strand_id                A 
_struct_ref_seq.seq_align_beg                 2 
_struct_ref_seq.pdbx_seq_align_beg_ins_code   ? 
_struct_ref_seq.seq_align_end                 96 
_struct_ref_seq.pdbx_seq_align_end_ins_code   ? 
_struct_ref_seq.pdbx_db_accession             O87527 
_struct_ref_seq.db_align_beg                  134 
_struct_ref_seq.pdbx_db_align_beg_ins_code    ? 
_struct_ref_seq.db_align_end                  228 
_struct_ref_seq.pdbx_db_align_end_ins_code    ? 
_struct_ref_seq.pdbx_auth_seq_align_beg       134 
_struct_ref_seq.pdbx_auth_seq_align_end       228 
# 
_struct_ref_seq_dif.align_id                     1 
_struct_ref_seq_dif.pdbx_pdb_id_code             3RJP 
_struct_ref_seq_dif.mon_id                       MET 
_struct_ref_seq_dif.pdbx_pdb_strand_id           A 
_struct_ref_seq_dif.seq_num                      1 
_struct_ref_seq_dif.pdbx_pdb_ins_code            ? 
_struct_ref_seq_dif.pdbx_seq_db_name             UNP 
_struct_ref_seq_dif.pdbx_seq_db_accession_code   O87527 
_struct_ref_seq_dif.db_mon_id                    ? 
_struct_ref_seq_dif.pdbx_seq_db_seq_num          ? 
_struct_ref_seq_dif.details                      'initiating methionine' 
_struct_ref_seq_dif.pdbx_auth_seq_num            133 
_struct_ref_seq_dif.pdbx_ordinal                 1 
# 
_pdbx_struct_assembly.id                   1 
_pdbx_struct_assembly.details              author_and_software_defined_assembly 
_pdbx_struct_assembly.method_details       PISA 
_pdbx_struct_assembly.oligomeric_details   monomeric 
_pdbx_struct_assembly.oligomeric_count     1 
# 
_pdbx_struct_assembly_gen.assembly_id       1 
_pdbx_struct_assembly_gen.oper_expression   1 
_pdbx_struct_assembly_gen.asym_id_list      A,B 
# 
_pdbx_struct_oper_list.id                   1 
_pdbx_struct_oper_list.type                 'identity operation' 
_pdbx_struct_oper_list.name                 1_555 
_pdbx_struct_oper_list.symmetry_operation   x,y,z 
_pdbx_struct_oper_list.matrix[1][1]         1.0000000000 
_pdbx_struct_oper_list.matrix[1][2]         0.0000000000 
_pdbx_struct_oper_list.matrix[1][3]         0.0000000000 
_pdbx_struct_oper_list.vector[1]            0.0000000000 
_pdbx_struct_oper_list.matrix[2][1]         0.0000000000 
_pdbx_struct_oper_list.matrix[2][2]         1.0000000000 
_pdbx_struct_oper_list.matrix[2][3]         0.0000000000 
_pdbx_struct_oper_list.vector[2]            0.0000000000 
_pdbx_struct_oper_list.matrix[3][1]         0.0000000000 
_pdbx_struct_oper_list.matrix[3][2]         0.0000000000 
_pdbx_struct_oper_list.matrix[3][3]         1.0000000000 
_pdbx_struct_oper_list.vector[3]            0.0000000000 
# 
_struct_biol.id        1 
_struct_biol.details   ? 
# 
loop_
_struct_conf.conf_type_id 
_struct_conf.id 
_struct_conf.pdbx_PDB_helix_id 
_struct_conf.beg_label_comp_id 
_struct_conf.beg_label_asym_id 
_struct_conf.beg_label_seq_id 
_struct_conf.pdbx_beg_PDB_ins_code 
_struct_conf.end_label_comp_id 
_struct_conf.end_label_asym_id 
_struct_conf.end_label_seq_id 
_struct_conf.pdbx_end_PDB_ins_code 
_struct_conf.beg_auth_comp_id 
_struct_conf.beg_auth_asym_id 
_struct_conf.beg_auth_seq_id 
_struct_conf.end_auth_comp_id 
_struct_conf.end_auth_asym_id 
_struct_conf.end_auth_seq_id 
_struct_conf.pdbx_PDB_helix_class 
_struct_conf.details 
_struct_conf.pdbx_PDB_helix_length 
HELX_P HELX_P1 1 THR A 24 ? ASN A 37 ? THR A 156 ASN A 169 1 ? 14 
HELX_P HELX_P2 2 THR A 43 ? TRP A 52 ? THR A 175 TRP A 184 1 ? 10 
HELX_P HELX_P3 3 THR A 60 ? ASP A 75 ? THR A 192 ASP A 207 1 ? 16 
# 
_struct_conf_type.id          HELX_P 
_struct_conf_type.criteria    ? 
_struct_conf_type.reference   ? 
# 
loop_
_struct_sheet.id 
_struct_sheet.type 
_struct_sheet.number_strands 
_struct_sheet.details 
A ? 3 ? 
B ? 2 ? 
# 
loop_
_struct_sheet_order.sheet_id 
_struct_sheet_order.range_id_1 
_struct_sheet_order.range_id_2 
_struct_sheet_order.offset 
_struct_sheet_order.sense 
A 1 2 ? anti-parallel 
A 2 3 ? anti-parallel 
B 1 2 ? anti-parallel 
# 
loop_
_struct_sheet_range.sheet_id 
_struct_sheet_range.id 
_struct_sheet_range.beg_label_comp_id 
_struct_sheet_range.beg_label_asym_id 
_struct_sheet_range.beg_label_seq_id 
_struct_sheet_range.pdbx_beg_PDB_ins_code 
_struct_sheet_range.end_label_comp_id 
_struct_sheet_range.end_label_asym_id 
_struct_sheet_range.end_label_seq_id 
_struct_sheet_range.pdbx_end_PDB_ins_code 
_struct_sheet_range.beg_auth_comp_id 
_struct_sheet_range.beg_auth_asym_id 
_struct_sheet_range.beg_auth_seq_id 
_struct_sheet_range.end_auth_comp_id 
_struct_sheet_range.end_auth_asym_id 
_struct_sheet_range.end_auth_seq_id 
A 1 VAL A 6  ? ASN A 8  ? VAL A 138 ASN A 140 
A 2 SER A 13 ? ARG A 16 ? SER A 145 ARG A 148 
A 3 ASP A 19 ? SER A 22 ? ASP A 151 SER A 154 
B 1 GLN A 84 ? VAL A 86 ? GLN A 216 VAL A 218 
B 2 GLY A 90 ? VAL A 92 ? GLY A 222 VAL A 224 
# 
loop_
_pdbx_struct_sheet_hbond.sheet_id 
_pdbx_struct_sheet_hbond.range_id_1 
_pdbx_struct_sheet_hbond.range_id_2 
_pdbx_struct_sheet_hbond.range_1_label_atom_id 
_pdbx_struct_sheet_hbond.range_1_label_comp_id 
_pdbx_struct_sheet_hbond.range_1_label_asym_id 
_pdbx_struct_sheet_hbond.range_1_label_seq_id 
_pdbx_struct_sheet_hbond.range_1_PDB_ins_code 
_pdbx_struct_sheet_hbond.range_1_auth_atom_id 
_pdbx_struct_sheet_hbond.range_1_auth_comp_id 
_pdbx_struct_sheet_hbond.range_1_auth_asym_id 
_pdbx_struct_sheet_hbond.range_1_auth_seq_id 
_pdbx_struct_sheet_hbond.range_2_label_atom_id 
_pdbx_struct_sheet_hbond.range_2_label_comp_id 
_pdbx_struct_sheet_hbond.range_2_label_asym_id 
_pdbx_struct_sheet_hbond.range_2_label_seq_id 
_pdbx_struct_sheet_hbond.range_2_PDB_ins_code 
_pdbx_struct_sheet_hbond.range_2_auth_atom_id 
_pdbx_struct_sheet_hbond.range_2_auth_comp_id 
_pdbx_struct_sheet_hbond.range_2_auth_asym_id 
_pdbx_struct_sheet_hbond.range_2_auth_seq_id 
A 1 2 N ASN A 8  ? N ASN A 140 O SER A 13 ? O SER A 145 
A 2 3 N VAL A 14 ? N VAL A 146 O ILE A 21 ? O ILE A 153 
B 1 2 N VAL A 86 ? N VAL A 218 O GLY A 90 ? O GLY A 222 
# 
loop_
_pdbx_validate_torsion.id 
_pdbx_validate_torsion.PDB_model_num 
_pdbx_validate_torsion.auth_comp_id 
_pdbx_validate_torsion.auth_asym_id 
_pdbx_validate_torsion.auth_seq_id 
_pdbx_validate_torsion.PDB_ins_code 
_pdbx_validate_torsion.label_alt_id 
_pdbx_validate_torsion.phi 
_pdbx_validate_torsion.psi 
1 1 ARG A 144 ? ? 37.67 61.41 
2 1 ASN A 171 ? ? 74.26 -1.53 
# 
loop_
_chem_comp_atom.comp_id 
_chem_comp_atom.atom_id 
_chem_comp_atom.type_symbol 
_chem_comp_atom.pdbx_aromatic_flag 
_chem_comp_atom.pdbx_stereo_config 
_chem_comp_atom.pdbx_ordinal 
ALA N    N N N 1   
ALA CA   C N S 2   
ALA C    C N N 3   
ALA O    O N N 4   
ALA CB   C N N 5   
ALA OXT  O N N 6   
ALA H    H N N 7   
ALA H2   H N N 8   
ALA HA   H N N 9   
ALA HB1  H N N 10  
ALA HB2  H N N 11  
ALA HB3  H N N 12  
ALA HXT  H N N 13  
ARG N    N N N 14  
ARG CA   C N S 15  
ARG C    C N N 16  
ARG O    O N N 17  
ARG CB   C N N 18  
ARG CG   C N N 19  
ARG CD   C N N 20  
ARG NE   N N N 21  
ARG CZ   C N N 22  
ARG NH1  N N N 23  
ARG NH2  N N N 24  
ARG OXT  O N N 25  
ARG H    H N N 26  
ARG H2   H N N 27  
ARG HA   H N N 28  
ARG HB2  H N N 29  
ARG HB3  H N N 30  
ARG HG2  H N N 31  
ARG HG3  H N N 32  
ARG HD2  H N N 33  
ARG HD3  H N N 34  
ARG HE   H N N 35  
ARG HH11 H N N 36  
ARG HH12 H N N 37  
ARG HH21 H N N 38  
ARG HH22 H N N 39  
ARG HXT  H N N 40  
ASN N    N N N 41  
ASN CA   C N S 42  
ASN C    C N N 43  
ASN O    O N N 44  
ASN CB   C N N 45  
ASN CG   C N N 46  
ASN OD1  O N N 47  
ASN ND2  N N N 48  
ASN OXT  O N N 49  
ASN H    H N N 50  
ASN H2   H N N 51  
ASN HA   H N N 52  
ASN HB2  H N N 53  
ASN HB3  H N N 54  
ASN HD21 H N N 55  
ASN HD22 H N N 56  
ASN HXT  H N N 57  
ASP N    N N N 58  
ASP CA   C N S 59  
ASP C    C N N 60  
ASP O    O N N 61  
ASP CB   C N N 62  
ASP CG   C N N 63  
ASP OD1  O N N 64  
ASP OD2  O N N 65  
ASP OXT  O N N 66  
ASP H    H N N 67  
ASP H2   H N N 68  
ASP HA   H N N 69  
ASP HB2  H N N 70  
ASP HB3  H N N 71  
ASP HD2  H N N 72  
ASP HXT  H N N 73  
GLN N    N N N 74  
GLN CA   C N S 75  
GLN C    C N N 76  
GLN O    O N N 77  
GLN CB   C N N 78  
GLN CG   C N N 79  
GLN CD   C N N 80  
GLN OE1  O N N 81  
GLN NE2  N N N 82  
GLN OXT  O N N 83  
GLN H    H N N 84  
GLN H2   H N N 85  
GLN HA   H N N 86  
GLN HB2  H N N 87  
GLN HB3  H N N 88  
GLN HG2  H N N 89  
GLN HG3  H N N 90  
GLN HE21 H N N 91  
GLN HE22 H N N 92  
GLN HXT  H N N 93  
GLU N    N N N 94  
GLU CA   C N S 95  
GLU C    C N N 96  
GLU O    O N N 97  
GLU CB   C N N 98  
GLU CG   C N N 99  
GLU CD   C N N 100 
GLU OE1  O N N 101 
GLU OE2  O N N 102 
GLU OXT  O N N 103 
GLU H    H N N 104 
GLU H2   H N N 105 
GLU HA   H N N 106 
GLU HB2  H N N 107 
GLU HB3  H N N 108 
GLU HG2  H N N 109 
GLU HG3  H N N 110 
GLU HE2  H N N 111 
GLU HXT  H N N 112 
GLY N    N N N 113 
GLY CA   C N N 114 
GLY C    C N N 115 
GLY O    O N N 116 
GLY OXT  O N N 117 
GLY H    H N N 118 
GLY H2   H N N 119 
GLY HA2  H N N 120 
GLY HA3  H N N 121 
GLY HXT  H N N 122 
HOH O    O N N 123 
HOH H1   H N N 124 
HOH H2   H N N 125 
ILE N    N N N 126 
ILE CA   C N S 127 
ILE C    C N N 128 
ILE O    O N N 129 
ILE CB   C N S 130 
ILE CG1  C N N 131 
ILE CG2  C N N 132 
ILE CD1  C N N 133 
ILE OXT  O N N 134 
ILE H    H N N 135 
ILE H2   H N N 136 
ILE HA   H N N 137 
ILE HB   H N N 138 
ILE HG12 H N N 139 
ILE HG13 H N N 140 
ILE HG21 H N N 141 
ILE HG22 H N N 142 
ILE HG23 H N N 143 
ILE HD11 H N N 144 
ILE HD12 H N N 145 
ILE HD13 H N N 146 
ILE HXT  H N N 147 
LEU N    N N N 148 
LEU CA   C N S 149 
LEU C    C N N 150 
LEU O    O N N 151 
LEU CB   C N N 152 
LEU CG   C N N 153 
LEU CD1  C N N 154 
LEU CD2  C N N 155 
LEU OXT  O N N 156 
LEU H    H N N 157 
LEU H2   H N N 158 
LEU HA   H N N 159 
LEU HB2  H N N 160 
LEU HB3  H N N 161 
LEU HG   H N N 162 
LEU HD11 H N N 163 
LEU HD12 H N N 164 
LEU HD13 H N N 165 
LEU HD21 H N N 166 
LEU HD22 H N N 167 
LEU HD23 H N N 168 
LEU HXT  H N N 169 
LYS N    N N N 170 
LYS CA   C N S 171 
LYS C    C N N 172 
LYS O    O N N 173 
LYS CB   C N N 174 
LYS CG   C N N 175 
LYS CD   C N N 176 
LYS CE   C N N 177 
LYS NZ   N N N 178 
LYS OXT  O N N 179 
LYS H    H N N 180 
LYS H2   H N N 181 
LYS HA   H N N 182 
LYS HB2  H N N 183 
LYS HB3  H N N 184 
LYS HG2  H N N 185 
LYS HG3  H N N 186 
LYS HD2  H N N 187 
LYS HD3  H N N 188 
LYS HE2  H N N 189 
LYS HE3  H N N 190 
LYS HZ1  H N N 191 
LYS HZ2  H N N 192 
LYS HZ3  H N N 193 
LYS HXT  H N N 194 
MET N    N N N 195 
MET CA   C N S 196 
MET C    C N N 197 
MET O    O N N 198 
MET CB   C N N 199 
MET CG   C N N 200 
MET SD   S N N 201 
MET CE   C N N 202 
MET OXT  O N N 203 
MET H    H N N 204 
MET H2   H N N 205 
MET HA   H N N 206 
MET HB2  H N N 207 
MET HB3  H N N 208 
MET HG2  H N N 209 
MET HG3  H N N 210 
MET HE1  H N N 211 
MET HE2  H N N 212 
MET HE3  H N N 213 
MET HXT  H N N 214 
PRO N    N N N 215 
PRO CA   C N S 216 
PRO C    C N N 217 
PRO O    O N N 218 
PRO CB   C N N 219 
PRO CG   C N N 220 
PRO CD   C N N 221 
PRO OXT  O N N 222 
PRO H    H N N 223 
PRO HA   H N N 224 
PRO HB2  H N N 225 
PRO HB3  H N N 226 
PRO HG2  H N N 227 
PRO HG3  H N N 228 
PRO HD2  H N N 229 
PRO HD3  H N N 230 
PRO HXT  H N N 231 
SER N    N N N 232 
SER CA   C N S 233 
SER C    C N N 234 
SER O    O N N 235 
SER CB   C N N 236 
SER OG   O N N 237 
SER OXT  O N N 238 
SER H    H N N 239 
SER H2   H N N 240 
SER HA   H N N 241 
SER HB2  H N N 242 
SER HB3  H N N 243 
SER HG   H N N 244 
SER HXT  H N N 245 
THR N    N N N 246 
THR CA   C N S 247 
THR C    C N N 248 
THR O    O N N 249 
THR CB   C N R 250 
THR OG1  O N N 251 
THR CG2  C N N 252 
THR OXT  O N N 253 
THR H    H N N 254 
THR H2   H N N 255 
THR HA   H N N 256 
THR HB   H N N 257 
THR HG1  H N N 258 
THR HG21 H N N 259 
THR HG22 H N N 260 
THR HG23 H N N 261 
THR HXT  H N N 262 
TRP N    N N N 263 
TRP CA   C N S 264 
TRP C    C N N 265 
TRP O    O N N 266 
TRP CB   C N N 267 
TRP CG   C Y N 268 
TRP CD1  C Y N 269 
TRP CD2  C Y N 270 
TRP NE1  N Y N 271 
TRP CE2  C Y N 272 
TRP CE3  C Y N 273 
TRP CZ2  C Y N 274 
TRP CZ3  C Y N 275 
TRP CH2  C Y N 276 
TRP OXT  O N N 277 
TRP H    H N N 278 
TRP H2   H N N 279 
TRP HA   H N N 280 
TRP HB2  H N N 281 
TRP HB3  H N N 282 
TRP HD1  H N N 283 
TRP HE1  H N N 284 
TRP HE3  H N N 285 
TRP HZ2  H N N 286 
TRP HZ3  H N N 287 
TRP HH2  H N N 288 
TRP HXT  H N N 289 
TYR N    N N N 290 
TYR CA   C N S 291 
TYR C    C N N 292 
TYR O    O N N 293 
TYR CB   C N N 294 
TYR CG   C Y N 295 
TYR CD1  C Y N 296 
TYR CD2  C Y N 297 
TYR CE1  C Y N 298 
TYR CE2  C Y N 299 
TYR CZ   C Y N 300 
TYR OH   O N N 301 
TYR OXT  O N N 302 
TYR H    H N N 303 
TYR H2   H N N 304 
TYR HA   H N N 305 
TYR HB2  H N N 306 
TYR HB3  H N N 307 
TYR HD1  H N N 308 
TYR HD2  H N N 309 
TYR HE1  H N N 310 
TYR HE2  H N N 311 
TYR HH   H N N 312 
TYR HXT  H N N 313 
VAL N    N N N 314 
VAL CA   C N S 315 
VAL C    C N N 316 
VAL O    O N N 317 
VAL CB   C N N 318 
VAL CG1  C N N 319 
VAL CG2  C N N 320 
VAL OXT  O N N 321 
VAL H    H N N 322 
VAL H2   H N N 323 
VAL HA   H N N 324 
VAL HB   H N N 325 
VAL HG11 H N N 326 
VAL HG12 H N N 327 
VAL HG13 H N N 328 
VAL HG21 H N N 329 
VAL HG22 H N N 330 
VAL HG23 H N N 331 
VAL HXT  H N N 332 
# 
loop_
_chem_comp_bond.comp_id 
_chem_comp_bond.atom_id_1 
_chem_comp_bond.atom_id_2 
_chem_comp_bond.value_order 
_chem_comp_bond.pdbx_aromatic_flag 
_chem_comp_bond.pdbx_stereo_config 
_chem_comp_bond.pdbx_ordinal 
ALA N   CA   sing N N 1   
ALA N   H    sing N N 2   
ALA N   H2   sing N N 3   
ALA CA  C    sing N N 4   
ALA CA  CB   sing N N 5   
ALA CA  HA   sing N N 6   
ALA C   O    doub N N 7   
ALA C   OXT  sing N N 8   
ALA CB  HB1  sing N N 9   
ALA CB  HB2  sing N N 10  
ALA CB  HB3  sing N N 11  
ALA OXT HXT  sing N N 12  
ARG N   CA   sing N N 13  
ARG N   H    sing N N 14  
ARG N   H2   sing N N 15  
ARG CA  C    sing N N 16  
ARG CA  CB   sing N N 17  
ARG CA  HA   sing N N 18  
ARG C   O    doub N N 19  
ARG C   OXT  sing N N 20  
ARG CB  CG   sing N N 21  
ARG CB  HB2  sing N N 22  
ARG CB  HB3  sing N N 23  
ARG CG  CD   sing N N 24  
ARG CG  HG2  sing N N 25  
ARG CG  HG3  sing N N 26  
ARG CD  NE   sing N N 27  
ARG CD  HD2  sing N N 28  
ARG CD  HD3  sing N N 29  
ARG NE  CZ   sing N N 30  
ARG NE  HE   sing N N 31  
ARG CZ  NH1  sing N N 32  
ARG CZ  NH2  doub N N 33  
ARG NH1 HH11 sing N N 34  
ARG NH1 HH12 sing N N 35  
ARG NH2 HH21 sing N N 36  
ARG NH2 HH22 sing N N 37  
ARG OXT HXT  sing N N 38  
ASN N   CA   sing N N 39  
ASN N   H    sing N N 40  
ASN N   H2   sing N N 41  
ASN CA  C    sing N N 42  
ASN CA  CB   sing N N 43  
ASN CA  HA   sing N N 44  
ASN C   O    doub N N 45  
ASN C   OXT  sing N N 46  
ASN CB  CG   sing N N 47  
ASN CB  HB2  sing N N 48  
ASN CB  HB3  sing N N 49  
ASN CG  OD1  doub N N 50  
ASN CG  ND2  sing N N 51  
ASN ND2 HD21 sing N N 52  
ASN ND2 HD22 sing N N 53  
ASN OXT HXT  sing N N 54  
ASP N   CA   sing N N 55  
ASP N   H    sing N N 56  
ASP N   H2   sing N N 57  
ASP CA  C    sing N N 58  
ASP CA  CB   sing N N 59  
ASP CA  HA   sing N N 60  
ASP C   O    doub N N 61  
ASP C   OXT  sing N N 62  
ASP CB  CG   sing N N 63  
ASP CB  HB2  sing N N 64  
ASP CB  HB3  sing N N 65  
ASP CG  OD1  doub N N 66  
ASP CG  OD2  sing N N 67  
ASP OD2 HD2  sing N N 68  
ASP OXT HXT  sing N N 69  
GLN N   CA   sing N N 70  
GLN N   H    sing N N 71  
GLN N   H2   sing N N 72  
GLN CA  C    sing N N 73  
GLN CA  CB   sing N N 74  
GLN CA  HA   sing N N 75  
GLN C   O    doub N N 76  
GLN C   OXT  sing N N 77  
GLN CB  CG   sing N N 78  
GLN CB  HB2  sing N N 79  
GLN CB  HB3  sing N N 80  
GLN CG  CD   sing N N 81  
GLN CG  HG2  sing N N 82  
GLN CG  HG3  sing N N 83  
GLN CD  OE1  doub N N 84  
GLN CD  NE2  sing N N 85  
GLN NE2 HE21 sing N N 86  
GLN NE2 HE22 sing N N 87  
GLN OXT HXT  sing N N 88  
GLU N   CA   sing N N 89  
GLU N   H    sing N N 90  
GLU N   H2   sing N N 91  
GLU CA  C    sing N N 92  
GLU CA  CB   sing N N 93  
GLU CA  HA   sing N N 94  
GLU C   O    doub N N 95  
GLU C   OXT  sing N N 96  
GLU CB  CG   sing N N 97  
GLU CB  HB2  sing N N 98  
GLU CB  HB3  sing N N 99  
GLU CG  CD   sing N N 100 
GLU CG  HG2  sing N N 101 
GLU CG  HG3  sing N N 102 
GLU CD  OE1  doub N N 103 
GLU CD  OE2  sing N N 104 
GLU OE2 HE2  sing N N 105 
GLU OXT HXT  sing N N 106 
GLY N   CA   sing N N 107 
GLY N   H    sing N N 108 
GLY N   H2   sing N N 109 
GLY CA  C    sing N N 110 
GLY CA  HA2  sing N N 111 
GLY CA  HA3  sing N N 112 
GLY C   O    doub N N 113 
GLY C   OXT  sing N N 114 
GLY OXT HXT  sing N N 115 
HOH O   H1   sing N N 116 
HOH O   H2   sing N N 117 
ILE N   CA   sing N N 118 
ILE N   H    sing N N 119 
ILE N   H2   sing N N 120 
ILE CA  C    sing N N 121 
ILE CA  CB   sing N N 122 
ILE CA  HA   sing N N 123 
ILE C   O    doub N N 124 
ILE C   OXT  sing N N 125 
ILE CB  CG1  sing N N 126 
ILE CB  CG2  sing N N 127 
ILE CB  HB   sing N N 128 
ILE CG1 CD1  sing N N 129 
ILE CG1 HG12 sing N N 130 
ILE CG1 HG13 sing N N 131 
ILE CG2 HG21 sing N N 132 
ILE CG2 HG22 sing N N 133 
ILE CG2 HG23 sing N N 134 
ILE CD1 HD11 sing N N 135 
ILE CD1 HD12 sing N N 136 
ILE CD1 HD13 sing N N 137 
ILE OXT HXT  sing N N 138 
LEU N   CA   sing N N 139 
LEU N   H    sing N N 140 
LEU N   H2   sing N N 141 
LEU CA  C    sing N N 142 
LEU CA  CB   sing N N 143 
LEU CA  HA   sing N N 144 
LEU C   O    doub N N 145 
LEU C   OXT  sing N N 146 
LEU CB  CG   sing N N 147 
LEU CB  HB2  sing N N 148 
LEU CB  HB3  sing N N 149 
LEU CG  CD1  sing N N 150 
LEU CG  CD2  sing N N 151 
LEU CG  HG   sing N N 152 
LEU CD1 HD11 sing N N 153 
LEU CD1 HD12 sing N N 154 
LEU CD1 HD13 sing N N 155 
LEU CD2 HD21 sing N N 156 
LEU CD2 HD22 sing N N 157 
LEU CD2 HD23 sing N N 158 
LEU OXT HXT  sing N N 159 
LYS N   CA   sing N N 160 
LYS N   H    sing N N 161 
LYS N   H2   sing N N 162 
LYS CA  C    sing N N 163 
LYS CA  CB   sing N N 164 
LYS CA  HA   sing N N 165 
LYS C   O    doub N N 166 
LYS C   OXT  sing N N 167 
LYS CB  CG   sing N N 168 
LYS CB  HB2  sing N N 169 
LYS CB  HB3  sing N N 170 
LYS CG  CD   sing N N 171 
LYS CG  HG2  sing N N 172 
LYS CG  HG3  sing N N 173 
LYS CD  CE   sing N N 174 
LYS CD  HD2  sing N N 175 
LYS CD  HD3  sing N N 176 
LYS CE  NZ   sing N N 177 
LYS CE  HE2  sing N N 178 
LYS CE  HE3  sing N N 179 
LYS NZ  HZ1  sing N N 180 
LYS NZ  HZ2  sing N N 181 
LYS NZ  HZ3  sing N N 182 
LYS OXT HXT  sing N N 183 
MET N   CA   sing N N 184 
MET N   H    sing N N 185 
MET N   H2   sing N N 186 
MET CA  C    sing N N 187 
MET CA  CB   sing N N 188 
MET CA  HA   sing N N 189 
MET C   O    doub N N 190 
MET C   OXT  sing N N 191 
MET CB  CG   sing N N 192 
MET CB  HB2  sing N N 193 
MET CB  HB3  sing N N 194 
MET CG  SD   sing N N 195 
MET CG  HG2  sing N N 196 
MET CG  HG3  sing N N 197 
MET SD  CE   sing N N 198 
MET CE  HE1  sing N N 199 
MET CE  HE2  sing N N 200 
MET CE  HE3  sing N N 201 
MET OXT HXT  sing N N 202 
PRO N   CA   sing N N 203 
PRO N   CD   sing N N 204 
PRO N   H    sing N N 205 
PRO CA  C    sing N N 206 
PRO CA  CB   sing N N 207 
PRO CA  HA   sing N N 208 
PRO C   O    doub N N 209 
PRO C   OXT  sing N N 210 
PRO CB  CG   sing N N 211 
PRO CB  HB2  sing N N 212 
PRO CB  HB3  sing N N 213 
PRO CG  CD   sing N N 214 
PRO CG  HG2  sing N N 215 
PRO CG  HG3  sing N N 216 
PRO CD  HD2  sing N N 217 
PRO CD  HD3  sing N N 218 
PRO OXT HXT  sing N N 219 
SER N   CA   sing N N 220 
SER N   H    sing N N 221 
SER N   H2   sing N N 222 
SER CA  C    sing N N 223 
SER CA  CB   sing N N 224 
SER CA  HA   sing N N 225 
SER C   O    doub N N 226 
SER C   OXT  sing N N 227 
SER CB  OG   sing N N 228 
SER CB  HB2  sing N N 229 
SER CB  HB3  sing N N 230 
SER OG  HG   sing N N 231 
SER OXT HXT  sing N N 232 
THR N   CA   sing N N 233 
THR N   H    sing N N 234 
THR N   H2   sing N N 235 
THR CA  C    sing N N 236 
THR CA  CB   sing N N 237 
THR CA  HA   sing N N 238 
THR C   O    doub N N 239 
THR C   OXT  sing N N 240 
THR CB  OG1  sing N N 241 
THR CB  CG2  sing N N 242 
THR CB  HB   sing N N 243 
THR OG1 HG1  sing N N 244 
THR CG2 HG21 sing N N 245 
THR CG2 HG22 sing N N 246 
THR CG2 HG23 sing N N 247 
THR OXT HXT  sing N N 248 
TRP N   CA   sing N N 249 
TRP N   H    sing N N 250 
TRP N   H2   sing N N 251 
TRP CA  C    sing N N 252 
TRP CA  CB   sing N N 253 
TRP CA  HA   sing N N 254 
TRP C   O    doub N N 255 
TRP C   OXT  sing N N 256 
TRP CB  CG   sing N N 257 
TRP CB  HB2  sing N N 258 
TRP CB  HB3  sing N N 259 
TRP CG  CD1  doub Y N 260 
TRP CG  CD2  sing Y N 261 
TRP CD1 NE1  sing Y N 262 
TRP CD1 HD1  sing N N 263 
TRP CD2 CE2  doub Y N 264 
TRP CD2 CE3  sing Y N 265 
TRP NE1 CE2  sing Y N 266 
TRP NE1 HE1  sing N N 267 
TRP CE2 CZ2  sing Y N 268 
TRP CE3 CZ3  doub Y N 269 
TRP CE3 HE3  sing N N 270 
TRP CZ2 CH2  doub Y N 271 
TRP CZ2 HZ2  sing N N 272 
TRP CZ3 CH2  sing Y N 273 
TRP CZ3 HZ3  sing N N 274 
TRP CH2 HH2  sing N N 275 
TRP OXT HXT  sing N N 276 
TYR N   CA   sing N N 277 
TYR N   H    sing N N 278 
TYR N   H2   sing N N 279 
TYR CA  C    sing N N 280 
TYR CA  CB   sing N N 281 
TYR CA  HA   sing N N 282 
TYR C   O    doub N N 283 
TYR C   OXT  sing N N 284 
TYR CB  CG   sing N N 285 
TYR CB  HB2  sing N N 286 
TYR CB  HB3  sing N N 287 
TYR CG  CD1  doub Y N 288 
TYR CG  CD2  sing Y N 289 
TYR CD1 CE1  sing Y N 290 
TYR CD1 HD1  sing N N 291 
TYR CD2 CE2  doub Y N 292 
TYR CD2 HD2  sing N N 293 
TYR CE1 CZ   doub Y N 294 
TYR CE1 HE1  sing N N 295 
TYR CE2 CZ   sing Y N 296 
TYR CE2 HE2  sing N N 297 
TYR CZ  OH   sing N N 298 
TYR OH  HH   sing N N 299 
TYR OXT HXT  sing N N 300 
VAL N   CA   sing N N 301 
VAL N   H    sing N N 302 
VAL N   H2   sing N N 303 
VAL CA  C    sing N N 304 
VAL CA  CB   sing N N 305 
VAL CA  HA   sing N N 306 
VAL C   O    doub N N 307 
VAL C   OXT  sing N N 308 
VAL CB  CG1  sing N N 309 
VAL CB  CG2  sing N N 310 
VAL CB  HB   sing N N 311 
VAL CG1 HG11 sing N N 312 
VAL CG1 HG12 sing N N 313 
VAL CG1 HG13 sing N N 314 
VAL CG2 HG21 sing N N 315 
VAL CG2 HG22 sing N N 316 
VAL CG2 HG23 sing N N 317 
VAL OXT HXT  sing N N 318 
# 
_atom_sites.entry_id                    3RJP 
_atom_sites.fract_transf_matrix[1][1]   0.02685308 
_atom_sites.fract_transf_matrix[1][2]   0.00164225 
_atom_sites.fract_transf_matrix[1][3]   -0.01898614 
_atom_sites.fract_transf_matrix[2][1]   0.00633475 
_atom_sites.fract_transf_matrix[2][2]   0.02410173 
_atom_sites.fract_transf_matrix[2][3]   0.01104429 
_atom_sites.fract_transf_matrix[3][1]   0.01529822 
_atom_sites.fract_transf_matrix[3][2]   -0.01182474 
_atom_sites.fract_transf_matrix[3][3]   0.01703017 
_atom_sites.fract_transf_vector[1]      0.838764 
_atom_sites.fract_transf_vector[2]      0.466480 
_atom_sites.fract_transf_vector[3]      0.730706 
# 
loop_
_atom_type.symbol 
C 
N 
O 
S 
# 
loop_
_atom_site.group_PDB 
_atom_site.id 
_atom_site.type_symbol 
_atom_site.label_atom_id 
_atom_site.label_alt_id 
_atom_site.label_comp_id 
_atom_site.label_asym_id 
_atom_site.label_entity_id 
_atom_site.label_seq_id 
_atom_site.pdbx_PDB_ins_code 
_atom_site.Cartn_x 
_atom_site.Cartn_y 
_atom_site.Cartn_z 
_atom_site.occupancy 
_atom_site.B_iso_or_equiv 
_atom_site.pdbx_formal_charge 
_atom_site.auth_seq_id 
_atom_site.auth_comp_id 
_atom_site.auth_asym_id 
_atom_site.auth_atom_id 
_atom_site.pdbx_PDB_model_num 
ATOM   1   N N   . MET A 1 1  ? -3.471  -0.036  17.201  1.00 26.26 ? 133 MET A N   1 
ATOM   2   C CA  . MET A 1 1  ? -3.779  -1.454  17.536  1.00 23.82 ? 133 MET A CA  1 
ATOM   3   C C   . MET A 1 1  ? -4.071  -2.259  16.277  1.00 21.07 ? 133 MET A C   1 
ATOM   4   O O   . MET A 1 1  ? -4.472  -3.417  16.357  1.00 22.18 ? 133 MET A O   1 
ATOM   5   C CB  . MET A 1 1  ? -4.990  -1.541  18.461  1.00 26.07 ? 133 MET A CB  1 
ATOM   6   C CG  . MET A 1 1  ? -6.319  -1.252  17.773  1.00 28.22 ? 133 MET A CG  1 
ATOM   7   S SD  . MET A 1 1  ? -6.544  0.479   17.316  1.00 32.49 ? 133 MET A SD  1 
ATOM   8   C CE  . MET A 1 1  ? -5.700  0.595   15.741  1.00 32.79 ? 133 MET A CE  1 
ATOM   9   N N   . TYR A 1 2  ? -3.901  -1.635  15.117  1.00 18.36 ? 134 TYR A N   1 
ATOM   10  C CA  . TYR A 1 2  ? -4.127  -2.330  13.857  1.00 15.60 ? 134 TYR A CA  1 
ATOM   11  C C   . TYR A 1 2  ? -2.974  -3.310  13.690  1.00 15.31 ? 134 TYR A C   1 
ATOM   12  O O   . TYR A 1 2  ? -1.809  -2.909  13.670  1.00 14.09 ? 134 TYR A O   1 
ATOM   13  C CB  . TYR A 1 2  ? -4.125  -1.342  12.688  1.00 14.91 ? 134 TYR A CB  1 
ATOM   14  C CG  . TYR A 1 2  ? -4.253  -2.004  11.335  1.00 13.83 ? 134 TYR A CG  1 
ATOM   15  C CD1 . TYR A 1 2  ? -5.495  -2.403  10.846  1.00 11.87 ? 134 TYR A CD1 1 
ATOM   16  C CD2 . TYR A 1 2  ? -3.127  -2.241  10.548  1.00 11.49 ? 134 TYR A CD2 1 
ATOM   17  C CE1 . TYR A 1 2  ? -5.616  -3.018  9.607   1.00 13.00 ? 134 TYR A CE1 1 
ATOM   18  C CE2 . TYR A 1 2  ? -3.235  -2.858  9.306   1.00 12.92 ? 134 TYR A CE2 1 
ATOM   19  C CZ  . TYR A 1 2  ? -4.485  -3.243  8.844   1.00 11.35 ? 134 TYR A CZ  1 
ATOM   20  O OH  . TYR A 1 2  ? -4.605  -3.858  7.623   1.00 16.95 ? 134 TYR A OH  1 
ATOM   21  N N   . ARG A 1 3  ? -3.290  -4.595  13.578  1.00 13.77 ? 135 ARG A N   1 
ATOM   22  C CA  . ARG A 1 3  ? -2.241  -5.588  13.417  1.00 15.64 ? 135 ARG A CA  1 
ATOM   23  C C   . ARG A 1 3  ? -2.454  -6.593  12.297  1.00 13.51 ? 135 ARG A C   1 
ATOM   24  O O   . ARG A 1 3  ? -1.804  -7.635  12.271  1.00 14.65 ? 135 ARG A O   1 
ATOM   25  C CB  . ARG A 1 3  ? -1.986  -6.317  14.742  1.00 19.81 ? 135 ARG A CB  1 
ATOM   26  C CG  . ARG A 1 3  ? -3.224  -6.677  15.540  1.00 23.90 ? 135 ARG A CG  1 
ATOM   27  C CD  . ARG A 1 3  ? -2.819  -7.140  16.934  1.00 28.21 ? 135 ARG A CD  1 
ATOM   28  N NE  . ARG A 1 3  ? -3.961  -7.309  17.828  1.00 32.28 ? 135 ARG A NE  1 
ATOM   29  C CZ  . ARG A 1 3  ? -3.857  -7.568  19.129  1.00 33.29 ? 135 ARG A CZ  1 
ATOM   30  N NH1 . ARG A 1 3  ? -4.948  -7.706  19.870  1.00 34.77 ? 135 ARG A NH1 1 
ATOM   31  N NH2 . ARG A 1 3  ? -2.661  -7.687  19.691  1.00 34.38 ? 135 ARG A NH2 1 
ATOM   32  N N   . ASP A 1 4  ? -3.357  -6.289  11.369  1.00 12.48 ? 136 ASP A N   1 
ATOM   33  C CA  . ASP A 1 4  ? -3.586  -7.190  10.245  1.00 12.33 ? 136 ASP A CA  1 
ATOM   34  C C   . ASP A 1 4  ? -2.302  -7.221  9.425   1.00 10.79 ? 136 ASP A C   1 
ATOM   35  O O   . ASP A 1 4  ? -1.987  -8.215  8.772   1.00 11.57 ? 136 ASP A O   1 
ATOM   36  C CB  . ASP A 1 4  ? -4.746  -6.698  9.375   1.00 15.44 ? 136 ASP A CB  1 
ATOM   37  C CG  . ASP A 1 4  ? -6.097  -6.940  10.015  1.00 20.43 ? 136 ASP A CG  1 
ATOM   38  O OD1 . ASP A 1 4  ? -6.412  -8.110  10.309  1.00 23.07 ? 136 ASP A OD1 1 
ATOM   39  O OD2 . ASP A 1 4  ? -6.846  -5.965  10.219  1.00 24.70 ? 136 ASP A OD2 1 
ATOM   40  N N   . LEU A 1 5  ? -1.570  -6.113  9.467   1.00 9.56  ? 137 LEU A N   1 
ATOM   41  C CA  . LEU A 1 5  ? -0.297  -5.978  8.767   1.00 7.88  ? 137 LEU A CA  1 
ATOM   42  C C   . LEU A 1 5  ? 0.635   -5.207  9.690   1.00 9.90  ? 137 LEU A C   1 
ATOM   43  O O   . LEU A 1 5  ? 0.205   -4.279  10.372  1.00 11.08 ? 137 LEU A O   1 
ATOM   44  C CB  . LEU A 1 5  ? -0.469  -5.190  7.461   1.00 8.76  ? 137 LEU A CB  1 
ATOM   45  C CG  . LEU A 1 5  ? -1.351  -5.791  6.364   1.00 7.47  ? 137 LEU A CG  1 
ATOM   46  C CD1 . LEU A 1 5  ? -1.489  -4.786  5.222   1.00 9.40  ? 137 LEU A CD1 1 
ATOM   47  C CD2 . LEU A 1 5  ? -0.739  -7.092  5.859   1.00 9.05  ? 137 LEU A CD2 1 
ATOM   48  N N   . VAL A 1 6  ? 1.903   -5.601  9.721   1.00 8.27  ? 138 VAL A N   1 
ATOM   49  C CA  . VAL A 1 6  ? 2.899   -4.928  10.545  1.00 9.51  ? 138 VAL A CA  1 
ATOM   50  C C   . VAL A 1 6  ? 4.179   -4.758  9.737   1.00 8.52  ? 138 VAL A C   1 
ATOM   51  O O   . VAL A 1 6  ? 4.774   -5.737  9.282   1.00 7.79  ? 138 VAL A O   1 
ATOM   52  C CB  . VAL A 1 6  ? 3.220   -5.729  11.825  1.00 10.11 ? 138 VAL A CB  1 
ATOM   53  C CG1 . VAL A 1 6  ? 4.326   -5.033  12.603  1.00 13.16 ? 138 VAL A CG1 1 
ATOM   54  C CG2 . VAL A 1 6  ? 1.974   -5.862  12.686  1.00 11.76 ? 138 VAL A CG2 1 
ATOM   55  N N   . LEU A 1 7  ? 4.596   -3.510  9.550   1.00 8.24  ? 139 LEU A N   1 
ATOM   56  C CA  . LEU A 1 7  ? 5.807   -3.231  8.792   1.00 9.86  ? 139 LEU A CA  1 
ATOM   57  C C   . LEU A 1 7  ? 7.075   -3.625  9.537   1.00 11.33 ? 139 LEU A C   1 
ATOM   58  O O   . LEU A 1 7  ? 7.181   -3.443  10.749  1.00 11.61 ? 139 LEU A O   1 
ATOM   59  C CB  . LEU A 1 7  ? 5.883   -1.745  8.429   1.00 12.18 ? 139 LEU A CB  1 
ATOM   60  C CG  . LEU A 1 7  ? 4.841   -1.202  7.453   1.00 13.62 ? 139 LEU A CG  1 
ATOM   61  C CD1 . LEU A 1 7  ? 4.998   0.310   7.332   1.00 15.60 ? 139 LEU A CD1 1 
ATOM   62  C CD2 . LEU A 1 7  ? 5.001   -1.875  6.094   1.00 14.29 ? 139 LEU A CD2 1 
ATOM   63  N N   . ASN A 1 8  ? 8.035   -4.163  8.797   1.00 11.77 ? 140 ASN A N   1 
ATOM   64  C CA  . ASN A 1 8  ? 9.313   -4.562  9.368   1.00 12.40 ? 140 ASN A CA  1 
ATOM   65  C C   . ASN A 1 8  ? 10.372  -3.696  8.698   1.00 12.66 ? 140 ASN A C   1 
ATOM   66  O O   . ASN A 1 8  ? 10.903  -4.059  7.653   1.00 11.04 ? 140 ASN A O   1 
ATOM   67  C CB  . ASN A 1 8  ? 9.598   -6.031  9.067   1.00 16.06 ? 140 ASN A CB  1 
ATOM   68  C CG  . ASN A 1 8  ? 10.759  -6.577  9.871   1.00 19.98 ? 140 ASN A CG  1 
ATOM   69  O OD1 . ASN A 1 8  ? 11.731  -5.872  10.137  1.00 24.91 ? 140 ASN A OD1 1 
ATOM   70  N ND2 . ASN A 1 8  ? 10.669  -7.845  10.254  1.00 23.09 ? 140 ASN A ND2 1 
ATOM   71  N N   . PRO A 1 9  ? 10.688  -2.533  9.286   1.00 13.86 ? 141 PRO A N   1 
ATOM   72  C CA  . PRO A 1 9  ? 11.699  -1.653  8.691   1.00 17.01 ? 141 PRO A CA  1 
ATOM   73  C C   . PRO A 1 9  ? 13.113  -2.237  8.665   1.00 18.12 ? 141 PRO A C   1 
ATOM   74  O O   . PRO A 1 9  ? 13.949  -1.816  7.865   1.00 20.89 ? 141 PRO A O   1 
ATOM   75  C CB  . PRO A 1 9  ? 11.594  -0.384  9.540   1.00 16.73 ? 141 PRO A CB  1 
ATOM   76  C CG  . PRO A 1 9  ? 11.115  -0.888  10.859  1.00 17.83 ? 141 PRO A CG  1 
ATOM   77  C CD  . PRO A 1 9  ? 10.082  -1.915  10.476  1.00 16.52 ? 141 PRO A CD  1 
ATOM   78  N N   . GLN A 1 10 ? 13.376  -3.211  9.532   1.00 18.94 ? 142 GLN A N   1 
ATOM   79  C CA  . GLN A 1 10 ? 14.689  -3.846  9.597   1.00 21.83 ? 142 GLN A CA  1 
ATOM   80  C C   . GLN A 1 10 ? 15.095  -4.418  8.243   1.00 21.95 ? 142 GLN A C   1 
ATOM   81  O O   . GLN A 1 10 ? 16.262  -4.368  7.861   1.00 24.17 ? 142 GLN A O   1 
ATOM   82  C CB  . GLN A 1 10 ? 14.691  -4.957  10.651  1.00 22.13 ? 142 GLN A CB  1 
ATOM   83  C CG  . GLN A 1 10 ? 14.655  -4.460  12.091  1.00 25.48 ? 142 GLN A CG  1 
ATOM   84  C CD  . GLN A 1 10 ? 13.494  -3.521  12.361  1.00 26.61 ? 142 GLN A CD  1 
ATOM   85  O OE1 . GLN A 1 10 ? 12.340  -3.842  12.075  1.00 27.30 ? 142 GLN A OE1 1 
ATOM   86  N NE2 . GLN A 1 10 ? 13.796  -2.355  12.919  1.00 25.69 ? 142 GLN A NE2 1 
ATOM   87  N N   . ASN A 1 11 ? 14.129  -4.975  7.522   1.00 21.06 ? 143 ASN A N   1 
ATOM   88  C CA  . ASN A 1 11 ? 14.398  -5.530  6.202   1.00 20.98 ? 143 ASN A CA  1 
ATOM   89  C C   . ASN A 1 11 ? 13.329  -5.022  5.246   1.00 20.23 ? 143 ASN A C   1 
ATOM   90  O O   . ASN A 1 11 ? 13.116  -5.580  4.170   1.00 22.19 ? 143 ASN A O   1 
ATOM   91  C CB  . ASN A 1 11 ? 14.401  -7.059  6.252   1.00 21.77 ? 143 ASN A CB  1 
ATOM   92  C CG  . ASN A 1 11 ? 13.254  -7.616  7.061   1.00 21.21 ? 143 ASN A CG  1 
ATOM   93  O OD1 . ASN A 1 11 ? 12.093  -7.321  6.795   1.00 22.63 ? 143 ASN A OD1 1 
ATOM   94  N ND2 . ASN A 1 11 ? 13.575  -8.434  8.058   1.00 24.43 ? 143 ASN A ND2 1 
ATOM   95  N N   . ARG A 1 12 ? 12.675  -3.945  5.669   1.00 19.40 ? 144 ARG A N   1 
ATOM   96  C CA  . ARG A 1 12 ? 11.614  -3.289  4.917   1.00 18.11 ? 144 ARG A CA  1 
ATOM   97  C C   . ARG A 1 12 ? 10.704  -4.263  4.173   1.00 17.44 ? 144 ARG A C   1 
ATOM   98  O O   . ARG A 1 12 ? 10.597  -4.243  2.945   1.00 19.68 ? 144 ARG A O   1 
ATOM   99  C CB  . ARG A 1 12 ? 12.223  -2.240  3.977   1.00 18.69 ? 144 ARG A CB  1 
ATOM   100 C CG  . ARG A 1 12 ? 12.919  -1.102  4.744   1.00 17.71 ? 144 ARG A CG  1 
ATOM   101 C CD  . ARG A 1 12 ? 13.804  -0.230  3.860   1.00 19.44 ? 144 ARG A CD  1 
ATOM   102 N NE  . ARG A 1 12 ? 13.145  0.992   3.405   1.00 18.41 ? 144 ARG A NE  1 
ATOM   103 C CZ  . ARG A 1 12 ? 12.781  1.994   4.201   1.00 20.86 ? 144 ARG A CZ  1 
ATOM   104 N NH1 . ARG A 1 12 ? 13.007  1.928   5.509   1.00 21.25 ? 144 ARG A NH1 1 
ATOM   105 N NH2 . ARG A 1 12 ? 12.206  3.073   3.691   1.00 20.17 ? 144 ARG A NH2 1 
ATOM   106 N N   . SER A 1 13 ? 10.050  -5.114  4.961   1.00 13.73 ? 145 SER A N   1 
ATOM   107 C CA  . SER A 1 13 ? 9.101   -6.116  4.488   1.00 10.82 ? 145 SER A CA  1 
ATOM   108 C C   . SER A 1 13 ? 7.847   -5.871  5.325   1.00 8.30  ? 145 SER A C   1 
ATOM   109 O O   . SER A 1 13 ? 7.806   -4.921  6.097   1.00 8.86  ? 145 SER A O   1 
ATOM   110 C CB  . SER A 1 13 ? 9.634   -7.526  4.766   1.00 10.93 ? 145 SER A CB  1 
ATOM   111 O OG  . SER A 1 13 ? 9.810   -7.743  6.159   1.00 10.39 ? 145 SER A OG  1 
ATOM   112 N N   . VAL A 1 14 ? 6.825   -6.707  5.166   1.00 7.63  ? 146 VAL A N   1 
ATOM   113 C CA  . VAL A 1 14 ? 5.609   -6.561  5.965   1.00 7.36  ? 146 VAL A CA  1 
ATOM   114 C C   . VAL A 1 14 ? 5.170   -7.931  6.468   1.00 8.03  ? 146 VAL A C   1 
ATOM   115 O O   . VAL A 1 14 ? 5.324   -8.933  5.772   1.00 8.97  ? 146 VAL A O   1 
ATOM   116 C CB  . VAL A 1 14 ? 4.443   -5.912  5.155   1.00 6.02  ? 146 VAL A CB  1 
ATOM   117 C CG1 . VAL A 1 14 ? 4.002   -6.822  4.021   1.00 7.50  ? 146 VAL A CG1 1 
ATOM   118 C CG2 . VAL A 1 14 ? 3.272   -5.615  6.083   1.00 5.36  ? 146 VAL A CG2 1 
ATOM   119 N N   . ASN A 1 15 ? 4.647   -7.976  7.687   1.00 8.04  ? 147 ASN A N   1 
ATOM   120 C CA  . ASN A 1 15 ? 4.170   -9.233  8.244   1.00 9.91  ? 147 ASN A CA  1 
ATOM   121 C C   . ASN A 1 15 ? 2.646   -9.259  8.257   1.00 10.41 ? 147 ASN A C   1 
ATOM   122 O O   . ASN A 1 15 ? 1.994   -8.304  8.686   1.00 11.70 ? 147 ASN A O   1 
ATOM   123 C CB  . ASN A 1 15 ? 4.691   -9.438  9.670   1.00 11.52 ? 147 ASN A CB  1 
ATOM   124 C CG  . ASN A 1 15 ? 5.704   -10.567 9.762   1.00 15.78 ? 147 ASN A CG  1 
ATOM   125 O OD1 . ASN A 1 15 ? 6.806   -10.475 9.221   1.00 17.59 ? 147 ASN A OD1 1 
ATOM   126 N ND2 . ASN A 1 15 ? 5.331   -11.645 10.448  1.00 18.38 ? 147 ASN A ND2 1 
ATOM   127 N N   . ARG A 1 16 ? 2.091   -10.352 7.749   1.00 9.69  ? 148 ARG A N   1 
ATOM   128 C CA  . ARG A 1 16 ? 0.652   -10.562 7.721   1.00 9.64  ? 148 ARG A CA  1 
ATOM   129 C C   . ARG A 1 16 ? 0.522   -11.777 8.620   1.00 9.62  ? 148 ARG A C   1 
ATOM   130 O O   . ARG A 1 16 ? 0.704   -12.915 8.177   1.00 9.27  ? 148 ARG A O   1 
ATOM   131 C CB  . ARG A 1 16 ? 0.188   -10.896 6.306   1.00 9.73  ? 148 ARG A CB  1 
ATOM   132 C CG  . ARG A 1 16 ? -1.321  -11.021 6.152   1.00 10.04 ? 148 ARG A CG  1 
ATOM   133 C CD  . ARG A 1 16 ? -1.650  -11.561 4.784   1.00 9.78  ? 148 ARG A CD  1 
ATOM   134 N NE  . ARG A 1 16 ? -1.095  -12.901 4.612   1.00 8.25  ? 148 ARG A NE  1 
ATOM   135 C CZ  . ARG A 1 16 ? -0.687  -13.395 3.448   1.00 10.54 ? 148 ARG A CZ  1 
ATOM   136 N NH1 . ARG A 1 16 ? -0.771  -12.662 2.348   1.00 11.88 ? 148 ARG A NH1 1 
ATOM   137 N NH2 . ARG A 1 16 ? -0.181  -14.619 3.385   1.00 12.82 ? 148 ARG A NH2 1 
ATOM   138 N N   . GLY A 1 17 ? 0.227   -11.540 9.891   1.00 9.38  ? 149 GLY A N   1 
ATOM   139 C CA  . GLY A 1 17 ? 0.150   -12.649 10.819  1.00 10.07 ? 149 GLY A CA  1 
ATOM   140 C C   . GLY A 1 17 ? 1.565   -13.190 10.934  1.00 10.47 ? 149 GLY A C   1 
ATOM   141 O O   . GLY A 1 17 ? 2.497   -12.428 11.193  1.00 11.46 ? 149 GLY A O   1 
ATOM   142 N N   . ASP A 1 18 ? 1.738   -14.494 10.729  1.00 10.86 ? 150 ASP A N   1 
ATOM   143 C CA  . ASP A 1 18 ? 3.060   -15.107 10.803  1.00 10.75 ? 150 ASP A CA  1 
ATOM   144 C C   . ASP A 1 18 ? 3.770   -15.175 9.455   1.00 9.66  ? 150 ASP A C   1 
ATOM   145 O O   . ASP A 1 18 ? 4.850   -15.757 9.354   1.00 9.98  ? 150 ASP A O   1 
ATOM   146 C CB  . ASP A 1 18 ? 2.969   -16.526 11.368  1.00 12.54 ? 150 ASP A CB  1 
ATOM   147 C CG  . ASP A 1 18 ? 2.587   -16.551 12.825  1.00 16.18 ? 150 ASP A CG  1 
ATOM   148 O OD1 . ASP A 1 18 ? 2.480   -15.466 13.428  1.00 17.50 ? 150 ASP A OD1 1 
ATOM   149 O OD2 . ASP A 1 18 ? 2.399   -17.659 13.368  1.00 19.12 ? 150 ASP A OD2 1 
ATOM   150 N N   . ASP A 1 19 ? 3.172   -14.586 8.423   1.00 8.67  ? 151 ASP A N   1 
ATOM   151 C CA  . ASP A 1 19 ? 3.779   -14.606 7.093   1.00 9.48  ? 151 ASP A CA  1 
ATOM   152 C C   . ASP A 1 19 ? 4.557   -13.338 6.788   1.00 11.03 ? 151 ASP A C   1 
ATOM   153 O O   . ASP A 1 19 ? 3.979   -12.252 6.751   1.00 11.25 ? 151 ASP A O   1 
ATOM   154 C CB  . ASP A 1 19 ? 2.717   -14.774 6.002   1.00 11.24 ? 151 ASP A CB  1 
ATOM   155 C CG  . ASP A 1 19 ? 1.936   -16.056 6.135   1.00 12.38 ? 151 ASP A CG  1 
ATOM   156 O OD1 . ASP A 1 19 ? 2.491   -17.061 6.629   1.00 12.40 ? 151 ASP A OD1 1 
ATOM   157 O OD2 . ASP A 1 19 ? 0.761   -16.063 5.716   1.00 12.74 ? 151 ASP A OD2 1 
ATOM   158 N N   . GLU A 1 20 ? 5.861   -13.471 6.558   1.00 10.03 ? 152 GLU A N   1 
ATOM   159 C CA  . GLU A 1 20 ? 6.669   -12.305 6.220   1.00 10.94 ? 152 GLU A CA  1 
ATOM   160 C C   . GLU A 1 20 ? 6.642   -12.181 4.700   1.00 10.69 ? 152 GLU A C   1 
ATOM   161 O O   . GLU A 1 20 ? 6.884   -13.149 3.979   1.00 12.88 ? 152 GLU A O   1 
ATOM   162 C CB  . GLU A 1 20 ? 8.109   -12.454 6.721   1.00 13.63 ? 152 GLU A CB  1 
ATOM   163 C CG  . GLU A 1 20 ? 8.854   -11.124 6.761   1.00 17.40 ? 152 GLU A CG  1 
ATOM   164 C CD  . GLU A 1 20 ? 10.287  -11.253 7.233   1.00 21.19 ? 152 GLU A CD  1 
ATOM   165 O OE1 . GLU A 1 20 ? 10.521  -11.910 8.267   1.00 22.81 ? 152 GLU A OE1 1 
ATOM   166 O OE2 . GLU A 1 20 ? 11.181  -10.683 6.573   1.00 23.92 ? 152 GLU A OE2 1 
ATOM   167 N N   . ILE A 1 21 ? 6.331   -10.984 4.216   1.00 8.37  ? 153 ILE A N   1 
ATOM   168 C CA  . ILE A 1 21 ? 6.228   -10.739 2.786   1.00 8.90  ? 153 ILE A CA  1 
ATOM   169 C C   . ILE A 1 21 ? 7.241   -9.695  2.324   1.00 7.05  ? 153 ILE A C   1 
ATOM   170 O O   . ILE A 1 21 ? 7.209   -8.548  2.774   1.00 7.79  ? 153 ILE A O   1 
ATOM   171 C CB  . ILE A 1 21 ? 4.796   -10.266 2.440   1.00 9.27  ? 153 ILE A CB  1 
ATOM   172 C CG1 . ILE A 1 21 ? 3.785   -11.307 2.931   1.00 11.75 ? 153 ILE A CG1 1 
ATOM   173 C CG2 . ILE A 1 21 ? 4.652   -10.057 0.942   1.00 11.03 ? 153 ILE A CG2 1 
ATOM   174 C CD1 . ILE A 1 21 ? 2.350   -10.813 2.955   1.00 11.56 ? 153 ILE A CD1 1 
ATOM   175 N N   . SER A 1 22 ? 8.137   -10.107 1.430   1.00 9.05  ? 154 SER A N   1 
ATOM   176 C CA  . SER A 1 22 ? 9.168   -9.229  0.887   1.00 8.42  ? 154 SER A CA  1 
ATOM   177 C C   . SER A 1 22 ? 8.542   -8.213  -0.067  1.00 7.06  ? 154 SER A C   1 
ATOM   178 O O   . SER A 1 22 ? 7.698   -8.559  -0.899  1.00 9.16  ? 154 SER A O   1 
ATOM   179 C CB  . SER A 1 22 ? 10.227  -10.060 0.152   1.00 10.81 ? 154 SER A CB  1 
ATOM   180 O OG  . SER A 1 22 ? 11.281  -9.239  -0.320  1.00 15.66 ? 154 SER A OG  1 
ATOM   181 N N   . LEU A 1 23 ? 8.967   -6.960  0.053   1.00 6.35  ? 155 LEU A N   1 
ATOM   182 C CA  . LEU A 1 23 ? 8.446   -5.873  -0.771  1.00 5.25  ? 155 LEU A CA  1 
ATOM   183 C C   . LEU A 1 23 ? 9.573   -5.098  -1.442  1.00 5.94  ? 155 LEU A C   1 
ATOM   184 O O   . LEU A 1 23 ? 10.665  -4.989  -0.887  1.00 6.24  ? 155 LEU A O   1 
ATOM   185 C CB  . LEU A 1 23 ? 7.654   -4.896  0.101   1.00 4.55  ? 155 LEU A CB  1 
ATOM   186 C CG  . LEU A 1 23 ? 6.492   -5.445  0.929   1.00 4.32  ? 155 LEU A CG  1 
ATOM   187 C CD1 . LEU A 1 23 ? 5.906   -4.342  1.797   1.00 7.47  ? 155 LEU A CD1 1 
ATOM   188 C CD2 . LEU A 1 23 ? 5.429   -6.014  -0.003  1.00 5.40  ? 155 LEU A CD2 1 
ATOM   189 N N   . THR A 1 24 ? 9.310   -4.559  -2.630  1.00 6.87  ? 156 THR A N   1 
ATOM   190 C CA  . THR A 1 24 ? 10.320  -3.757  -3.318  1.00 6.14  ? 156 THR A CA  1 
ATOM   191 C C   . THR A 1 24 ? 10.334  -2.394  -2.612  1.00 6.06  ? 156 THR A C   1 
ATOM   192 O O   . THR A 1 24 ? 9.506   -2.127  -1.738  1.00 5.30  ? 156 THR A O   1 
ATOM   193 C CB  . THR A 1 24 ? 9.977   -3.523  -4.808  1.00 6.76  ? 156 THR A CB  1 
ATOM   194 O OG1 . THR A 1 24 ? 8.827   -2.676  -4.904  1.00 6.72  ? 156 THR A OG1 1 
ATOM   195 C CG2 . THR A 1 24 ? 9.693   -4.842  -5.517  1.00 8.91  ? 156 THR A CG2 1 
ATOM   196 N N   . LYS A 1 25 ? 11.272  -1.534  -2.989  1.00 5.24  ? 157 LYS A N   1 
ATOM   197 C CA  . LYS A 1 25 ? 11.368  -0.208  -2.395  1.00 5.82  ? 157 LYS A CA  1 
ATOM   198 C C   . LYS A 1 25 ? 10.059  0.573   -2.569  1.00 7.16  ? 157 LYS A C   1 
ATOM   199 O O   . LYS A 1 25 ? 9.538   1.141   -1.608  1.00 8.01  ? 157 LYS A O   1 
ATOM   200 C CB  . LYS A 1 25 ? 12.548  0.546   -3.022  1.00 7.37  ? 157 LYS A CB  1 
ATOM   201 C CG  . LYS A 1 25 ? 12.893  1.890   -2.396  1.00 7.96  ? 157 LYS A CG  1 
ATOM   202 C CD  . LYS A 1 25 ? 12.219  3.038   -3.115  1.00 7.91  ? 157 LYS A CD  1 
ATOM   203 C CE  . LYS A 1 25 ? 12.790  4.385   -2.678  1.00 7.14  ? 157 LYS A CE  1 
ATOM   204 N NZ  . LYS A 1 25 ? 12.591  4.628   -1.220  1.00 5.82  ? 157 LYS A NZ  1 
ATOM   205 N N   . ARG A 1 26 ? 9.510   0.579   -3.781  1.00 7.18  ? 158 ARG A N   1 
ATOM   206 C CA  . ARG A 1 26 ? 8.266   1.307   -4.029  1.00 7.26  ? 158 ARG A CA  1 
ATOM   207 C C   . ARG A 1 26 ? 7.068   0.685   -3.324  1.00 6.78  ? 158 ARG A C   1 
ATOM   208 O O   . ARG A 1 26 ? 6.223   1.400   -2.782  1.00 6.40  ? 158 ARG A O   1 
ATOM   209 C CB  . ARG A 1 26 ? 7.974   1.384   -5.526  1.00 8.75  ? 158 ARG A CB  1 
ATOM   210 C CG  . ARG A 1 26 ? 9.119   1.924   -6.362  1.00 12.51 ? 158 ARG A CG  1 
ATOM   211 C CD  . ARG A 1 26 ? 9.350   3.418   -6.174  1.00 14.03 ? 158 ARG A CD  1 
ATOM   212 N NE  . ARG A 1 26 ? 10.420  3.862   -7.064  1.00 17.06 ? 158 ARG A NE  1 
ATOM   213 C CZ  . ARG A 1 26 ? 10.732  5.128   -7.320  1.00 17.68 ? 158 ARG A CZ  1 
ATOM   214 N NH1 . ARG A 1 26 ? 10.061  6.122   -6.752  1.00 18.92 ? 158 ARG A NH1 1 
ATOM   215 N NH2 . ARG A 1 26 ? 11.716  5.397   -8.166  1.00 19.73 ? 158 ARG A NH2 1 
ATOM   216 N N   . GLU A 1 27 ? 6.986   -0.643  -3.334  1.00 6.87  ? 159 GLU A N   1 
ATOM   217 C CA  . GLU A 1 27 ? 5.876   -1.322  -2.678  1.00 6.25  ? 159 GLU A CA  1 
ATOM   218 C C   . GLU A 1 27 ? 5.875   -1.009  -1.187  1.00 5.33  ? 159 GLU A C   1 
ATOM   219 O O   . GLU A 1 27 ? 4.817   -0.768  -0.590  1.00 5.61  ? 159 GLU A O   1 
ATOM   220 C CB  . GLU A 1 27 ? 5.970   -2.838  -2.886  1.00 5.06  ? 159 GLU A CB  1 
ATOM   221 C CG  . GLU A 1 27 ? 5.847   -3.285  -4.340  1.00 7.02  ? 159 GLU A CG  1 
ATOM   222 C CD  . GLU A 1 27 ? 6.078   -4.776  -4.511  1.00 9.43  ? 159 GLU A CD  1 
ATOM   223 O OE1 . GLU A 1 27 ? 6.818   -5.365  -3.697  1.00 9.22  ? 159 GLU A OE1 1 
ATOM   224 O OE2 . GLU A 1 27 ? 5.529   -5.359  -5.469  1.00 12.03 ? 159 GLU A OE2 1 
ATOM   225 N N   . TYR A 1 28 ? 7.059   -1.019  -0.583  1.00 4.41  ? 160 TYR A N   1 
ATOM   226 C CA  . TYR A 1 28 ? 7.176   -0.730  0.841   1.00 4.30  ? 160 TYR A CA  1 
ATOM   227 C C   . TYR A 1 28 ? 6.737   0.700   1.144   1.00 4.26  ? 160 TYR A C   1 
ATOM   228 O O   . TYR A 1 28 ? 5.955   0.935   2.071   1.00 3.68  ? 160 TYR A O   1 
ATOM   229 C CB  . TYR A 1 28 ? 8.621   -0.932  1.316   1.00 4.95  ? 160 TYR A CB  1 
ATOM   230 C CG  . TYR A 1 28 ? 8.794   -0.768  2.810   1.00 5.89  ? 160 TYR A CG  1 
ATOM   231 C CD1 . TYR A 1 28 ? 8.596   -1.840  3.680   1.00 8.15  ? 160 TYR A CD1 1 
ATOM   232 C CD2 . TYR A 1 28 ? 9.134   0.470   3.357   1.00 8.93  ? 160 TYR A CD2 1 
ATOM   233 C CE1 . TYR A 1 28 ? 8.738   -1.680  5.066   1.00 8.22  ? 160 TYR A CE1 1 
ATOM   234 C CE2 . TYR A 1 28 ? 9.275   0.637   4.734   1.00 9.76  ? 160 TYR A CE2 1 
ATOM   235 C CZ  . TYR A 1 28 ? 9.076   -0.444  5.579   1.00 11.87 ? 160 TYR A CZ  1 
ATOM   236 O OH  . TYR A 1 28 ? 9.216   -0.282  6.941   1.00 12.49 ? 160 TYR A OH  1 
ATOM   237 N N   . ASP A 1 29 ? 7.238   1.653   0.364   1.00 5.13  ? 161 ASP A N   1 
ATOM   238 C CA  . ASP A 1 29 ? 6.891   3.056   0.572   1.00 5.32  ? 161 ASP A CA  1 
ATOM   239 C C   . ASP A 1 29 ? 5.399   3.305   0.406   1.00 5.12  ? 161 ASP A C   1 
ATOM   240 O O   . ASP A 1 29 ? 4.796   4.053   1.175   1.00 4.72  ? 161 ASP A O   1 
ATOM   241 C CB  . ASP A 1 29 ? 7.650   3.961   -0.396  1.00 5.34  ? 161 ASP A CB  1 
ATOM   242 C CG  . ASP A 1 29 ? 9.142   4.006   -0.116  1.00 5.61  ? 161 ASP A CG  1 
ATOM   243 O OD1 . ASP A 1 29 ? 9.552   3.729   1.031   1.00 9.34  ? 161 ASP A OD1 1 
ATOM   244 O OD2 . ASP A 1 29 ? 9.903   4.339   -1.045  1.00 8.50  ? 161 ASP A OD2 1 
ATOM   245 N N   . LEU A 1 30 ? 4.806   2.686   -0.608  1.00 5.28  ? 162 LEU A N   1 
ATOM   246 C CA  . LEU A 1 30 ? 3.383   2.859   -0.852  1.00 5.19  ? 162 LEU A CA  1 
ATOM   247 C C   . LEU A 1 30 ? 2.556   2.265   0.290   1.00 3.84  ? 162 LEU A C   1 
ATOM   248 O O   . LEU A 1 30 ? 1.606   2.882   0.763   1.00 6.22  ? 162 LEU A O   1 
ATOM   249 C CB  . LEU A 1 30 ? 3.000   2.213   -2.184  1.00 5.29  ? 162 LEU A CB  1 
ATOM   250 C CG  . LEU A 1 30 ? 1.525   2.274   -2.572  1.00 5.87  ? 162 LEU A CG  1 
ATOM   251 C CD1 . LEU A 1 30 ? 1.049   3.720   -2.592  1.00 8.20  ? 162 LEU A CD1 1 
ATOM   252 C CD2 . LEU A 1 30 ? 1.341   1.637   -3.941  1.00 7.64  ? 162 LEU A CD2 1 
ATOM   253 N N   . LEU A 1 31 ? 2.917   1.069   0.741   1.00 4.73  ? 163 LEU A N   1 
ATOM   254 C CA  . LEU A 1 31 ? 2.176   0.451   1.831   1.00 4.47  ? 163 LEU A CA  1 
ATOM   255 C C   . LEU A 1 31 ? 2.337   1.287   3.104   1.00 4.08  ? 163 LEU A C   1 
ATOM   256 O O   . LEU A 1 31 ? 1.383   1.486   3.851   1.00 5.50  ? 163 LEU A O   1 
ATOM   257 C CB  . LEU A 1 31 ? 2.671   -0.982  2.067   1.00 5.91  ? 163 LEU A CB  1 
ATOM   258 C CG  . LEU A 1 31 ? 1.926   -1.765  3.158   1.00 6.22  ? 163 LEU A CG  1 
ATOM   259 C CD1 . LEU A 1 31 ? 0.451   -1.880  2.796   1.00 10.28 ? 163 LEU A CD1 1 
ATOM   260 C CD2 . LEU A 1 31 ? 2.535   -3.156  3.311   1.00 8.70  ? 163 LEU A CD2 1 
ATOM   261 N N   . ASN A 1 32 ? 3.546   1.790   3.330   1.00 5.39  ? 164 ASN A N   1 
ATOM   262 C CA  . ASN A 1 32 ? 3.843   2.600   4.505   1.00 7.23  ? 164 ASN A CA  1 
ATOM   263 C C   . ASN A 1 32 ? 2.979   3.860   4.570   1.00 6.61  ? 164 ASN A C   1 
ATOM   264 O O   . ASN A 1 32 ? 2.401   4.168   5.611   1.00 8.30  ? 164 ASN A O   1 
ATOM   265 C CB  . ASN A 1 32 ? 5.328   2.980   4.499   1.00 7.27  ? 164 ASN A CB  1 
ATOM   266 C CG  . ASN A 1 32 ? 5.810   3.525   5.836   1.00 11.61 ? 164 ASN A CG  1 
ATOM   267 O OD1 . ASN A 1 32 ? 5.055   3.612   6.801   1.00 16.07 ? 164 ASN A OD1 1 
ATOM   268 N ND2 . ASN A 1 32 ? 7.087   3.885   5.893   1.00 16.27 ? 164 ASN A ND2 1 
ATOM   269 N N   . ILE A 1 33 ? 2.884   4.596   3.465   1.00 7.32  ? 165 ILE A N   1 
ATOM   270 C CA  . ILE A 1 33 ? 2.080   5.813   3.478   1.00 7.99  ? 165 ILE A CA  1 
ATOM   271 C C   . ILE A 1 33 ? 0.599   5.517   3.726   1.00 6.76  ? 165 ILE A C   1 
ATOM   272 O O   . ILE A 1 33 ? -0.072  6.252   4.449   1.00 7.96  ? 165 ILE A O   1 
ATOM   273 C CB  . ILE A 1 33 ? 2.241   6.622   2.167   1.00 10.87 ? 165 ILE A CB  1 
ATOM   274 C CG1 . ILE A 1 33 ? 1.816   5.777   0.969   1.00 12.15 ? 165 ILE A CG1 1 
ATOM   275 C CG2 . ILE A 1 33 ? 3.678   7.074   2.008   1.00 15.50 ? 165 ILE A CG2 1 
ATOM   276 C CD1 . ILE A 1 33 ? 2.111   6.410   -0.366  1.00 18.22 ? 165 ILE A CD1 1 
ATOM   277 N N   . LEU A 1 34 ? 0.091   4.437   3.142   1.00 6.32  ? 166 LEU A N   1 
ATOM   278 C CA  . LEU A 1 34 ? -1.305  4.076   3.347   1.00 6.46  ? 166 LEU A CA  1 
ATOM   279 C C   . LEU A 1 34 ? -1.549  3.687   4.802   1.00 6.87  ? 166 LEU A C   1 
ATOM   280 O O   . LEU A 1 34 ? -2.560  4.071   5.387   1.00 8.56  ? 166 LEU A O   1 
ATOM   281 C CB  . LEU A 1 34 ? -1.702  2.915   2.430   1.00 5.23  ? 166 LEU A CB  1 
ATOM   282 C CG  . LEU A 1 34 ? -1.815  3.241   0.936   1.00 5.42  ? 166 LEU A CG  1 
ATOM   283 C CD1 . LEU A 1 34 ? -1.844  1.956   0.123   1.00 6.95  ? 166 LEU A CD1 1 
ATOM   284 C CD2 . LEU A 1 34 ? -3.062  4.077   0.688   1.00 8.38  ? 166 LEU A CD2 1 
ATOM   285 N N   . MET A 1 35 ? -0.623  2.930   5.385   1.00 7.23  ? 167 MET A N   1 
ATOM   286 C CA  . MET A 1 35 ? -0.767  2.490   6.772   1.00 8.20  ? 167 MET A CA  1 
ATOM   287 C C   . MET A 1 35 ? -0.599  3.654   7.753   1.00 8.94  ? 167 MET A C   1 
ATOM   288 O O   . MET A 1 35 ? -1.274  3.703   8.784   1.00 11.29 ? 167 MET A O   1 
ATOM   289 C CB  . MET A 1 35 ? 0.237   1.368   7.087   1.00 8.40  ? 167 MET A CB  1 
ATOM   290 C CG  . MET A 1 35 ? -0.097  0.023   6.418   1.00 9.38  ? 167 MET A CG  1 
ATOM   291 S SD  . MET A 1 35 ? 1.054   -1.357  6.771   1.00 6.75  ? 167 MET A SD  1 
ATOM   292 C CE  . MET A 1 35 ? 0.738   -1.599  8.547   1.00 11.43 ? 167 MET A CE  1 
ATOM   293 N N   . THR A 1 36 ? 0.291   4.585   7.425   1.00 8.26  ? 168 THR A N   1 
ATOM   294 C CA  . THR A 1 36 ? 0.527   5.758   8.267   1.00 10.69 ? 168 THR A CA  1 
ATOM   295 C C   . THR A 1 36 ? -0.709  6.654   8.267   1.00 11.25 ? 168 THR A C   1 
ATOM   296 O O   . THR A 1 36 ? -0.970  7.376   9.230   1.00 12.54 ? 168 THR A O   1 
ATOM   297 C CB  . THR A 1 36 ? 1.739   6.574   7.755   1.00 11.82 ? 168 THR A CB  1 
ATOM   298 O OG1 . THR A 1 36 ? 2.941   5.831   7.987   1.00 17.02 ? 168 THR A OG1 1 
ATOM   299 C CG2 . THR A 1 36 ? 1.835   7.921   8.476   1.00 15.26 ? 168 THR A CG2 1 
ATOM   300 N N   . ASN A 1 37 ? -1.466  6.597   7.178   1.00 9.37  ? 169 ASN A N   1 
ATOM   301 C CA  . ASN A 1 37 ? -2.676  7.389   7.029   1.00 9.00  ? 169 ASN A CA  1 
ATOM   302 C C   . ASN A 1 37 ? -3.914  6.500   7.080   1.00 7.56  ? 169 ASN A C   1 
ATOM   303 O O   . ASN A 1 37 ? -4.849  6.679   6.306   1.00 7.48  ? 169 ASN A O   1 
ATOM   304 C CB  . ASN A 1 37 ? -2.626  8.153   5.704   1.00 9.18  ? 169 ASN A CB  1 
ATOM   305 C CG  . ASN A 1 37 ? -1.608  9.271   5.724   1.00 10.32 ? 169 ASN A CG  1 
ATOM   306 O OD1 . ASN A 1 37 ? -1.873  10.356  6.239   1.00 13.61 ? 169 ASN A OD1 1 
ATOM   307 N ND2 . ASN A 1 37 ? -0.429  9.007   5.177   1.00 9.05  ? 169 ASN A ND2 1 
ATOM   308 N N   . MET A 1 38 ? -3.914  5.544   8.005   1.00 8.46  ? 170 MET A N   1 
ATOM   309 C CA  . MET A 1 38 ? -5.034  4.624   8.159   1.00 8.75  ? 170 MET A CA  1 
ATOM   310 C C   . MET A 1 38 ? -6.393  5.317   8.207   1.00 8.11  ? 170 MET A C   1 
ATOM   311 O O   . MET A 1 38 ? -6.560  6.327   8.886   1.00 8.93  ? 170 MET A O   1 
ATOM   312 C CB  . MET A 1 38 ? -4.855  3.774   9.423   1.00 11.69 ? 170 MET A CB  1 
ATOM   313 C CG  . MET A 1 38 ? -5.955  2.726   9.625   1.00 12.66 ? 170 MET A CG  1 
ATOM   314 S SD  . MET A 1 38 ? -5.275  1.174   10.229  1.00 15.97 ? 170 MET A SD  1 
ATOM   315 C CE  . MET A 1 38 ? -3.854  1.110   9.071   1.00 7.22  ? 170 MET A CE  1 
ATOM   316 N N   . ASN A 1 39 ? -7.350  4.761   7.466   1.00 6.50  ? 171 ASN A N   1 
ATOM   317 C CA  . ASN A 1 39 ? -8.728  5.256   7.400   1.00 7.66  ? 171 ASN A CA  1 
ATOM   318 C C   . ASN A 1 39 ? -8.927  6.532   6.597   1.00 8.23  ? 171 ASN A C   1 
ATOM   319 O O   . ASN A 1 39 ? -10.052 7.015   6.469   1.00 8.60  ? 171 ASN A O   1 
ATOM   320 C CB  . ASN A 1 39 ? -9.309  5.449   8.809   1.00 7.98  ? 171 ASN A CB  1 
ATOM   321 C CG  . ASN A 1 39 ? -9.283  4.176   9.629   1.00 10.92 ? 171 ASN A CG  1 
ATOM   322 O OD1 . ASN A 1 39 ? -9.562  3.083   9.121   1.00 9.67  ? 171 ASN A OD1 1 
ATOM   323 N ND2 . ASN A 1 39 ? -8.957  4.311   10.909  1.00 11.74 ? 171 ASN A ND2 1 
ATOM   324 N N   . ARG A 1 40 ? -7.841  7.083   6.068   1.00 7.45  ? 172 ARG A N   1 
ATOM   325 C CA  . ARG A 1 40 ? -7.922  8.286   5.252   1.00 8.28  ? 172 ARG A CA  1 
ATOM   326 C C   . ARG A 1 40 ? -7.683  7.875   3.809   1.00 7.59  ? 172 ARG A C   1 
ATOM   327 O O   . ARG A 1 40 ? -6.765  7.107   3.518   1.00 8.04  ? 172 ARG A O   1 
ATOM   328 C CB  . ARG A 1 40 ? -6.874  9.310   5.697   1.00 11.02 ? 172 ARG A CB  1 
ATOM   329 C CG  . ARG A 1 40 ? -7.026  9.730   7.147   1.00 16.95 ? 172 ARG A CG  1 
ATOM   330 C CD  . ARG A 1 40 ? -6.519  11.143  7.380   1.00 22.09 ? 172 ARG A CD  1 
ATOM   331 N NE  . ARG A 1 40 ? -5.124  11.315  6.984   1.00 27.28 ? 172 ARG A NE  1 
ATOM   332 C CZ  . ARG A 1 40 ? -4.464  12.464  7.077   1.00 28.56 ? 172 ARG A CZ  1 
ATOM   333 N NH1 . ARG A 1 40 ? -5.073  13.542  7.553   1.00 30.28 ? 172 ARG A NH1 1 
ATOM   334 N NH2 . ARG A 1 40 ? -3.197  12.539  6.694   1.00 30.63 ? 172 ARG A NH2 1 
ATOM   335 N N   . VAL A 1 41 ? -8.525  8.359   2.903   1.00 7.33  ? 173 VAL A N   1 
ATOM   336 C CA  . VAL A 1 41 ? -8.387  8.017   1.496   1.00 7.73  ? 173 VAL A CA  1 
ATOM   337 C C   . VAL A 1 41 ? -7.306  8.867   0.845   1.00 8.28  ? 173 VAL A C   1 
ATOM   338 O O   . VAL A 1 41 ? -7.361  10.096  0.876   1.00 11.47 ? 173 VAL A O   1 
ATOM   339 C CB  . VAL A 1 41 ? -9.722  8.214   0.745   1.00 8.43  ? 173 VAL A CB  1 
ATOM   340 C CG1 . VAL A 1 41 ? -9.569  7.802   -0.716  1.00 10.53 ? 173 VAL A CG1 1 
ATOM   341 C CG2 . VAL A 1 41 ? -10.810 7.385   1.410   1.00 10.96 ? 173 VAL A CG2 1 
ATOM   342 N N   . MET A 1 42 ? -6.315  8.198   0.268   1.00 8.58  ? 174 MET A N   1 
ATOM   343 C CA  . MET A 1 42 ? -5.213  8.883   -0.391  1.00 9.15  ? 174 MET A CA  1 
ATOM   344 C C   . MET A 1 42 ? -5.436  8.880   -1.902  1.00 7.80  ? 174 MET A C   1 
ATOM   345 O O   . MET A 1 42 ? -5.650  7.828   -2.504  1.00 7.49  ? 174 MET A O   1 
ATOM   346 C CB  . MET A 1 42 ? -3.891  8.185   -0.062  1.00 10.97 ? 174 MET A CB  1 
ATOM   347 C CG  . MET A 1 42 ? -3.576  8.061   1.430   1.00 12.71 ? 174 MET A CG  1 
ATOM   348 S SD  . MET A 1 42 ? -3.220  9.634   2.272   1.00 17.14 ? 174 MET A SD  1 
ATOM   349 C CE  . MET A 1 42 ? -1.562  9.983   1.668   1.00 18.22 ? 174 MET A CE  1 
ATOM   350 N N   . THR A 1 43 ? -5.395  10.062  -2.512  1.00 9.32  ? 175 THR A N   1 
ATOM   351 C CA  . THR A 1 43 ? -5.579  10.182  -3.954  1.00 8.22  ? 175 THR A CA  1 
ATOM   352 C C   . THR A 1 43 ? -4.333  9.685   -4.681  1.00 8.77  ? 175 THR A C   1 
ATOM   353 O O   . THR A 1 43 ? -3.251  9.603   -4.095  1.00 7.24  ? 175 THR A O   1 
ATOM   354 C CB  . THR A 1 43 ? -5.826  11.652  -4.384  1.00 8.37  ? 175 THR A CB  1 
ATOM   355 O OG1 . THR A 1 43 ? -4.673  12.444  -4.074  1.00 9.37  ? 175 THR A OG1 1 
ATOM   356 C CG2 . THR A 1 43 ? -7.035  12.233  -3.658  1.00 9.66  ? 175 THR A CG2 1 
ATOM   357 N N   . ARG A 1 44 ? -4.482  9.348   -5.955  1.00 7.33  ? 176 ARG A N   1 
ATOM   358 C CA  . ARG A 1 44 ? -3.341  8.889   -6.730  1.00 8.11  ? 176 ARG A CA  1 
ATOM   359 C C   . ARG A 1 44 ? -2.282  9.990   -6.746  1.00 7.59  ? 176 ARG A C   1 
ATOM   360 O O   . ARG A 1 44 ? -1.084  9.709   -6.702  1.00 8.38  ? 176 ARG A O   1 
ATOM   361 C CB  . ARG A 1 44 ? -3.756  8.550   -8.163  1.00 9.75  ? 176 ARG A CB  1 
ATOM   362 C CG  . ARG A 1 44 ? -4.633  7.312   -8.289  1.00 12.26 ? 176 ARG A CG  1 
ATOM   363 C CD  . ARG A 1 44 ? -4.800  6.920   -9.748  1.00 15.69 ? 176 ARG A CD  1 
ATOM   364 N NE  . ARG A 1 44 ? -5.352  8.011   -10.541 1.00 20.85 ? 176 ARG A NE  1 
ATOM   365 C CZ  . ARG A 1 44 ? -5.402  8.019   -11.869 1.00 22.06 ? 176 ARG A CZ  1 
ATOM   366 N NH1 . ARG A 1 44 ? -5.926  9.058   -12.508 1.00 22.90 ? 176 ARG A NH1 1 
ATOM   367 N NH2 . ARG A 1 44 ? -4.924  6.992   -12.559 1.00 21.64 ? 176 ARG A NH2 1 
ATOM   368 N N   . GLU A 1 45 ? -2.724  11.245  -6.804  1.00 7.94  ? 177 GLU A N   1 
ATOM   369 C CA  . GLU A 1 45 ? -1.788  12.366  -6.819  1.00 7.68  ? 177 GLU A CA  1 
ATOM   370 C C   . GLU A 1 45 ? -0.991  12.433  -5.521  1.00 6.92  ? 177 GLU A C   1 
ATOM   371 O O   . GLU A 1 45 ? 0.212   12.705  -5.533  1.00 6.88  ? 177 GLU A O   1 
ATOM   372 C CB  . GLU A 1 45 ? -2.517  13.700  -7.039  1.00 8.30  ? 177 GLU A CB  1 
ATOM   373 C CG  . GLU A 1 45 ? -3.071  13.909  -8.446  1.00 10.37 ? 177 GLU A CG  1 
ATOM   374 C CD  . GLU A 1 45 ? -4.374  13.168  -8.692  1.00 9.00  ? 177 GLU A CD  1 
ATOM   375 O OE1 . GLU A 1 45 ? -4.919  12.582  -7.735  1.00 11.56 ? 177 GLU A OE1 1 
ATOM   376 O OE2 . GLU A 1 45 ? -4.860  13.182  -9.844  1.00 11.77 ? 177 GLU A OE2 1 
ATOM   377 N N   . GLU A 1 46 ? -1.657  12.183  -4.399  1.00 7.63  ? 178 GLU A N   1 
ATOM   378 C CA  . GLU A 1 46 ? -0.989  12.210  -3.102  1.00 8.34  ? 178 GLU A CA  1 
ATOM   379 C C   . GLU A 1 46 ? -0.006  11.046  -2.994  1.00 7.90  ? 178 GLU A C   1 
ATOM   380 O O   . GLU A 1 46 ? 1.109   11.204  -2.497  1.00 8.77  ? 178 GLU A O   1 
ATOM   381 C CB  . GLU A 1 46 ? -2.027  12.148  -1.969  1.00 9.94  ? 178 GLU A CB  1 
ATOM   382 C CG  . GLU A 1 46 ? -2.963  13.355  -1.928  1.00 14.44 ? 178 GLU A CG  1 
ATOM   383 C CD  . GLU A 1 46 ? -4.023  13.258  -0.842  1.00 16.64 ? 178 GLU A CD  1 
ATOM   384 O OE1 . GLU A 1 46 ? -4.779  12.264  -0.818  1.00 14.94 ? 178 GLU A OE1 1 
ATOM   385 O OE2 . GLU A 1 46 ? -4.108  14.186  -0.010  1.00 19.30 ? 178 GLU A OE2 1 
ATOM   386 N N   . LEU A 1 47 ? -0.415  9.873   -3.464  1.00 7.34  ? 179 LEU A N   1 
ATOM   387 C CA  . LEU A 1 47 ? 0.461   8.705   -3.410  1.00 7.10  ? 179 LEU A CA  1 
ATOM   388 C C   . LEU A 1 47 ? 1.652   8.877   -4.356  1.00 7.15  ? 179 LEU A C   1 
ATOM   389 O O   . LEU A 1 47 ? 2.786   8.527   -4.019  1.00 6.81  ? 179 LEU A O   1 
ATOM   390 C CB  . LEU A 1 47 ? -0.335  7.442   -3.751  1.00 6.30  ? 179 LEU A CB  1 
ATOM   391 C CG  . LEU A 1 47 ? -1.445  7.148   -2.730  1.00 5.85  ? 179 LEU A CG  1 
ATOM   392 C CD1 . LEU A 1 47 ? -2.352  6.048   -3.233  1.00 6.92  ? 179 LEU A CD1 1 
ATOM   393 C CD2 . LEU A 1 47 ? -0.825  6.753   -1.396  1.00 6.91  ? 179 LEU A CD2 1 
ATOM   394 N N   . LEU A 1 48 ? 1.396   9.441   -5.532  1.00 5.47  ? 180 LEU A N   1 
ATOM   395 C CA  . LEU A 1 48 ? 2.458   9.672   -6.504  1.00 7.58  ? 180 LEU A CA  1 
ATOM   396 C C   . LEU A 1 48 ? 3.503   10.635  -5.936  1.00 7.57  ? 180 LEU A C   1 
ATOM   397 O O   . LEU A 1 48 ? 4.704   10.369  -6.004  1.00 9.64  ? 180 LEU A O   1 
ATOM   398 C CB  . LEU A 1 48 ? 1.875   10.247  -7.802  1.00 9.05  ? 180 LEU A CB  1 
ATOM   399 C CG  . LEU A 1 48 ? 2.860   10.468  -8.951  1.00 9.10  ? 180 LEU A CG  1 
ATOM   400 C CD1 . LEU A 1 48 ? 3.382   9.125   -9.443  1.00 10.52 ? 180 LEU A CD1 1 
ATOM   401 C CD2 . LEU A 1 48 ? 2.166   11.221  -10.085 1.00 8.91  ? 180 LEU A CD2 1 
ATOM   402 N N   . SER A 1 49 ? 3.049   11.745  -5.358  1.00 8.48  ? 181 SER A N   1 
ATOM   403 C CA  . SER A 1 49 ? 3.965   12.739  -4.807  1.00 8.99  ? 181 SER A CA  1 
ATOM   404 C C   . SER A 1 49 ? 4.802   12.222  -3.641  1.00 8.52  ? 181 SER A C   1 
ATOM   405 O O   . SER A 1 49 ? 5.920   12.686  -3.424  1.00 9.57  ? 181 SER A O   1 
ATOM   406 C CB  . SER A 1 49 ? 3.199   13.994  -4.369  1.00 12.35 ? 181 SER A CB  1 
ATOM   407 O OG  . SER A 1 49 ? 2.370   13.733  -3.255  1.00 15.45 ? 181 SER A OG  1 
ATOM   408 N N   . ASN A 1 50 ? 4.277   11.254  -2.898  1.00 9.32  ? 182 ASN A N   1 
ATOM   409 C CA  . ASN A 1 50 ? 5.009   10.714  -1.758  1.00 11.05 ? 182 ASN A CA  1 
ATOM   410 C C   . ASN A 1 50 ? 5.956   9.570   -2.111  1.00 10.72 ? 182 ASN A C   1 
ATOM   411 O O   . ASN A 1 50 ? 7.078   9.507   -1.603  1.00 13.24 ? 182 ASN A O   1 
ATOM   412 C CB  . ASN A 1 50 ? 4.031   10.237  -0.677  1.00 14.73 ? 182 ASN A CB  1 
ATOM   413 C CG  . ASN A 1 50 ? 3.422   11.383  0.113   1.00 20.62 ? 182 ASN A CG  1 
ATOM   414 O OD1 . ASN A 1 50 ? 4.123   12.088  0.844   1.00 24.88 ? 182 ASN A OD1 1 
ATOM   415 N ND2 . ASN A 1 50 ? 2.114   11.577  -0.031  1.00 22.93 ? 182 ASN A ND2 1 
ATOM   416 N N   . VAL A 1 51 ? 5.515   8.677   -2.990  1.00 7.26  ? 183 VAL A N   1 
ATOM   417 C CA  . VAL A 1 51 ? 6.312   7.511   -3.366  1.00 7.08  ? 183 VAL A CA  1 
ATOM   418 C C   . VAL A 1 51 ? 7.246   7.723   -4.560  1.00 8.50  ? 183 VAL A C   1 
ATOM   419 O O   . VAL A 1 51 ? 8.282   7.064   -4.675  1.00 10.63 ? 183 VAL A O   1 
ATOM   420 C CB  . VAL A 1 51 ? 5.386   6.307   -3.622  1.00 7.76  ? 183 VAL A CB  1 
ATOM   421 C CG1 . VAL A 1 51 ? 6.198   5.095   -4.038  1.00 6.40  ? 183 VAL A CG1 1 
ATOM   422 C CG2 . VAL A 1 51 ? 4.589   6.003   -2.365  1.00 6.69  ? 183 VAL A CG2 1 
ATOM   423 N N   . TRP A 1 52 ? 6.880   8.636   -5.451  1.00 8.82  ? 184 TRP A N   1 
ATOM   424 C CA  . TRP A 1 52 ? 7.716   8.953   -6.608  1.00 8.01  ? 184 TRP A CA  1 
ATOM   425 C C   . TRP A 1 52 ? 8.033   10.446  -6.527  1.00 8.72  ? 184 TRP A C   1 
ATOM   426 O O   . TRP A 1 52 ? 7.796   11.206  -7.466  1.00 9.93  ? 184 TRP A O   1 
ATOM   427 C CB  . TRP A 1 52 ? 6.975   8.612   -7.906  1.00 8.72  ? 184 TRP A CB  1 
ATOM   428 C CG  . TRP A 1 52 ? 6.925   7.131   -8.179  1.00 9.79  ? 184 TRP A CG  1 
ATOM   429 C CD1 . TRP A 1 52 ? 7.844   6.393   -8.867  1.00 12.07 ? 184 TRP A CD1 1 
ATOM   430 C CD2 . TRP A 1 52 ? 5.919   6.208   -7.738  1.00 9.34  ? 184 TRP A CD2 1 
ATOM   431 N NE1 . TRP A 1 52 ? 7.474   5.067   -8.883  1.00 12.55 ? 184 TRP A NE1 1 
ATOM   432 C CE2 . TRP A 1 52 ? 6.297   4.926   -8.197  1.00 9.90  ? 184 TRP A CE2 1 
ATOM   433 C CE3 . TRP A 1 52 ? 4.736   6.339   -6.998  1.00 9.13  ? 184 TRP A CE3 1 
ATOM   434 C CZ2 . TRP A 1 52 ? 5.533   3.782   -7.941  1.00 10.19 ? 184 TRP A CZ2 1 
ATOM   435 C CZ3 . TRP A 1 52 ? 3.976   5.199   -6.741  1.00 8.17  ? 184 TRP A CZ3 1 
ATOM   436 C CH2 . TRP A 1 52 ? 4.380   3.938   -7.212  1.00 9.08  ? 184 TRP A CH2 1 
ATOM   437 N N   . LYS A 1 53 ? 8.587   10.846  -5.385  1.00 10.08 ? 185 LYS A N   1 
ATOM   438 C CA  . LYS A 1 53 ? 8.929   12.239  -5.103  1.00 11.23 ? 185 LYS A CA  1 
ATOM   439 C C   . LYS A 1 53 ? 9.716   12.994  -6.168  1.00 12.26 ? 185 LYS A C   1 
ATOM   440 O O   . LYS A 1 53 ? 9.317   14.080  -6.586  1.00 12.43 ? 185 LYS A O   1 
ATOM   441 C CB  . LYS A 1 53 ? 9.711   12.338  -3.788  1.00 14.67 ? 185 LYS A CB  1 
ATOM   442 C CG  . LYS A 1 53 ? 8.897   12.186  -2.513  1.00 18.56 ? 185 LYS A CG  1 
ATOM   443 C CD  . LYS A 1 53 ? 9.806   12.320  -1.293  1.00 19.82 ? 185 LYS A CD  1 
ATOM   444 C CE  . LYS A 1 53 ? 9.017   12.359  0.009   1.00 22.53 ? 185 LYS A CE  1 
ATOM   445 N NZ  . LYS A 1 53 ? 8.241   11.112  0.244   1.00 20.37 ? 185 LYS A NZ  1 
ATOM   446 N N   . TYR A 1 54 ? 10.839  12.431  -6.597  1.00 13.55 ? 186 TYR A N   1 
ATOM   447 C CA  . TYR A 1 54 ? 11.687  13.103  -7.574  1.00 14.54 ? 186 TYR A CA  1 
ATOM   448 C C   . TYR A 1 54 ? 11.720  12.472  -8.959  1.00 14.59 ? 186 TYR A C   1 
ATOM   449 O O   . TYR A 1 54 ? 12.469  12.915  -9.827  1.00 16.36 ? 186 TYR A O   1 
ATOM   450 C CB  . TYR A 1 54 ? 13.106  13.195  -7.011  1.00 17.56 ? 186 TYR A CB  1 
ATOM   451 C CG  . TYR A 1 54 ? 13.133  13.754  -5.608  1.00 19.01 ? 186 TYR A CG  1 
ATOM   452 C CD1 . TYR A 1 54 ? 12.678  15.047  -5.346  1.00 20.05 ? 186 TYR A CD1 1 
ATOM   453 C CD2 . TYR A 1 54 ? 13.576  12.982  -4.536  1.00 20.79 ? 186 TYR A CD2 1 
ATOM   454 C CE1 . TYR A 1 54 ? 12.663  15.557  -4.052  1.00 21.41 ? 186 TYR A CE1 1 
ATOM   455 C CE2 . TYR A 1 54 ? 13.567  13.483  -3.233  1.00 21.50 ? 186 TYR A CE2 1 
ATOM   456 C CZ  . TYR A 1 54 ? 13.107  14.771  -3.000  1.00 22.36 ? 186 TYR A CZ  1 
ATOM   457 O OH  . TYR A 1 54 ? 13.089  15.272  -1.719  1.00 25.66 ? 186 TYR A OH  1 
ATOM   458 N N   . ASP A 1 55 ? 10.900  11.451  -9.173  1.00 13.04 ? 187 ASP A N   1 
ATOM   459 C CA  . ASP A 1 55 ? 10.859  10.772  -10.462 1.00 12.93 ? 187 ASP A CA  1 
ATOM   460 C C   . ASP A 1 55 ? 10.375  11.624  -11.616 1.00 13.74 ? 187 ASP A C   1 
ATOM   461 O O   . ASP A 1 55 ? 9.535   12.511  -11.453 1.00 12.07 ? 187 ASP A O   1 
ATOM   462 C CB  . ASP A 1 55 ? 9.963   9.538   -10.404 1.00 13.16 ? 187 ASP A CB  1 
ATOM   463 C CG  . ASP A 1 55 ? 10.514  8.466   -9.511  1.00 10.97 ? 187 ASP A CG  1 
ATOM   464 O OD1 . ASP A 1 55 ? 10.516  8.675   -8.283  1.00 13.69 ? 187 ASP A OD1 1 
ATOM   465 O OD2 . ASP A 1 55 ? 10.946  7.422   -10.044 1.00 11.86 ? 187 ASP A OD2 1 
ATOM   466 N N   . GLU A 1 56 ? 10.910  11.327  -12.793 1.00 12.54 ? 188 GLU A N   1 
ATOM   467 C CA  . GLU A 1 56 ? 10.515  12.012  -14.008 1.00 13.11 ? 188 GLU A CA  1 
ATOM   468 C C   . GLU A 1 56 ? 9.795   10.990  -14.878 1.00 14.04 ? 188 GLU A C   1 
ATOM   469 O O   . GLU A 1 56 ? 10.119  9.801   -14.846 1.00 14.01 ? 188 GLU A O   1 
ATOM   470 C CB  . GLU A 1 56 ? 11.739  12.555  -14.746 1.00 12.44 ? 188 GLU A CB  1 
ATOM   471 C CG  . GLU A 1 56 ? 12.475  13.642  -13.980 1.00 15.46 ? 188 GLU A CG  1 
ATOM   472 C CD  . GLU A 1 56 ? 13.641  14.214  -14.754 1.00 16.23 ? 188 GLU A CD  1 
ATOM   473 O OE1 . GLU A 1 56 ? 14.308  15.133  -14.226 1.00 20.35 ? 188 GLU A OE1 1 
ATOM   474 O OE2 . GLU A 1 56 ? 13.893  13.747  -15.886 1.00 13.88 ? 188 GLU A OE2 1 
ATOM   475 N N   . ALA A 1 57 ? 8.805   11.454  -15.632 1.00 14.39 ? 189 ALA A N   1 
ATOM   476 C CA  . ALA A 1 57 ? 8.037   10.596  -16.524 1.00 14.94 ? 189 ALA A CA  1 
ATOM   477 C C   . ALA A 1 57 ? 7.276   9.472   -15.816 1.00 16.17 ? 189 ALA A C   1 
ATOM   478 O O   . ALA A 1 57 ? 7.275   8.333   -16.279 1.00 17.26 ? 189 ALA A O   1 
ATOM   479 C CB  . ALA A 1 57 ? 8.954   10.011  -17.592 1.00 16.76 ? 189 ALA A CB  1 
ATOM   480 N N   . VAL A 1 58 ? 6.638   9.797   -14.694 1.00 17.88 ? 190 VAL A N   1 
ATOM   481 C CA  . VAL A 1 58 ? 5.846   8.824   -13.938 1.00 18.83 ? 190 VAL A CA  1 
ATOM   482 C C   . VAL A 1 58 ? 4.468   9.413   -13.654 1.00 19.12 ? 190 VAL A C   1 
ATOM   483 O O   . VAL A 1 58 ? 4.335   10.333  -12.844 1.00 20.84 ? 190 VAL A O   1 
ATOM   484 C CB  . VAL A 1 58 ? 6.508   8.462   -12.587 1.00 18.77 ? 190 VAL A CB  1 
ATOM   485 C CG1 . VAL A 1 58 ? 5.577   7.575   -11.771 1.00 20.63 ? 190 VAL A CG1 1 
ATOM   486 C CG2 . VAL A 1 58 ? 7.822   7.746   -12.826 1.00 20.40 ? 190 VAL A CG2 1 
ATOM   487 N N   . GLU A 1 59 ? 3.446   8.877   -14.314 1.00 18.25 ? 191 GLU A N   1 
ATOM   488 C CA  . GLU A 1 59 ? 2.082   9.363   -14.136 1.00 18.43 ? 191 GLU A CA  1 
ATOM   489 C C   . GLU A 1 59 ? 1.327   8.621   -13.043 1.00 16.88 ? 191 GLU A C   1 
ATOM   490 O O   . GLU A 1 59 ? 1.807   7.622   -12.506 1.00 16.97 ? 191 GLU A O   1 
ATOM   491 C CB  . GLU A 1 59 ? 1.301   9.251   -15.447 1.00 21.08 ? 191 GLU A CB  1 
ATOM   492 C CG  . GLU A 1 59 ? 1.826   10.127  -16.569 1.00 25.22 ? 191 GLU A CG  1 
ATOM   493 C CD  . GLU A 1 59 ? 0.992   10.005  -17.830 1.00 27.88 ? 191 GLU A CD  1 
ATOM   494 O OE1 . GLU A 1 59 ? 0.891   8.882   -18.371 1.00 30.44 ? 191 GLU A OE1 1 
ATOM   495 O OE2 . GLU A 1 59 ? 0.432   11.028  -18.279 1.00 31.12 ? 191 GLU A OE2 1 
ATOM   496 N N   . THR A 1 60 ? 0.135   9.121   -12.728 1.00 14.49 ? 192 THR A N   1 
ATOM   497 C CA  . THR A 1 60 ? -0.710  8.537   -11.694 1.00 14.18 ? 192 THR A CA  1 
ATOM   498 C C   . THR A 1 60 ? -1.048  7.066   -11.912 1.00 12.97 ? 192 THR A C   1 
ATOM   499 O O   . THR A 1 60 ? -1.299  6.345   -10.951 1.00 12.46 ? 192 THR A O   1 
ATOM   500 C CB  . THR A 1 60 ? -2.032  9.326   -11.545 1.00 14.18 ? 192 THR A CB  1 
ATOM   501 O OG1 . THR A 1 60 ? -2.614  9.547   -12.837 1.00 15.35 ? 192 THR A OG1 1 
ATOM   502 C CG2 . THR A 1 60 ? -1.783  10.664  -10.867 1.00 16.14 ? 192 THR A CG2 1 
ATOM   503 N N   . ASN A 1 61 ? -1.054  6.617   -13.165 1.00 12.61 ? 193 ASN A N   1 
ATOM   504 C CA  . ASN A 1 61 ? -1.372  5.222   -13.466 1.00 12.34 ? 193 ASN A CA  1 
ATOM   505 C C   . ASN A 1 61 ? -0.437  4.248   -12.756 1.00 10.80 ? 193 ASN A C   1 
ATOM   506 O O   . ASN A 1 61 ? -0.837  3.139   -12.410 1.00 11.14 ? 193 ASN A O   1 
ATOM   507 C CB  . ASN A 1 61 ? -1.307  4.962   -14.976 1.00 16.26 ? 193 ASN A CB  1 
ATOM   508 C CG  . ASN A 1 61 ? 0.112   5.014   -15.519 1.00 20.05 ? 193 ASN A CG  1 
ATOM   509 O OD1 . ASN A 1 61 ? 0.738   6.074   -15.559 1.00 22.34 ? 193 ASN A OD1 1 
ATOM   510 N ND2 . ASN A 1 61 ? 0.628   3.862   -15.934 1.00 23.41 ? 193 ASN A ND2 1 
ATOM   511 N N   . VAL A 1 62 ? 0.811   4.660   -12.547 1.00 9.72  ? 194 VAL A N   1 
ATOM   512 C CA  . VAL A 1 62 ? 1.792   3.808   -11.881 1.00 9.74  ? 194 VAL A CA  1 
ATOM   513 C C   . VAL A 1 62 ? 1.340   3.499   -10.454 1.00 8.12  ? 194 VAL A C   1 
ATOM   514 O O   . VAL A 1 62 ? 1.636   2.431   -9.916  1.00 7.94  ? 194 VAL A O   1 
ATOM   515 C CB  . VAL A 1 62 ? 3.185   4.475   -11.852 1.00 9.66  ? 194 VAL A CB  1 
ATOM   516 C CG1 . VAL A 1 62 ? 4.197   3.545   -11.214 1.00 12.88 ? 194 VAL A CG1 1 
ATOM   517 C CG2 . VAL A 1 62 ? 3.619   4.824   -13.264 1.00 14.34 ? 194 VAL A CG2 1 
ATOM   518 N N   . VAL A 1 63 ? 0.623   4.431   -9.837  1.00 7.75  ? 195 VAL A N   1 
ATOM   519 C CA  . VAL A 1 63 ? 0.128   4.201   -8.486  1.00 6.52  ? 195 VAL A CA  1 
ATOM   520 C C   . VAL A 1 63 ? -0.824  3.007   -8.517  1.00 7.66  ? 195 VAL A C   1 
ATOM   521 O O   . VAL A 1 63 ? -0.718  2.096   -7.694  1.00 6.10  ? 195 VAL A O   1 
ATOM   522 C CB  . VAL A 1 63 ? -0.618  5.435   -7.936  1.00 6.62  ? 195 VAL A CB  1 
ATOM   523 C CG1 . VAL A 1 63 ? -1.279  5.102   -6.605  1.00 7.63  ? 195 VAL A CG1 1 
ATOM   524 C CG2 . VAL A 1 63 ? 0.363   6.591   -7.766  1.00 7.62  ? 195 VAL A CG2 1 
ATOM   525 N N   . ASP A 1 64 ? -1.745  3.008   -9.476  1.00 7.18  ? 196 ASP A N   1 
ATOM   526 C CA  . ASP A 1 64 ? -2.702  1.914   -9.605  1.00 6.56  ? 196 ASP A CA  1 
ATOM   527 C C   . ASP A 1 64 ? -1.975  0.594   -9.808  1.00 6.05  ? 196 ASP A C   1 
ATOM   528 O O   . ASP A 1 64 ? -2.321  -0.420  -9.206  1.00 5.60  ? 196 ASP A O   1 
ATOM   529 C CB  . ASP A 1 64 ? -3.629  2.151   -10.798 1.00 8.64  ? 196 ASP A CB  1 
ATOM   530 C CG  . ASP A 1 64 ? -4.359  3.472   -10.715 1.00 10.32 ? 196 ASP A CG  1 
ATOM   531 O OD1 . ASP A 1 64 ? -4.965  3.761   -9.660  1.00 12.86 ? 196 ASP A OD1 1 
ATOM   532 O OD2 . ASP A 1 64 ? -4.343  4.221   -11.713 1.00 13.56 ? 196 ASP A OD2 1 
ATOM   533 N N   . VAL A 1 65 ? -0.967  0.610   -10.671 1.00 7.83  ? 197 VAL A N   1 
ATOM   534 C CA  . VAL A 1 65 ? -0.200  -0.595  -10.953 1.00 7.21  ? 197 VAL A CA  1 
ATOM   535 C C   . VAL A 1 65 ? 0.433   -1.159  -9.683  1.00 7.00  ? 197 VAL A C   1 
ATOM   536 O O   . VAL A 1 65 ? 0.368   -2.365  -9.428  1.00 6.21  ? 197 VAL A O   1 
ATOM   537 C CB  . VAL A 1 65 ? 0.910   -0.314  -11.988 1.00 8.88  ? 197 VAL A CB  1 
ATOM   538 C CG1 . VAL A 1 65 ? 1.723   -1.568  -12.235 1.00 11.77 ? 197 VAL A CG1 1 
ATOM   539 C CG2 . VAL A 1 65 ? 0.290   0.183   -13.287 1.00 9.16  ? 197 VAL A CG2 1 
ATOM   540 N N   . TYR A 1 66 ? 1.037   -0.291  -8.876  1.00 5.71  ? 198 TYR A N   1 
ATOM   541 C CA  . TYR A 1 66 ? 1.673   -0.748  -7.648  1.00 6.38  ? 198 TYR A CA  1 
ATOM   542 C C   . TYR A 1 66 ? 0.688   -1.209  -6.585  1.00 6.12  ? 198 TYR A C   1 
ATOM   543 O O   . TYR A 1 66 ? 1.020   -2.056  -5.757  1.00 6.60  ? 198 TYR A O   1 
ATOM   544 C CB  . TYR A 1 66 ? 2.627   0.321   -7.123  1.00 7.31  ? 198 TYR A CB  1 
ATOM   545 C CG  . TYR A 1 66 ? 4.026   0.102   -7.657  1.00 6.97  ? 198 TYR A CG  1 
ATOM   546 C CD1 . TYR A 1 66 ? 4.946   -0.661  -6.943  1.00 8.11  ? 198 TYR A CD1 1 
ATOM   547 C CD2 . TYR A 1 66 ? 4.401   0.586   -8.914  1.00 6.25  ? 198 TYR A CD2 1 
ATOM   548 C CE1 . TYR A 1 66 ? 6.206   -0.942  -7.458  1.00 9.54  ? 198 TYR A CE1 1 
ATOM   549 C CE2 . TYR A 1 66 ? 5.668   0.306   -9.446  1.00 8.29  ? 198 TYR A CE2 1 
ATOM   550 C CZ  . TYR A 1 66 ? 6.560   -0.457  -8.708  1.00 8.67  ? 198 TYR A CZ  1 
ATOM   551 O OH  . TYR A 1 66 ? 7.811   -0.740  -9.214  1.00 11.26 ? 198 TYR A OH  1 
ATOM   552 N N   . ILE A 1 67 ? -0.528  -0.673  -6.608  1.00 5.57  ? 199 ILE A N   1 
ATOM   553 C CA  . ILE A 1 67 ? -1.537  -1.140  -5.672  1.00 4.99  ? 199 ILE A CA  1 
ATOM   554 C C   . ILE A 1 67 ? -1.798  -2.606  -6.051  1.00 6.36  ? 199 ILE A C   1 
ATOM   555 O O   . ILE A 1 67 ? -1.986  -3.458  -5.181  1.00 6.03  ? 199 ILE A O   1 
ATOM   556 C CB  . ILE A 1 67 ? -2.850  -0.327  -5.797  1.00 4.70  ? 199 ILE A CB  1 
ATOM   557 C CG1 . ILE A 1 67 ? -2.654  1.088   -5.239  1.00 5.72  ? 199 ILE A CG1 1 
ATOM   558 C CG2 . ILE A 1 67 ? -3.983  -1.049  -5.071  1.00 4.70  ? 199 ILE A CG2 1 
ATOM   559 C CD1 . ILE A 1 67 ? -2.497  1.159   -3.722  1.00 7.45  ? 199 ILE A CD1 1 
ATOM   560 N N   . ARG A 1 68 ? -1.790  -2.902  -7.353  1.00 5.69  ? 200 ARG A N   1 
ATOM   561 C CA  . ARG A 1 68 ? -2.014  -4.276  -7.816  1.00 6.00  ? 200 ARG A CA  1 
ATOM   562 C C   . ARG A 1 68 ? -0.843  -5.174  -7.397  1.00 5.91  ? 200 ARG A C   1 
ATOM   563 O O   . ARG A 1 68 ? -1.056  -6.307  -6.976  1.00 6.21  ? 200 ARG A O   1 
ATOM   564 C CB  . ARG A 1 68 ? -2.206  -4.317  -9.341  1.00 5.83  ? 200 ARG A CB  1 
ATOM   565 C CG  . ARG A 1 68 ? -3.372  -3.463  -9.850  1.00 7.19  ? 200 ARG A CG  1 
ATOM   566 C CD  . ARG A 1 68 ? -4.634  -3.713  -9.036  1.00 8.41  ? 200 ARG A CD  1 
ATOM   567 N NE  . ARG A 1 68 ? -5.817  -3.024  -9.553  1.00 10.73 ? 200 ARG A NE  1 
ATOM   568 C CZ  . ARG A 1 68 ? -6.028  -1.712  -9.491  1.00 11.66 ? 200 ARG A CZ  1 
ATOM   569 N NH1 . ARG A 1 68 ? -5.131  -0.909  -8.937  1.00 10.86 ? 200 ARG A NH1 1 
ATOM   570 N NH2 . ARG A 1 68 ? -7.164  -1.206  -9.953  1.00 13.55 ? 200 ARG A NH2 1 
ATOM   571 N N   . TYR A 1 69 ? 0.388   -4.677  -7.513  1.00 6.35  ? 201 TYR A N   1 
ATOM   572 C CA  . TYR A 1 69 ? 1.545   -5.466  -7.090  1.00 5.70  ? 201 TYR A CA  1 
ATOM   573 C C   . TYR A 1 69 ? 1.385   -5.792  -5.607  1.00 6.22  ? 201 TYR A C   1 
ATOM   574 O O   . TYR A 1 69 ? 1.610   -6.921  -5.180  1.00 6.10  ? 201 TYR A O   1 
ATOM   575 C CB  . TYR A 1 69 ? 2.854   -4.694  -7.287  1.00 7.44  ? 201 TYR A CB  1 
ATOM   576 C CG  . TYR A 1 69 ? 3.399   -4.721  -8.692  1.00 10.41 ? 201 TYR A CG  1 
ATOM   577 C CD1 . TYR A 1 69 ? 3.605   -5.930  -9.357  1.00 10.77 ? 201 TYR A CD1 1 
ATOM   578 C CD2 . TYR A 1 69 ? 3.748   -3.541  -9.346  1.00 10.95 ? 201 TYR A CD2 1 
ATOM   579 C CE1 . TYR A 1 69 ? 4.148   -5.963  -10.642 1.00 12.50 ? 201 TYR A CE1 1 
ATOM   580 C CE2 . TYR A 1 69 ? 4.295   -3.563  -10.633 1.00 12.89 ? 201 TYR A CE2 1 
ATOM   581 C CZ  . TYR A 1 69 ? 4.489   -4.776  -11.271 1.00 11.93 ? 201 TYR A CZ  1 
ATOM   582 O OH  . TYR A 1 69 ? 5.018   -4.799  -12.542 1.00 17.75 ? 201 TYR A OH  1 
ATOM   583 N N   . LEU A 1 70 ? 1.004   -4.792  -4.820  1.00 6.71  ? 202 LEU A N   1 
ATOM   584 C CA  . LEU A 1 70 ? 0.807   -4.994  -3.389  1.00 7.05  ? 202 LEU A CA  1 
ATOM   585 C C   . LEU A 1 70 ? -0.270  -6.041  -3.110  1.00 6.80  ? 202 LEU A C   1 
ATOM   586 O O   . LEU A 1 70 ? -0.047  -6.967  -2.338  1.00 6.92  ? 202 LEU A O   1 
ATOM   587 C CB  . LEU A 1 70 ? 0.439   -3.675  -2.706  1.00 7.45  ? 202 LEU A CB  1 
ATOM   588 C CG  . LEU A 1 70 ? 1.604   -2.763  -2.319  1.00 7.52  ? 202 LEU A CG  1 
ATOM   589 C CD1 . LEU A 1 70 ? 1.071   -1.480  -1.689  1.00 7.50  ? 202 LEU A CD1 1 
ATOM   590 C CD2 . LEU A 1 70 ? 2.507   -3.484  -1.328  1.00 7.72  ? 202 LEU A CD2 1 
ATOM   591 N N   . ARG A 1 71 ? -1.436  -5.902  -3.737  1.00 5.14  ? 203 ARG A N   1 
ATOM   592 C CA  . ARG A 1 71 ? -2.505  -6.867  -3.515  1.00 5.99  ? 203 ARG A CA  1 
ATOM   593 C C   . ARG A 1 71 ? -2.071  -8.284  -3.863  1.00 6.71  ? 203 ARG A C   1 
ATOM   594 O O   . ARG A 1 71 ? -2.443  -9.240  -3.180  1.00 7.42  ? 203 ARG A O   1 
ATOM   595 C CB  . ARG A 1 71 ? -3.741  -6.491  -4.332  1.00 7.43  ? 203 ARG A CB  1 
ATOM   596 C CG  . ARG A 1 71 ? -4.507  -5.316  -3.764  1.00 6.76  ? 203 ARG A CG  1 
ATOM   597 C CD  . ARG A 1 71 ? -5.718  -5.012  -4.610  1.00 6.26  ? 203 ARG A CD  1 
ATOM   598 N NE  . ARG A 1 71 ? -6.513  -3.931  -4.036  1.00 7.51  ? 203 ARG A NE  1 
ATOM   599 C CZ  . ARG A 1 71 ? -7.204  -3.056  -4.757  1.00 7.63  ? 203 ARG A CZ  1 
ATOM   600 N NH1 . ARG A 1 71 ? -7.202  -3.131  -6.080  1.00 8.16  ? 203 ARG A NH1 1 
ATOM   601 N NH2 . ARG A 1 71 ? -7.888  -2.098  -4.151  1.00 8.13  ? 203 ARG A NH2 1 
ATOM   602 N N   . GLY A 1 72 ? -1.287  -8.419  -4.926  1.00 7.18  ? 204 GLY A N   1 
ATOM   603 C CA  . GLY A 1 72 ? -0.829  -9.734  -5.342  1.00 7.48  ? 204 GLY A CA  1 
ATOM   604 C C   . GLY A 1 72 ? -0.003  -10.438 -4.285  1.00 8.39  ? 204 GLY A C   1 
ATOM   605 O O   . GLY A 1 72 ? -0.103  -11.654 -4.101  1.00 8.82  ? 204 GLY A O   1 
ATOM   606 N N   . LYS A 1 73 ? 0.812   -9.671  -3.574  1.00 7.80  ? 205 LYS A N   1 
ATOM   607 C CA  . LYS A 1 73 ? 1.665   -10.233 -2.540  1.00 8.46  ? 205 LYS A CA  1 
ATOM   608 C C   . LYS A 1 73 ? 1.010   -10.347 -1.170  1.00 9.24  ? 205 LYS A C   1 
ATOM   609 O O   . LYS A 1 73 ? 1.305   -11.275 -0.423  1.00 8.74  ? 205 LYS A O   1 
ATOM   610 C CB  . LYS A 1 73 ? 2.938   -9.398  -2.392  1.00 9.53  ? 205 LYS A CB  1 
ATOM   611 C CG  . LYS A 1 73 ? 3.905   -9.482  -3.562  1.00 9.40  ? 205 LYS A CG  1 
ATOM   612 C CD  . LYS A 1 73 ? 5.128   -8.634  -3.273  1.00 10.32 ? 205 LYS A CD  1 
ATOM   613 C CE  . LYS A 1 73 ? 6.204   -8.820  -4.319  1.00 11.65 ? 205 LYS A CE  1 
ATOM   614 N NZ  . LYS A 1 73 ? 7.384   -7.978  -3.988  1.00 11.62 ? 205 LYS A NZ  1 
ATOM   615 N N   . ILE A 1 74 ? 0.115   -9.422  -0.836  1.00 7.32  ? 206 ILE A N   1 
ATOM   616 C CA  . ILE A 1 74 ? -0.485  -9.444  0.493   1.00 9.80  ? 206 ILE A CA  1 
ATOM   617 C C   . ILE A 1 74 ? -1.899  -9.981  0.647   1.00 10.16 ? 206 ILE A C   1 
ATOM   618 O O   . ILE A 1 74 ? -2.256  -10.449 1.728   1.00 12.23 ? 206 ILE A O   1 
ATOM   619 C CB  . ILE A 1 74 ? -0.431  -8.035  1.161   1.00 10.81 ? 206 ILE A CB  1 
ATOM   620 C CG1 . ILE A 1 74 ? -1.335  -7.043  0.423   1.00 13.41 ? 206 ILE A CG1 1 
ATOM   621 C CG2 . ILE A 1 74 ? 1.005   -7.529  1.177   1.00 10.00 ? 206 ILE A CG2 1 
ATOM   622 C CD1 . ILE A 1 74 ? -1.414  -5.681  1.085   1.00 15.47 ? 206 ILE A CD1 1 
ATOM   623 N N   . ASP A 1 75 ? -2.709  -9.927  -0.404  1.00 9.98  ? 207 ASP A N   1 
ATOM   624 C CA  . ASP A 1 75 ? -4.078  -10.413 -0.280  1.00 12.97 ? 207 ASP A CA  1 
ATOM   625 C C   . ASP A 1 75 ? -4.185  -11.931 -0.206  1.00 15.51 ? 207 ASP A C   1 
ATOM   626 O O   . ASP A 1 75 ? -3.372  -12.657 -0.779  1.00 16.72 ? 207 ASP A O   1 
ATOM   627 C CB  . ASP A 1 75 ? -4.951  -9.886  -1.421  1.00 12.37 ? 207 ASP A CB  1 
ATOM   628 C CG  . ASP A 1 75 ? -5.304  -8.418  -1.253  1.00 11.79 ? 207 ASP A CG  1 
ATOM   629 O OD1 . ASP A 1 75 ? -5.123  -7.880  -0.141  1.00 10.87 ? 207 ASP A OD1 1 
ATOM   630 O OD2 . ASP A 1 75 ? -5.775  -7.806  -2.232  1.00 10.85 ? 207 ASP A OD2 1 
ATOM   631 N N   . ILE A 1 76 ? -5.201  -12.393 0.516   1.00 17.99 ? 208 ILE A N   1 
ATOM   632 C CA  . ILE A 1 76 ? -5.460  -13.815 0.705   1.00 19.31 ? 208 ILE A CA  1 
ATOM   633 C C   . ILE A 1 76 ? -6.763  -14.195 0.009   1.00 19.53 ? 208 ILE A C   1 
ATOM   634 O O   . ILE A 1 76 ? -7.724  -13.428 0.019   1.00 19.07 ? 208 ILE A O   1 
ATOM   635 C CB  . ILE A 1 76 ? -5.601  -14.152 2.210   1.00 20.80 ? 208 ILE A CB  1 
ATOM   636 C CG1 . ILE A 1 76 ? -4.307  -13.810 2.950   1.00 22.45 ? 208 ILE A CG1 1 
ATOM   637 C CG2 . ILE A 1 76 ? -5.946  -15.625 2.388   1.00 21.94 ? 208 ILE A CG2 1 
ATOM   638 C CD1 . ILE A 1 76 ? -4.405  -13.979 4.454   1.00 22.72 ? 208 ILE A CD1 1 
ATOM   639 N N   . PRO A 1 77 ? -6.809  -15.384 -0.613  1.00 19.74 ? 209 PRO A N   1 
ATOM   640 C CA  . PRO A 1 77 ? -8.037  -15.807 -1.295  1.00 19.74 ? 209 PRO A CA  1 
ATOM   641 C C   . PRO A 1 77 ? -9.169  -15.974 -0.286  1.00 18.56 ? 209 PRO A C   1 
ATOM   642 O O   . PRO A 1 77 ? -8.941  -16.424 0.835   1.00 18.65 ? 209 PRO A O   1 
ATOM   643 C CB  . PRO A 1 77 ? -7.635  -17.135 -1.931  1.00 20.62 ? 209 PRO A CB  1 
ATOM   644 C CG  . PRO A 1 77 ? -6.172  -16.950 -2.197  1.00 21.08 ? 209 PRO A CG  1 
ATOM   645 C CD  . PRO A 1 77 ? -5.701  -16.305 -0.916  1.00 20.78 ? 209 PRO A CD  1 
ATOM   646 N N   . GLY A 1 78 ? -10.383 -15.600 -0.682  1.00 18.94 ? 210 GLY A N   1 
ATOM   647 C CA  . GLY A 1 78 ? -11.523 -15.732 0.209   1.00 18.89 ? 210 GLY A CA  1 
ATOM   648 C C   . GLY A 1 78 ? -11.616 -14.652 1.270   1.00 18.79 ? 210 GLY A C   1 
ATOM   649 O O   . GLY A 1 78 ? -12.371 -14.784 2.235   1.00 20.71 ? 210 GLY A O   1 
ATOM   650 N N   . LYS A 1 79 ? -10.847 -13.583 1.098   1.00 17.11 ? 211 LYS A N   1 
ATOM   651 C CA  . LYS A 1 79 ? -10.852 -12.473 2.045   1.00 15.66 ? 211 LYS A CA  1 
ATOM   652 C C   . LYS A 1 79 ? -10.769 -11.171 1.256   1.00 13.40 ? 211 LYS A C   1 
ATOM   653 O O   . LYS A 1 79 ? -10.028 -11.085 0.278   1.00 15.32 ? 211 LYS A O   1 
ATOM   654 C CB  . LYS A 1 79 ? -9.653  -12.586 2.991   1.00 17.63 ? 211 LYS A CB  1 
ATOM   655 C CG  . LYS A 1 79 ? -9.635  -11.560 4.114   1.00 19.11 ? 211 LYS A CG  1 
ATOM   656 C CD  . LYS A 1 79 ? -8.380  -11.694 4.961   1.00 20.78 ? 211 LYS A CD  1 
ATOM   657 C CE  . LYS A 1 79 ? -8.401  -10.742 6.146   1.00 21.14 ? 211 LYS A CE  1 
ATOM   658 N NZ  . LYS A 1 79 ? -9.527  -11.039 7.078   1.00 23.77 ? 211 LYS A NZ  1 
ATOM   659 N N   . GLU A 1 80 ? -11.525 -10.158 1.671   1.00 13.03 ? 212 GLU A N   1 
ATOM   660 C CA  . GLU A 1 80 ? -11.487 -8.890  0.956   1.00 12.47 ? 212 GLU A CA  1 
ATOM   661 C C   . GLU A 1 80 ? -10.094 -8.278  1.041   1.00 10.30 ? 212 GLU A C   1 
ATOM   662 O O   . GLU A 1 80 ? -9.355  -8.498  2.003   1.00 9.89  ? 212 GLU A O   1 
ATOM   663 C CB  . GLU A 1 80 ? -12.540 -7.918  1.500   1.00 16.64 ? 212 GLU A CB  1 
ATOM   664 C CG  . GLU A 1 80 ? -12.206 -7.247  2.816   1.00 21.70 ? 212 GLU A CG  1 
ATOM   665 C CD  . GLU A 1 80 ? -13.275 -6.253  3.232   1.00 25.70 ? 212 GLU A CD  1 
ATOM   666 O OE1 . GLU A 1 80 ? -14.416 -6.685  3.502   1.00 29.09 ? 212 GLU A OE1 1 
ATOM   667 O OE2 . GLU A 1 80 ? -12.983 -5.039  3.278   1.00 29.45 ? 212 GLU A OE2 1 
ATOM   668 N N   . SER A 1 81 ? -9.740  -7.521  0.011   1.00 8.58  ? 213 SER A N   1 
ATOM   669 C CA  . SER A 1 81 ? -8.430  -6.887  -0.072  1.00 8.15  ? 213 SER A CA  1 
ATOM   670 C C   . SER A 1 81 ? -8.065  -6.030  1.133   1.00 8.11  ? 213 SER A C   1 
ATOM   671 O O   . SER A 1 81 ? -8.925  -5.404  1.752   1.00 9.30  ? 213 SER A O   1 
ATOM   672 C CB  . SER A 1 81 ? -8.360  -6.031  -1.338  1.00 7.16  ? 213 SER A CB  1 
ATOM   673 O OG  . SER A 1 81 ? -7.067  -5.482  -1.516  1.00 9.02  ? 213 SER A OG  1 
ATOM   674 N N   . TYR A 1 82 ? -6.774  -6.009  1.458   1.00 7.90  ? 214 TYR A N   1 
ATOM   675 C CA  . TYR A 1 82 ? -6.272  -5.195  2.561   1.00 7.98  ? 214 TYR A CA  1 
ATOM   676 C C   . TYR A 1 82 ? -6.269  -3.729  2.140   1.00 8.70  ? 214 TYR A C   1 
ATOM   677 O O   . TYR A 1 82 ? -6.273  -2.835  2.985   1.00 9.67  ? 214 TYR A O   1 
ATOM   678 C CB  . TYR A 1 82 ? -4.854  -5.628  2.945   1.00 8.02  ? 214 TYR A CB  1 
ATOM   679 C CG  . TYR A 1 82 ? -4.813  -6.914  3.744   1.00 9.73  ? 214 TYR A CG  1 
ATOM   680 C CD1 . TYR A 1 82 ? -5.122  -6.922  5.103   1.00 11.67 ? 214 TYR A CD1 1 
ATOM   681 C CD2 . TYR A 1 82 ? -4.516  -8.127  3.127   1.00 10.73 ? 214 TYR A CD2 1 
ATOM   682 C CE1 . TYR A 1 82 ? -5.136  -8.114  5.830   1.00 11.31 ? 214 TYR A CE1 1 
ATOM   683 C CE2 . TYR A 1 82 ? -4.531  -9.322  3.842   1.00 11.54 ? 214 TYR A CE2 1 
ATOM   684 C CZ  . TYR A 1 82 ? -4.842  -9.307  5.191   1.00 10.45 ? 214 TYR A CZ  1 
ATOM   685 O OH  . TYR A 1 82 ? -4.858  -10.490 5.896   1.00 12.10 ? 214 TYR A OH  1 
ATOM   686 N N   . ILE A 1 83 ? -6.247  -3.488  0.832   1.00 8.05  ? 215 ILE A N   1 
ATOM   687 C CA  . ILE A 1 83 ? -6.266  -2.128  0.302   1.00 7.91  ? 215 ILE A CA  1 
ATOM   688 C C   . ILE A 1 83 ? -7.554  -1.966  -0.496  1.00 7.73  ? 215 ILE A C   1 
ATOM   689 O O   . ILE A 1 83 ? -7.797  -2.685  -1.468  1.00 10.59 ? 215 ILE A O   1 
ATOM   690 C CB  . ILE A 1 83 ? -5.069  -1.845  -0.621  1.00 7.83  ? 215 ILE A CB  1 
ATOM   691 C CG1 . ILE A 1 83 ? -3.761  -2.124  0.122   1.00 9.24  ? 215 ILE A CG1 1 
ATOM   692 C CG2 . ILE A 1 83 ? -5.111  -0.397  -1.086  1.00 9.54  ? 215 ILE A CG2 1 
ATOM   693 C CD1 . ILE A 1 83 ? -2.533  -2.080  -0.761  1.00 10.64 ? 215 ILE A CD1 1 
ATOM   694 N N   . GLN A 1 84 ? -8.375  -1.016  -0.074  1.00 8.17  ? 216 GLN A N   1 
ATOM   695 C CA  . GLN A 1 84 ? -9.653  -0.769  -0.719  1.00 9.22  ? 216 GLN A CA  1 
ATOM   696 C C   . GLN A 1 84 ? -9.616  0.363   -1.731  1.00 7.48  ? 216 GLN A C   1 
ATOM   697 O O   . GLN A 1 84 ? -9.016  1.415   -1.499  1.00 8.46  ? 216 GLN A O   1 
ATOM   698 C CB  . GLN A 1 84 ? -10.708 -0.489  0.357   1.00 11.23 ? 216 GLN A CB  1 
ATOM   699 C CG  . GLN A 1 84 ? -10.994 -1.713  1.218   1.00 18.94 ? 216 GLN A CG  1 
ATOM   700 C CD  . GLN A 1 84 ? -11.508 -1.373  2.601   1.00 22.67 ? 216 GLN A CD  1 
ATOM   701 O OE1 . GLN A 1 84 ? -10.801 -0.763  3.405   1.00 25.42 ? 216 GLN A OE1 1 
ATOM   702 N NE2 . GLN A 1 84 ? -12.743 -1.771  2.890   1.00 25.72 ? 216 GLN A NE2 1 
ATOM   703 N N   . THR A 1 85 ? -10.246 0.123   -2.876  1.00 9.83  ? 217 THR A N   1 
ATOM   704 C CA  . THR A 1 85 ? -10.320 1.132   -3.916  1.00 9.39  ? 217 THR A CA  1 
ATOM   705 C C   . THR A 1 85 ? -11.555 1.965   -3.622  1.00 9.93  ? 217 THR A C   1 
ATOM   706 O O   . THR A 1 85 ? -12.616 1.420   -3.322  1.00 11.87 ? 217 THR A O   1 
ATOM   707 C CB  . THR A 1 85 ? -10.503 0.514   -5.316  1.00 11.78 ? 217 THR A CB  1 
ATOM   708 O OG1 . THR A 1 85 ? -9.411  -0.362  -5.607  1.00 12.96 ? 217 THR A OG1 1 
ATOM   709 C CG2 . THR A 1 85 ? -10.557 1.613   -6.374  1.00 13.03 ? 217 THR A CG2 1 
ATOM   710 N N   . VAL A 1 86 ? -11.408 3.283   -3.682  1.00 8.70  ? 218 VAL A N   1 
ATOM   711 C CA  . VAL A 1 86 ? -12.532 4.184   -3.455  1.00 10.14 ? 218 VAL A CA  1 
ATOM   712 C C   . VAL A 1 86 ? -12.658 5.013   -4.724  1.00 9.16  ? 218 VAL A C   1 
ATOM   713 O O   . VAL A 1 86 ? -11.942 5.997   -4.912  1.00 11.02 ? 218 VAL A O   1 
ATOM   714 C CB  . VAL A 1 86 ? -12.283 5.121   -2.254  1.00 10.63 ? 218 VAL A CB  1 
ATOM   715 C CG1 . VAL A 1 86 ? -13.494 6.024   -2.040  1.00 10.65 ? 218 VAL A CG1 1 
ATOM   716 C CG2 . VAL A 1 86 ? -12.005 4.300   -1.001  1.00 11.58 ? 218 VAL A CG2 1 
ATOM   717 N N   . ARG A 1 87 ? -13.563 4.601   -5.602  1.00 12.65 ? 219 ARG A N   1 
ATOM   718 C CA  . ARG A 1 87 ? -13.760 5.291   -6.865  1.00 14.00 ? 219 ARG A CA  1 
ATOM   719 C C   . ARG A 1 87 ? -13.888 6.804   -6.701  1.00 14.83 ? 219 ARG A C   1 
ATOM   720 O O   . ARG A 1 87 ? -14.682 7.287   -5.896  1.00 14.06 ? 219 ARG A O   1 
ATOM   721 C CB  . ARG A 1 87 ? -14.993 4.734   -7.572  1.00 15.46 ? 219 ARG A CB  1 
ATOM   722 C CG  . ARG A 1 87 ? -15.229 5.337   -8.934  1.00 16.21 ? 219 ARG A CG  1 
ATOM   723 C CD  . ARG A 1 87 ? -16.226 4.516   -9.713  1.00 18.33 ? 219 ARG A CD  1 
ATOM   724 N NE  . ARG A 1 87 ? -16.358 4.994   -11.083 1.00 19.43 ? 219 ARG A NE  1 
ATOM   725 C CZ  . ARG A 1 87 ? -17.002 4.333   -12.036 1.00 18.77 ? 219 ARG A CZ  1 
ATOM   726 N NH1 . ARG A 1 87 ? -17.570 3.168   -11.761 1.00 19.61 ? 219 ARG A NH1 1 
ATOM   727 N NH2 . ARG A 1 87 ? -17.077 4.836   -13.259 1.00 20.05 ? 219 ARG A NH2 1 
ATOM   728 N N   . GLY A 1 88 ? -13.078 7.537   -7.459  1.00 14.90 ? 220 GLY A N   1 
ATOM   729 C CA  . GLY A 1 88 ? -13.106 8.986   -7.415  1.00 16.25 ? 220 GLY A CA  1 
ATOM   730 C C   . GLY A 1 88 ? -12.327 9.635   -6.287  1.00 16.78 ? 220 GLY A C   1 
ATOM   731 O O   . GLY A 1 88 ? -12.244 10.862  -6.223  1.00 18.07 ? 220 GLY A O   1 
ATOM   732 N N   . MET A 1 89 ? -11.751 8.831   -5.398  1.00 14.83 ? 221 MET A N   1 
ATOM   733 C CA  . MET A 1 89 ? -10.996 9.381   -4.278  1.00 14.54 ? 221 MET A CA  1 
ATOM   734 C C   . MET A 1 89 ? -9.609  8.777   -4.097  1.00 14.57 ? 221 MET A C   1 
ATOM   735 O O   . MET A 1 89 ? -8.714  9.425   -3.555  1.00 17.40 ? 221 MET A O   1 
ATOM   736 C CB  . MET A 1 89 ? -11.794 9.224   -2.981  1.00 14.93 ? 221 MET A CB  1 
ATOM   737 C CG  . MET A 1 89 ? -12.948 10.210  -2.848  1.00 15.72 ? 221 MET A CG  1 
ATOM   738 S SD  . MET A 1 89 ? -13.965 9.939   -1.380  1.00 15.58 ? 221 MET A SD  1 
ATOM   739 C CE  . MET A 1 89 ? -15.406 9.200   -2.114  1.00 18.41 ? 221 MET A CE  1 
ATOM   740 N N   . GLY A 1 90 ? -9.430  7.537   -4.539  1.00 11.55 ? 222 GLY A N   1 
ATOM   741 C CA  . GLY A 1 90 ? -8.129  6.909   -4.399  1.00 11.23 ? 222 GLY A CA  1 
ATOM   742 C C   . GLY A 1 90 ? -8.136  5.540   -3.745  1.00 8.77  ? 222 GLY A C   1 
ATOM   743 O O   . GLY A 1 90 ? -8.910  4.662   -4.119  1.00 8.70  ? 222 GLY A O   1 
ATOM   744 N N   . TYR A 1 91 ? -7.264  5.369   -2.756  1.00 6.74  ? 223 TYR A N   1 
ATOM   745 C CA  . TYR A 1 91 ? -7.116  4.102   -2.050  1.00 6.85  ? 223 TYR A CA  1 
ATOM   746 C C   . TYR A 1 91 ? -7.052  4.315   -0.542  1.00 5.95  ? 223 TYR A C   1 
ATOM   747 O O   . TYR A 1 91 ? -6.691  5.396   -0.080  1.00 7.31  ? 223 TYR A O   1 
ATOM   748 C CB  . TYR A 1 91 ? -5.839  3.412   -2.531  1.00 5.87  ? 223 TYR A CB  1 
ATOM   749 C CG  . TYR A 1 91 ? -5.866  3.033   -3.992  1.00 7.28  ? 223 TYR A CG  1 
ATOM   750 C CD1 . TYR A 1 91 ? -6.493  1.862   -4.413  1.00 7.60  ? 223 TYR A CD1 1 
ATOM   751 C CD2 . TYR A 1 91 ? -5.260  3.847   -4.956  1.00 7.95  ? 223 TYR A CD2 1 
ATOM   752 C CE1 . TYR A 1 91 ? -6.515  1.501   -5.759  1.00 9.21  ? 223 TYR A CE1 1 
ATOM   753 C CE2 . TYR A 1 91 ? -5.280  3.494   -6.308  1.00 8.39  ? 223 TYR A CE2 1 
ATOM   754 C CZ  . TYR A 1 91 ? -5.906  2.320   -6.699  1.00 8.71  ? 223 TYR A CZ  1 
ATOM   755 O OH  . TYR A 1 91 ? -5.914  1.953   -8.029  1.00 10.11 ? 223 TYR A OH  1 
ATOM   756 N N   . VAL A 1 92 ? -7.394  3.282   0.225   1.00 6.21  ? 224 VAL A N   1 
ATOM   757 C CA  . VAL A 1 92 ? -7.384  3.396   1.680   1.00 6.10  ? 224 VAL A CA  1 
ATOM   758 C C   . VAL A 1 92 ? -7.226  2.050   2.374   1.00 6.49  ? 224 VAL A C   1 
ATOM   759 O O   . VAL A 1 92 ? -7.619  1.015   1.839   1.00 5.95  ? 224 VAL A O   1 
ATOM   760 C CB  . VAL A 1 92 ? -8.710  4.054   2.190   1.00 6.32  ? 224 VAL A CB  1 
ATOM   761 C CG1 . VAL A 1 92 ? -9.909  3.144   1.890   1.00 7.37  ? 224 VAL A CG1 1 
ATOM   762 C CG2 . VAL A 1 92 ? -8.618  4.350   3.687   1.00 7.54  ? 224 VAL A CG2 1 
ATOM   763 N N   . ILE A 1 93 ? -6.605  2.069   3.549   1.00 5.55  ? 225 ILE A N   1 
ATOM   764 C CA  . ILE A 1 93 ? -6.477  0.865   4.358   1.00 6.24  ? 225 ILE A CA  1 
ATOM   765 C C   . ILE A 1 93 ? -7.358  1.210   5.558   1.00 7.71  ? 225 ILE A C   1 
ATOM   766 O O   . ILE A 1 93 ? -7.129  2.212   6.243   1.00 8.43  ? 225 ILE A O   1 
ATOM   767 C CB  . ILE A 1 93 ? -5.024  0.594   4.789   1.00 4.58  ? 225 ILE A CB  1 
ATOM   768 C CG1 . ILE A 1 93 ? -4.204  0.164   3.566   1.00 6.21  ? 225 ILE A CG1 1 
ATOM   769 C CG2 . ILE A 1 93 ? -4.995  -0.507  5.859   1.00 8.60  ? 225 ILE A CG2 1 
ATOM   770 C CD1 . ILE A 1 93 ? -2.755  -0.203  3.868   1.00 7.34  ? 225 ILE A CD1 1 
ATOM   771 N N   . ARG A 1 94 ? -8.382  0.389   5.778   1.00 8.81  ? 226 ARG A N   1 
ATOM   772 C CA  . ARG A 1 94 ? -9.360  0.606   6.841   1.00 10.90 ? 226 ARG A CA  1 
ATOM   773 C C   . ARG A 1 94 ? -9.279  -0.394  7.980   1.00 11.20 ? 226 ARG A C   1 
ATOM   774 O O   . ARG A 1 94 ? -9.194  -1.598  7.748   1.00 13.51 ? 226 ARG A O   1 
ATOM   775 C CB  . ARG A 1 94 ? -10.766 0.529   6.245   1.00 12.84 ? 226 ARG A CB  1 
ATOM   776 C CG  . ARG A 1 94 ? -11.898 0.857   7.203   1.00 15.94 ? 226 ARG A CG  1 
ATOM   777 C CD  . ARG A 1 94 ? -12.224 2.330   7.132   1.00 17.26 ? 226 ARG A CD  1 
ATOM   778 N NE  . ARG A 1 94 ? -12.608 2.714   5.775   1.00 17.15 ? 226 ARG A NE  1 
ATOM   779 C CZ  . ARG A 1 94 ? -12.687 3.971   5.351   1.00 14.30 ? 226 ARG A CZ  1 
ATOM   780 N NH1 . ARG A 1 94 ? -12.409 4.966   6.179   1.00 14.44 ? 226 ARG A NH1 1 
ATOM   781 N NH2 . ARG A 1 94 ? -13.030 4.230   4.095   1.00 17.02 ? 226 ARG A NH2 1 
ATOM   782 N N   . GLU A 1 95 ? -9.315  0.099   9.215   1.00 10.31 ? 227 GLU A N   1 
ATOM   783 C CA  . GLU A 1 95 ? -9.296  -0.807  10.355  1.00 11.27 ? 227 GLU A CA  1 
ATOM   784 C C   . GLU A 1 95 ? -10.726 -1.320  10.475  1.00 11.02 ? 227 GLU A C   1 
ATOM   785 O O   . GLU A 1 95 ? -11.672 -0.530  10.452  1.00 11.17 ? 227 GLU A O   1 
ATOM   786 C CB  . GLU A 1 95 ? -8.883  -0.090  11.637  1.00 13.63 ? 227 GLU A CB  1 
ATOM   787 C CG  . GLU A 1 95 ? -8.704  -1.060  12.789  1.00 14.79 ? 227 GLU A CG  1 
ATOM   788 C CD  . GLU A 1 95 ? -8.060  -0.434  14.004  1.00 14.51 ? 227 GLU A CD  1 
ATOM   789 O OE1 . GLU A 1 95 ? -7.644  -1.196  14.895  1.00 15.38 ? 227 GLU A OE1 1 
ATOM   790 O OE2 . GLU A 1 95 ? -7.975  0.811   14.073  1.00 14.56 ? 227 GLU A OE2 1 
ATOM   791 N N   . LYS A 1 96 ? -10.878 -2.636  10.599  1.00 10.91 ? 228 LYS A N   1 
ATOM   792 C CA  . LYS A 1 96 ? -12.196 -3.264  10.668  1.00 11.66 ? 228 LYS A CA  1 
ATOM   793 C C   . LYS A 1 96 ? -12.815 -3.429  12.052  1.00 10.05 ? 228 LYS A C   1 
ATOM   794 O O   . LYS A 1 96 ? -12.166 -3.092  13.065  1.00 8.49  ? 228 LYS A O   1 
ATOM   795 C CB  . LYS A 1 96 ? -12.144 -4.635  9.990   1.00 14.48 ? 228 LYS A CB  1 
ATOM   796 C CG  . LYS A 1 96 ? -11.635 -4.596  8.561   1.00 18.79 ? 228 LYS A CG  1 
ATOM   797 C CD  . LYS A 1 96 ? -12.488 -3.682  7.697   1.00 21.80 ? 228 LYS A CD  1 
ATOM   798 C CE  . LYS A 1 96 ? -12.026 -3.715  6.253   1.00 24.12 ? 228 LYS A CE  1 
ATOM   799 N NZ  . LYS A 1 96 ? -12.048 -5.107  5.721   1.00 26.56 ? 228 LYS A NZ  1 
ATOM   800 O OXT . LYS A 1 96 ? -13.969 -3.910  12.095  1.00 10.55 ? 228 LYS A OXT 1 
HETATM 801 O O   . HOH B 2 .  ? 0.424   -2.408  12.293  1.00 19.00 ? 1   HOH A O   1 
HETATM 802 O O   . HOH B 2 .  ? -8.591  -4.182  11.036  1.00 15.16 ? 2   HOH A O   1 
HETATM 803 O O   . HOH B 2 .  ? -10.315 -4.755  14.100  1.00 12.66 ? 3   HOH A O   1 
HETATM 804 O O   . HOH B 2 .  ? -5.719  -10.388 8.494   1.00 18.03 ? 4   HOH A O   1 
HETATM 805 O O   . HOH B 2 .  ? 12.885  -0.240  0.869   1.00 16.30 ? 5   HOH A O   1 
HETATM 806 O O   . HOH B 2 .  ? 11.274  5.964   1.501   1.00 12.99 ? 6   HOH A O   1 
HETATM 807 O O   . HOH B 2 .  ? 8.670   4.141   3.575   1.00 12.95 ? 7   HOH A O   1 
HETATM 808 O O   . HOH B 2 .  ? 11.788  -3.047  0.816   1.00 16.14 ? 8   HOH A O   1 
HETATM 809 O O   . HOH B 2 .  ? 9.750   5.325   6.411   1.00 41.81 ? 9   HOH A O   1 
HETATM 810 O O   . HOH B 2 .  ? 12.018  2.625   0.937   1.00 23.17 ? 10  HOH A O   1 
HETATM 811 O O   . HOH B 2 .  ? 3.779   -18.748 15.494  1.00 15.69 ? 11  HOH A O   1 
HETATM 812 O O   . HOH B 2 .  ? -1.438  -14.545 6.952   1.00 11.43 ? 12  HOH A O   1 
HETATM 813 O O   . HOH B 2 .  ? 2.164   -10.177 12.806  1.00 19.18 ? 13  HOH A O   1 
HETATM 814 O O   . HOH B 2 .  ? 10.359  -8.262  -3.062  1.00 21.00 ? 14  HOH A O   1 
HETATM 815 O O   . HOH B 2 .  ? 6.347   5.994   2.599   1.00 18.32 ? 15  HOH A O   1 
HETATM 816 O O   . HOH B 2 .  ? -5.105  4.575   4.015   1.00 6.13  ? 16  HOH A O   1 
HETATM 817 O O   . HOH B 2 .  ? 3.421   -1.285  11.188  1.00 13.35 ? 17  HOH A O   1 
HETATM 818 O O   . HOH B 2 .  ? -7.141  9.399   -6.837  1.00 18.54 ? 18  HOH A O   1 
HETATM 819 O O   . HOH B 2 .  ? 7.107   11.652  -12.266 1.00 47.83 ? 19  HOH A O   1 
HETATM 820 O O   . HOH B 2 .  ? 11.858  9.802   -6.297  1.00 20.53 ? 20  HOH A O   1 
HETATM 821 O O   . HOH B 2 .  ? -1.848  8.288   -15.497 1.00 18.95 ? 21  HOH A O   1 
HETATM 822 O O   . HOH B 2 .  ? -9.656  -6.066  -5.054  1.00 35.56 ? 22  HOH A O   1 
HETATM 823 O O   . HOH B 2 .  ? -7.126  -5.437  -7.600  1.00 12.74 ? 23  HOH A O   1 
HETATM 824 O O   . HOH B 2 .  ? -6.382  -9.243  -4.508  1.00 25.77 ? 24  HOH A O   1 
HETATM 825 O O   . HOH B 2 .  ? -5.622  -7.956  -7.417  1.00 20.23 ? 25  HOH A O   1 
HETATM 826 O O   . HOH B 2 .  ? 2.391   -8.946  -6.792  1.00 11.50 ? 26  HOH A O   1 
HETATM 827 O O   . HOH B 2 .  ? 5.075   -9.195  -8.048  1.00 19.41 ? 27  HOH A O   1 
HETATM 828 O O   . HOH B 2 .  ? -9.918  -1.973  -7.937  1.00 13.34 ? 28  HOH A O   1 
HETATM 829 O O   . HOH B 2 .  ? -7.184  -10.392 1.184   1.00 15.85 ? 29  HOH A O   1 
HETATM 830 O O   . HOH B 2 .  ? -8.483  -2.000  4.300   1.00 17.89 ? 30  HOH A O   1 
HETATM 831 O O   . HOH B 2 .  ? -11.310 -2.543  -3.548  1.00 15.08 ? 31  HOH A O   1 
HETATM 832 O O   . HOH B 2 .  ? -17.483 1.098   -9.643  1.00 23.67 ? 32  HOH A O   1 
HETATM 833 O O   . HOH B 2 .  ? -9.468  4.907   -7.082  1.00 23.26 ? 33  HOH A O   1 
HETATM 834 O O   . HOH B 2 .  ? 0.259   -8.843  10.919  1.00 15.64 ? 34  HOH A O   1 
HETATM 835 O O   . HOH B 2 .  ? -3.311  -13.287 8.911   1.00 19.62 ? 35  HOH A O   1 
HETATM 836 O O   . HOH B 2 .  ? -5.381  -3.710  5.278   1.00 39.46 ? 36  HOH A O   1 
HETATM 837 O O   . HOH B 2 .  ? -8.039  -3.876  6.973   1.00 25.23 ? 37  HOH A O   1 
HETATM 838 O O   . HOH B 2 .  ? -5.895  -6.026  13.926  1.00 33.29 ? 38  HOH A O   1 
HETATM 839 O O   . HOH B 2 .  ? -7.684  -3.719  14.849  1.00 20.58 ? 39  HOH A O   1 
HETATM 840 O O   . HOH B 2 .  ? -1.466  4.246   11.542  1.00 30.75 ? 40  HOH A O   1 
HETATM 841 O O   . HOH B 2 .  ? 4.739   -8.605  13.532  1.00 28.50 ? 41  HOH A O   1 
HETATM 842 O O   . HOH B 2 .  ? 18.520  -4.525  9.315   1.00 32.68 ? 42  HOH A O   1 
HETATM 843 O O   . HOH B 2 .  ? 7.617   -13.627 11.106  1.00 34.26 ? 43  HOH A O   1 
HETATM 844 O O   . HOH B 2 .  ? 9.325   -11.144 -3.883  1.00 20.60 ? 44  HOH A O   1 
HETATM 845 O O   . HOH B 2 .  ? 3.292   -13.170 -0.511  1.00 14.36 ? 45  HOH A O   1 
HETATM 846 O O   . HOH B 2 .  ? 7.118   -11.085 -1.767  1.00 19.37 ? 46  HOH A O   1 
HETATM 847 O O   . HOH B 2 .  ? -4.523  7.807   10.303  1.00 30.04 ? 47  HOH A O   1 
HETATM 848 O O   . HOH B 2 .  ? 2.026   9.609   3.140   1.00 69.31 ? 48  HOH A O   1 
HETATM 849 O O   . HOH B 2 .  ? -7.525  13.812  -10.522 1.00 25.63 ? 49  HOH A O   1 
HETATM 850 O O   . HOH B 2 .  ? -7.586  4.469   -11.213 1.00 28.87 ? 50  HOH A O   1 
HETATM 851 O O   . HOH B 2 .  ? -14.104 1.709   -1.051  1.00 46.98 ? 51  HOH A O   1 
HETATM 852 O O   . HOH B 2 .  ? -15.162 2.077   -5.189  1.00 21.63 ? 52  HOH A O   1 
HETATM 853 O O   . HOH B 2 .  ? -9.646  11.554  -6.416  1.00 28.68 ? 53  HOH A O   1 
HETATM 854 O O   . HOH B 2 .  ? -16.668 6.137   -4.258  1.00 20.20 ? 54  HOH A O   1 
HETATM 855 O O   . HOH B 2 .  ? -13.447 0.670   1.962   1.00 38.72 ? 55  HOH A O   1 
HETATM 856 O O   . HOH B 2 .  ? -9.887  -4.777  4.156   1.00 36.38 ? 56  HOH A O   1 
HETATM 857 O O   . HOH B 2 .  ? 8.871   -8.716  -6.282  1.00 22.94 ? 57  HOH A O   1 
HETATM 858 O O   . HOH B 2 .  ? -6.479  10.761  -9.689  1.00 21.56 ? 58  HOH A O   1 
HETATM 859 O O   . HOH B 2 .  ? -0.531  0.536   11.624  1.00 30.68 ? 59  HOH A O   1 
HETATM 860 O O   . HOH B 2 .  ? 8.244   -4.663  12.932  1.00 27.14 ? 60  HOH A O   1 
HETATM 861 O O   . HOH B 2 .  ? 8.065   -10.015 12.324  1.00 51.09 ? 61  HOH A O   1 
HETATM 862 O O   . HOH B 2 .  ? 7.921   -8.217  8.174   1.00 27.04 ? 62  HOH A O   1 
HETATM 863 O O   . HOH B 2 .  ? 13.773  -10.068 5.496   1.00 49.65 ? 63  HOH A O   1 
HETATM 864 O O   . HOH B 2 .  ? -2.579  -15.458 -1.317  1.00 37.14 ? 64  HOH A O   1 
HETATM 865 O O   . HOH B 2 .  ? 8.258   -13.934 -0.395  1.00 21.11 ? 65  HOH A O   1 
HETATM 866 O O   . HOH B 2 .  ? 12.754  -8.722  2.579   1.00 34.10 ? 66  HOH A O   1 
HETATM 867 O O   . HOH B 2 .  ? 9.849   6.263   -2.745  1.00 23.79 ? 67  HOH A O   1 
HETATM 868 O O   . HOH B 2 .  ? -3.581  13.987  -12.057 1.00 14.89 ? 68  HOH A O   1 
HETATM 869 O O   . HOH B 2 .  ? 12.203  7.576   -4.242  1.00 20.33 ? 69  HOH A O   1 
HETATM 870 O O   . HOH B 2 .  ? 15.936  15.533  -16.627 1.00 36.55 ? 70  HOH A O   1 
HETATM 871 O O   . HOH B 2 .  ? -8.041  -4.201  -10.384 1.00 16.18 ? 71  HOH A O   1 
HETATM 872 O O   . HOH B 2 .  ? -6.783  1.326   -11.231 1.00 17.79 ? 72  HOH A O   1 
HETATM 873 O O   . HOH B 2 .  ? -13.412 -10.812 3.819   1.00 21.26 ? 73  HOH A O   1 
HETATM 874 O O   . HOH B 2 .  ? 6.176   8.381   0.636   1.00 43.75 ? 74  HOH A O   1 
HETATM 875 O O   . HOH B 2 .  ? -3.171  -11.081 13.142  1.00 42.89 ? 75  HOH A O   1 
HETATM 876 O O   . HOH B 2 .  ? 6.423   -1.147  12.063  1.00 20.63 ? 76  HOH A O   1 
HETATM 877 O O   . HOH B 2 .  ? 11.100  -11.124 3.837   1.00 32.66 ? 77  HOH A O   1 
HETATM 878 O O   . HOH B 2 .  ? 6.771   -6.858  -7.351  1.00 20.86 ? 78  HOH A O   1 
HETATM 879 O O   . HOH B 2 .  ? 9.435   9.282   -3.167  1.00 20.84 ? 79  HOH A O   1 
HETATM 880 O O   . HOH B 2 .  ? -6.815  14.289  -0.088  1.00 39.07 ? 80  HOH A O   1 
HETATM 881 O O   . HOH B 2 .  ? 7.984   6.231   -17.888 1.00 32.19 ? 81  HOH A O   1 
HETATM 882 O O   . HOH B 2 .  ? -11.555 -6.900  -2.215  1.00 26.47 ? 82  HOH A O   1 
HETATM 883 O O   . HOH B 2 .  ? -9.226  3.165   13.537  1.00 20.01 ? 83  HOH A O   1 
HETATM 884 O O   . HOH B 2 .  ? -2.817  1.119   14.538  1.00 21.64 ? 84  HOH A O   1 
HETATM 885 O O   . HOH B 2 .  ? -4.445  3.467   16.275  1.00 41.49 ? 85  HOH A O   1 
HETATM 886 O O   . HOH B 2 .  ? -9.093  -4.613  17.728  1.00 38.67 ? 86  HOH A O   1 
HETATM 887 O O   . HOH B 2 .  ? -5.979  -5.154  18.186  1.00 49.96 ? 87  HOH A O   1 
HETATM 888 O O   . HOH B 2 .  ? 0.516   -1.831  17.596  1.00 14.07 ? 88  HOH A O   1 
HETATM 889 O O   . HOH B 2 .  ? -2.973  -10.436 9.982   1.00 22.24 ? 89  HOH A O   1 
HETATM 890 O O   . HOH B 2 .  ? -5.758  2.580   13.165  1.00 56.09 ? 90  HOH A O   1 
HETATM 891 O O   . HOH B 2 .  ? -11.024 6.872   -9.273  1.00 33.31 ? 91  HOH A O   1 
HETATM 892 O O   . HOH B 2 .  ? -14.575 -1.736  -0.571  1.00 65.92 ? 92  HOH A O   1 
HETATM 893 O O   . HOH B 2 .  ? -12.241 -4.058  -0.964  1.00 32.76 ? 93  HOH A O   1 
HETATM 894 O O   . HOH B 2 .  ? -9.984  -9.819  -2.930  1.00 49.65 ? 94  HOH A O   1 
HETATM 895 O O   . HOH B 2 .  ? -13.252 -17.504 3.395   1.00 25.99 ? 95  HOH A O   1 
HETATM 896 O O   . HOH B 2 .  ? 0.275   -14.331 -0.420  1.00 22.17 ? 96  HOH A O   1 
HETATM 897 O O   . HOH B 2 .  ? 11.808  -8.057  -7.173  1.00 38.17 ? 97  HOH A O   1 
HETATM 898 O O   . HOH B 2 .  ? 6.873   -4.031  -8.261  1.00 29.44 ? 98  HOH A O   1 
HETATM 899 O O   . HOH B 2 .  ? 12.425  14.712  -18.086 1.00 29.62 ? 99  HOH A O   1 
HETATM 900 O O   . HOH B 2 .  ? -2.893  16.647  0.359   1.00 37.86 ? 100 HOH A O   1 
HETATM 901 O O   . HOH B 2 .  ? -4.162  12.100  3.978   1.00 32.52 ? 101 HOH A O   1 
HETATM 902 O O   . HOH B 2 .  ? -7.364  13.533  -7.013  1.00 33.34 ? 102 HOH A O   1 
HETATM 903 O O   . HOH B 2 .  ? 6.951   6.974   5.742   1.00 52.12 ? 103 HOH A O   1 
HETATM 904 O O   . HOH B 2 .  ? -2.935  -17.365 1.596   1.00 48.64 ? 104 HOH A O   1 
HETATM 905 O O   . HOH B 2 .  ? 12.248  -6.745  12.885  1.00 30.82 ? 105 HOH A O   1 
HETATM 906 O O   . HOH B 2 .  ? 6.862   -6.555  15.328  1.00 41.71 ? 106 HOH A O   1 
HETATM 907 O O   . HOH B 2 .  ? 7.305   -7.082  11.019  1.00 51.66 ? 107 HOH A O   1 
# 
